data_7JVL
#
_entry.id   7JVL
#
_cell.length_a   80.229
_cell.length_b   153.811
_cell.length_c   89.870
_cell.angle_alpha   90.000
_cell.angle_beta   109.280
_cell.angle_gamma   90.000
#
_symmetry.space_group_name_H-M   'P 1 21 1'
#
loop_
_entity.id
_entity.type
_entity.pdbx_description
1 polymer 'L-ornithine N(5)-monooxygenase'
2 non-polymer 'FLAVIN-ADENINE DINUCLEOTIDE'
3 non-polymer 'NADP NICOTINAMIDE-ADENINE-DINUCLEOTIDE PHOSPHATE'
4 non-polymer 'ACETATE ION'
5 non-polymer 'CALCIUM ION'
6 water water
#
_entity_poly.entity_id   1
_entity_poly.type   'polypeptide(L)'
_entity_poly.pdbx_seq_one_letter_code
;MESVERKSESSYLGMRNMQPEQRLSLDPPRLRSTPQDELHDLLCVGFGPASLAIAIALHDALDPRLNKSASNIHAQPKIC
FLERQKQFAWHSGMLVPGSKAQISFIKDLATLRDPRSSFTFLNYLHQKGRLIHFTNLSTFLPARLEFEDYMRWCAQQFSD
VVAYGEEVVEVIPGKSDPSSSVVDFFTVRSRNVETGEISARRTRKVVIAIGGTAKMPSGLPQDPRIIHSSKYCTTLPALL
KDKSKPYNIAVLGSGQSAAEIFHDLQKRYPNSRTTLIMRDSAMRPSDDSPFVNEIFNPERVDKFYSQSAAERQRSLLADK
ATNYSVVRLELIEEIYNDMYLQRVKNPDETQWQHRILPERKITRVEHHGPQSRMRIHLKSSKPESEGAANDVKETLEVDA
LMVATGYNRNAHERLLSKVQHLRPTGQDQWKPHRDYRVEMDPSKVSSEAGIWLQGCNERTHGLSDSLLSVLAVRGGEMVQ
SIFGEQLERAAVQGHQLRAML
;
_entity_poly.pdbx_strand_id   A,B,C,D
#
# COMPACT_ATOMS: atom_id res chain seq x y z
N ARG A 30 20.41 -35.64 15.98
CA ARG A 30 19.84 -36.09 17.24
C ARG A 30 18.91 -37.31 17.06
N LEU A 31 18.11 -37.31 15.99
CA LEU A 31 17.22 -38.43 15.70
C LEU A 31 17.97 -39.49 14.88
N ARG A 32 18.12 -40.68 15.47
CA ARG A 32 18.95 -41.72 14.90
C ARG A 32 18.08 -42.75 14.17
N SER A 33 18.68 -43.42 13.18
CA SER A 33 17.98 -44.41 12.38
C SER A 33 17.52 -45.57 13.24
N THR A 34 16.41 -46.17 12.83
CA THR A 34 16.00 -47.45 13.36
C THR A 34 16.14 -48.48 12.25
N PRO A 35 16.80 -49.61 12.52
CA PRO A 35 16.97 -50.62 11.47
C PRO A 35 15.64 -51.01 10.83
N GLN A 36 15.66 -51.16 9.51
CA GLN A 36 14.46 -51.32 8.68
C GLN A 36 13.52 -52.40 9.20
N ASP A 37 14.04 -53.43 9.87
CA ASP A 37 13.26 -54.60 10.24
C ASP A 37 12.71 -54.59 11.67
N GLU A 38 13.09 -53.62 12.50
CA GLU A 38 12.59 -53.66 13.88
C GLU A 38 11.15 -53.15 13.94
N LEU A 39 10.49 -53.43 15.06
CA LEU A 39 9.14 -52.92 15.29
C LEU A 39 9.26 -51.45 15.64
N HIS A 40 8.79 -50.58 14.74
CA HIS A 40 8.90 -49.16 15.01
C HIS A 40 7.84 -48.70 16.02
N ASP A 41 8.15 -47.61 16.70
CA ASP A 41 7.11 -46.96 17.50
C ASP A 41 6.15 -46.16 16.62
N LEU A 42 6.70 -45.42 15.66
CA LEU A 42 5.89 -44.60 14.78
C LEU A 42 6.47 -44.64 13.38
N LEU A 43 5.60 -44.78 12.40
CA LEU A 43 5.94 -44.62 11.00
C LEU A 43 5.00 -43.58 10.42
N CYS A 44 5.57 -42.56 9.80
CA CYS A 44 4.79 -41.53 9.14
C CYS A 44 4.85 -41.76 7.63
N VAL A 45 3.69 -41.80 7.01
CA VAL A 45 3.61 -41.87 5.56
C VAL A 45 3.58 -40.45 5.02
N GLY A 46 4.57 -40.11 4.21
CA GLY A 46 4.73 -38.77 3.67
C GLY A 46 5.75 -37.97 4.47
N PHE A 47 6.59 -37.19 3.80
CA PHE A 47 7.48 -36.25 4.49
C PHE A 47 7.36 -34.88 3.83
N GLY A 48 6.15 -34.35 3.83
CA GLY A 48 5.91 -32.95 3.53
C GLY A 48 5.92 -32.15 4.81
N PRO A 49 5.46 -30.91 4.74
CA PRO A 49 5.47 -30.05 5.94
C PRO A 49 4.83 -30.67 7.17
N ALA A 50 3.75 -31.44 7.02
CA ALA A 50 3.04 -31.98 8.19
C ALA A 50 3.89 -32.99 8.97
N SER A 51 4.45 -33.99 8.27
CA SER A 51 5.33 -34.95 8.96
C SER A 51 6.59 -34.28 9.45
N LEU A 52 7.11 -33.33 8.68
CA LEU A 52 8.32 -32.63 9.08
C LEU A 52 8.12 -31.88 10.39
N ALA A 53 6.94 -31.27 10.57
CA ALA A 53 6.67 -30.55 11.83
C ALA A 53 6.70 -31.49 13.01
N ILE A 54 6.29 -32.74 12.81
CA ILE A 54 6.32 -33.74 13.88
C ILE A 54 7.73 -34.13 14.22
N ALA A 55 8.57 -34.36 13.20
CA ALA A 55 9.99 -34.62 13.42
C ALA A 55 10.63 -33.49 14.21
N ILE A 56 10.34 -32.25 13.80
CA ILE A 56 10.90 -31.08 14.47
C ILE A 56 10.45 -31.02 15.93
N ALA A 57 9.16 -31.23 16.19
CA ALA A 57 8.69 -31.21 17.57
C ALA A 57 9.29 -32.36 18.37
N LEU A 58 9.50 -33.51 17.75
CA LEU A 58 10.16 -34.60 18.45
C LEU A 58 11.60 -34.22 18.75
N HIS A 59 12.30 -33.67 17.77
CA HIS A 59 13.64 -33.16 18.03
C HIS A 59 13.62 -32.17 19.19
N ASP A 60 12.70 -31.21 19.17
CA ASP A 60 12.67 -30.19 20.20
C ASP A 60 12.33 -30.78 21.56
N ALA A 61 11.43 -31.76 21.61
CA ALA A 61 11.09 -32.36 22.89
C ALA A 61 12.26 -33.11 23.49
N LEU A 62 13.19 -33.58 22.66
CA LEU A 62 14.40 -34.24 23.13
C LEU A 62 15.55 -33.29 23.40
N ASP A 63 15.41 -32.01 23.04
CA ASP A 63 16.50 -31.03 23.13
C ASP A 63 16.56 -30.43 24.52
N PRO A 64 17.66 -30.61 25.27
CA PRO A 64 17.72 -30.07 26.65
C PRO A 64 17.65 -28.54 26.72
N ARG A 65 18.01 -27.83 25.65
CA ARG A 65 17.88 -26.37 25.68
C ARG A 65 16.43 -25.93 25.81
N LEU A 66 15.51 -26.77 25.33
CA LEU A 66 14.12 -26.39 25.22
C LEU A 66 13.25 -26.88 26.38
N ASN A 67 13.61 -27.98 27.05
CA ASN A 67 12.80 -28.44 28.17
C ASN A 67 13.59 -28.36 29.48
N GLN A 76 15.43 -42.79 22.88
CA GLN A 76 14.82 -42.19 21.68
C GLN A 76 13.78 -43.14 21.09
N PRO A 77 12.62 -42.59 20.73
CA PRO A 77 11.61 -43.42 20.06
C PRO A 77 12.10 -43.91 18.70
N LYS A 78 11.58 -45.07 18.30
CA LYS A 78 11.96 -45.70 17.03
C LYS A 78 11.03 -45.17 15.94
N ILE A 79 11.50 -44.20 15.16
CA ILE A 79 10.66 -43.47 14.23
C ILE A 79 11.28 -43.51 12.85
N CYS A 80 10.45 -43.62 11.81
CA CYS A 80 10.92 -43.37 10.46
C CYS A 80 9.81 -42.73 9.64
N PHE A 81 10.21 -42.13 8.53
CA PHE A 81 9.30 -41.47 7.61
C PHE A 81 9.52 -42.06 6.23
N LEU A 82 8.45 -42.19 5.46
CA LEU A 82 8.49 -42.69 4.09
C LEU A 82 7.95 -41.59 3.17
N GLU A 83 8.71 -41.24 2.13
CA GLU A 83 8.34 -40.16 1.24
C GLU A 83 8.50 -40.63 -0.20
N ARG A 84 7.47 -40.41 -1.01
CA ARG A 84 7.48 -40.88 -2.39
C ARG A 84 8.48 -40.10 -3.24
N GLN A 85 8.56 -38.78 -3.04
CA GLN A 85 9.50 -37.95 -3.82
C GLN A 85 10.95 -38.32 -3.48
N LYS A 86 11.86 -37.98 -4.39
CA LYS A 86 13.27 -38.35 -4.18
C LYS A 86 13.98 -37.45 -3.18
N GLN A 87 13.40 -36.31 -2.86
CA GLN A 87 13.88 -35.45 -1.78
C GLN A 87 12.70 -34.61 -1.31
N PHE A 88 12.90 -33.89 -0.21
CA PHE A 88 11.85 -33.00 0.25
C PHE A 88 11.59 -31.95 -0.83
N ALA A 89 10.32 -31.72 -1.12
CA ALA A 89 9.93 -30.76 -2.15
C ALA A 89 8.52 -30.28 -1.82
N TRP A 90 8.31 -28.97 -1.90
CA TRP A 90 7.05 -28.38 -1.48
C TRP A 90 6.28 -27.89 -2.70
N HIS A 91 5.38 -28.73 -3.22
CA HIS A 91 4.62 -28.45 -4.44
C HIS A 91 5.53 -27.93 -5.55
N SER A 92 6.50 -28.76 -5.92
CA SER A 92 7.52 -28.31 -6.85
C SER A 92 6.94 -28.07 -8.23
N GLY A 93 5.85 -28.75 -8.58
CA GLY A 93 5.18 -28.51 -9.85
C GLY A 93 4.55 -27.13 -9.97
N MET A 94 4.36 -26.43 -8.84
CA MET A 94 3.75 -25.11 -8.88
C MET A 94 4.71 -24.02 -8.42
N LEU A 95 6.02 -24.26 -8.52
CA LEU A 95 6.99 -23.25 -8.15
C LEU A 95 7.18 -22.28 -9.33
N VAL A 96 6.14 -21.51 -9.61
CA VAL A 96 6.19 -20.58 -10.73
C VAL A 96 6.99 -19.37 -10.29
N PRO A 97 7.76 -18.76 -11.18
CA PRO A 97 8.52 -17.55 -10.81
C PRO A 97 7.65 -16.49 -10.15
N GLY A 98 8.17 -15.93 -9.06
CA GLY A 98 7.48 -14.89 -8.34
C GLY A 98 6.41 -15.37 -7.39
N SER A 99 6.14 -16.67 -7.31
CA SER A 99 5.08 -17.12 -6.39
C SER A 99 5.56 -16.95 -4.95
N LYS A 100 4.63 -16.53 -4.09
CA LYS A 100 4.93 -16.24 -2.69
C LYS A 100 4.18 -17.22 -1.81
N ALA A 101 4.79 -17.62 -0.70
CA ALA A 101 4.01 -18.40 0.23
C ALA A 101 2.86 -17.53 0.74
N GLN A 102 1.80 -18.18 1.19
CA GLN A 102 0.59 -17.48 1.59
C GLN A 102 0.39 -17.46 3.10
N ILE A 103 1.50 -17.40 3.83
CA ILE A 103 1.48 -17.42 5.28
C ILE A 103 2.61 -16.56 5.76
N SER A 104 2.34 -15.78 6.80
CA SER A 104 3.41 -15.06 7.50
C SER A 104 4.47 -16.04 7.99
N PHE A 105 5.74 -15.68 7.83
CA PHE A 105 6.81 -16.57 8.21
C PHE A 105 6.76 -16.92 9.69
N ILE A 106 6.08 -16.12 10.51
CA ILE A 106 5.96 -16.47 11.91
C ILE A 106 5.23 -17.80 12.06
N LYS A 107 4.42 -18.17 11.07
CA LYS A 107 3.71 -19.44 11.06
C LYS A 107 4.54 -20.57 10.49
N ASP A 108 5.86 -20.52 10.69
CA ASP A 108 6.78 -21.55 10.22
C ASP A 108 6.60 -22.85 11.02
N LEU A 109 7.56 -23.75 10.92
CA LEU A 109 7.39 -25.06 11.52
C LEU A 109 7.75 -25.13 13.00
N ALA A 110 8.10 -24.03 13.67
CA ALA A 110 8.42 -24.11 15.10
C ALA A 110 8.00 -22.89 15.92
N THR A 111 7.99 -21.68 15.36
CA THR A 111 7.96 -20.48 16.17
C THR A 111 6.72 -20.40 17.07
N LEU A 112 5.54 -20.75 16.55
CA LEU A 112 4.32 -20.63 17.37
C LEU A 112 4.30 -21.64 18.52
N ARG A 113 5.12 -22.70 18.43
CA ARG A 113 5.29 -23.65 19.52
C ARG A 113 6.43 -23.22 20.45
N ASP A 114 7.53 -22.73 19.90
CA ASP A 114 8.65 -22.30 20.72
C ASP A 114 9.55 -21.42 19.87
N PRO A 115 9.50 -20.10 20.02
CA PRO A 115 10.34 -19.23 19.20
C PRO A 115 11.83 -19.44 19.42
N ARG A 116 12.21 -20.16 20.46
CA ARG A 116 13.61 -20.47 20.71
C ARG A 116 14.13 -21.65 19.90
N SER A 117 13.24 -22.37 19.21
CA SER A 117 13.63 -23.58 18.48
C SER A 117 14.66 -23.25 17.43
N SER A 118 15.59 -24.16 17.18
CA SER A 118 16.55 -23.89 16.12
C SER A 118 15.94 -24.09 14.72
N PHE A 119 14.70 -24.56 14.64
CA PHE A 119 14.03 -24.78 13.36
C PHE A 119 13.11 -23.63 12.95
N THR A 120 13.26 -22.47 13.55
CA THR A 120 12.47 -21.33 13.10
C THR A 120 13.01 -20.81 11.77
N PHE A 121 12.16 -20.12 11.01
CA PHE A 121 12.59 -19.52 9.75
C PHE A 121 13.72 -18.51 9.97
N LEU A 122 13.59 -17.66 11.00
CA LEU A 122 14.62 -16.67 11.30
C LEU A 122 15.94 -17.34 11.70
N ASN A 123 15.89 -18.45 12.42
CA ASN A 123 17.15 -19.10 12.70
C ASN A 123 17.75 -19.69 11.43
N TYR A 124 16.90 -20.27 10.58
CA TYR A 124 17.32 -20.73 9.27
C TYR A 124 18.01 -19.61 8.50
N LEU A 125 17.35 -18.45 8.40
CA LEU A 125 17.98 -17.31 7.73
C LEU A 125 19.32 -16.95 8.36
N HIS A 126 19.37 -16.97 9.69
CA HIS A 126 20.61 -16.67 10.41
C HIS A 126 21.71 -17.66 10.07
N GLN A 127 21.39 -18.97 10.04
CA GLN A 127 22.42 -19.96 9.69
C GLN A 127 22.90 -19.78 8.26
N LYS A 128 22.05 -19.28 7.37
CA LYS A 128 22.43 -18.99 5.99
C LYS A 128 23.16 -17.65 5.84
N GLY A 129 23.31 -16.86 6.90
CA GLY A 129 23.89 -15.55 6.70
C GLY A 129 23.01 -14.60 5.90
N ARG A 130 21.69 -14.78 5.98
CA ARG A 130 20.75 -14.03 5.18
C ARG A 130 19.70 -13.31 6.04
N LEU A 131 19.85 -13.30 7.36
CA LEU A 131 18.81 -12.73 8.23
C LEU A 131 18.64 -11.24 7.97
N ILE A 132 19.74 -10.47 8.00
CA ILE A 132 19.62 -9.02 7.78
C ILE A 132 19.09 -8.72 6.37
N HIS A 133 19.50 -9.50 5.37
CA HIS A 133 19.03 -9.25 4.01
C HIS A 133 17.55 -9.51 3.88
N PHE A 134 17.05 -10.57 4.53
CA PHE A 134 15.59 -10.79 4.53
C PHE A 134 14.87 -9.67 5.26
N THR A 135 15.48 -9.16 6.33
CA THR A 135 14.89 -8.07 7.09
C THR A 135 14.67 -6.84 6.21
N ASN A 136 15.66 -6.49 5.41
CA ASN A 136 15.55 -5.36 4.50
C ASN A 136 14.50 -5.59 3.42
N LEU A 137 14.01 -6.83 3.22
CA LEU A 137 12.90 -7.07 2.29
C LEU A 137 11.58 -6.48 2.77
N SER A 138 11.35 -6.49 4.09
CA SER A 138 10.09 -6.04 4.68
C SER A 138 8.89 -6.81 4.12
N THR A 139 8.97 -8.14 4.14
CA THR A 139 7.80 -8.94 3.82
C THR A 139 7.65 -10.09 4.81
N PHE A 140 6.41 -10.40 5.16
CA PHE A 140 6.12 -11.60 5.92
C PHE A 140 6.00 -12.83 5.03
N LEU A 141 5.95 -12.63 3.71
CA LEU A 141 5.57 -13.65 2.75
C LEU A 141 6.76 -14.02 1.87
N PRO A 142 7.60 -14.96 2.28
CA PRO A 142 8.77 -15.30 1.48
C PRO A 142 8.33 -15.90 0.17
N ALA A 143 9.21 -15.81 -0.82
CA ALA A 143 9.06 -16.58 -2.04
C ALA A 143 8.88 -18.04 -1.70
N ARG A 144 8.00 -18.72 -2.43
CA ARG A 144 7.80 -20.16 -2.22
C ARG A 144 9.11 -20.91 -2.38
N LEU A 145 9.92 -20.52 -3.38
CA LEU A 145 11.24 -21.11 -3.52
C LEU A 145 12.03 -20.97 -2.23
N GLU A 146 11.93 -19.82 -1.56
CA GLU A 146 12.69 -19.63 -0.32
C GLU A 146 12.09 -20.44 0.83
N PHE A 147 10.76 -20.44 0.97
CA PHE A 147 10.15 -21.21 2.04
C PHE A 147 10.35 -22.71 1.84
N GLU A 148 10.34 -23.18 0.59
CA GLU A 148 10.71 -24.57 0.33
C GLU A 148 12.13 -24.84 0.84
N ASP A 149 13.07 -23.93 0.52
CA ASP A 149 14.44 -24.14 0.94
C ASP A 149 14.57 -24.15 2.46
N TYR A 150 13.81 -23.29 3.14
CA TYR A 150 13.76 -23.33 4.60
C TYR A 150 13.33 -24.71 5.08
N MET A 151 12.22 -25.22 4.55
CA MET A 151 11.75 -26.53 4.98
C MET A 151 12.69 -27.63 4.53
N ARG A 152 13.24 -27.53 3.32
CA ARG A 152 14.28 -28.49 2.94
C ARG A 152 15.45 -28.45 3.93
N TRP A 153 15.84 -27.25 4.38
CA TRP A 153 16.92 -27.16 5.36
C TRP A 153 16.56 -27.87 6.64
N CYS A 154 15.31 -27.70 7.08
CA CYS A 154 14.81 -28.44 8.24
C CYS A 154 14.88 -29.94 7.98
N ALA A 155 14.31 -30.39 6.86
CA ALA A 155 14.25 -31.82 6.54
C ALA A 155 15.63 -32.47 6.51
N GLN A 156 16.66 -31.74 6.07
CA GLN A 156 17.96 -32.36 5.93
C GLN A 156 18.47 -32.88 7.27
N GLN A 157 18.00 -32.30 8.39
CA GLN A 157 18.40 -32.72 9.73
C GLN A 157 17.78 -34.04 10.15
N PHE A 158 16.80 -34.55 9.41
CA PHE A 158 16.19 -35.84 9.70
C PHE A 158 16.50 -36.89 8.64
N SER A 159 17.58 -36.69 7.89
CA SER A 159 17.91 -37.57 6.76
C SER A 159 18.18 -39.00 7.20
N ASP A 160 18.61 -39.21 8.45
CA ASP A 160 18.84 -40.58 8.90
C ASP A 160 17.54 -41.36 9.12
N VAL A 161 16.40 -40.69 9.27
CA VAL A 161 15.16 -41.39 9.57
C VAL A 161 14.12 -41.22 8.47
N VAL A 162 14.49 -40.63 7.34
CA VAL A 162 13.61 -40.50 6.19
C VAL A 162 14.14 -41.38 5.05
N ALA A 163 13.29 -42.26 4.53
CA ALA A 163 13.58 -43.01 3.32
C ALA A 163 12.78 -42.38 2.19
N TYR A 164 13.47 -41.70 1.29
CA TYR A 164 12.91 -41.05 0.12
C TYR A 164 12.70 -42.05 -1.00
N GLY A 165 11.97 -41.62 -2.04
CA GLY A 165 11.73 -42.49 -3.18
C GLY A 165 10.97 -43.75 -2.82
N GLU A 166 10.16 -43.69 -1.77
CA GLU A 166 9.40 -44.84 -1.29
C GLU A 166 7.93 -44.47 -1.32
N GLU A 167 7.16 -45.14 -2.15
CA GLU A 167 5.72 -44.87 -2.26
C GLU A 167 4.98 -45.93 -1.46
N VAL A 168 4.38 -45.52 -0.34
CA VAL A 168 3.54 -46.42 0.46
C VAL A 168 2.33 -46.85 -0.36
N VAL A 169 2.05 -48.16 -0.34
CA VAL A 169 0.95 -48.69 -1.14
C VAL A 169 -0.08 -49.43 -0.29
N GLU A 170 0.33 -49.93 0.87
CA GLU A 170 -0.58 -50.70 1.70
C GLU A 170 -0.23 -50.53 3.16
N VAL A 171 -1.26 -50.58 4.01
CA VAL A 171 -1.11 -50.62 5.45
C VAL A 171 -1.86 -51.86 5.91
N ILE A 172 -1.11 -52.83 6.45
CA ILE A 172 -1.57 -54.20 6.65
C ILE A 172 -1.72 -54.48 8.15
N PRO A 173 -2.78 -55.16 8.58
CA PRO A 173 -2.91 -55.47 10.01
C PRO A 173 -1.85 -56.48 10.44
N GLY A 174 -1.41 -56.33 11.67
CA GLY A 174 -0.41 -57.22 12.23
C GLY A 174 -0.82 -57.71 13.59
N LYS A 175 -0.49 -58.96 13.88
CA LYS A 175 -0.84 -59.60 15.15
C LYS A 175 0.40 -60.21 15.84
N SER A 180 -3.90 -64.86 18.94
CA SER A 180 -5.02 -64.02 19.35
C SER A 180 -5.79 -63.42 18.17
N SER A 181 -6.90 -62.75 18.48
CA SER A 181 -7.71 -62.07 17.48
C SER A 181 -7.61 -60.55 17.59
N VAL A 182 -6.52 -60.04 18.17
CA VAL A 182 -6.32 -58.60 18.33
C VAL A 182 -5.17 -58.17 17.42
N VAL A 183 -5.38 -57.05 16.72
CA VAL A 183 -4.33 -56.43 15.92
C VAL A 183 -3.54 -55.49 16.83
N ASP A 184 -2.23 -55.70 16.92
CA ASP A 184 -1.41 -54.87 17.79
C ASP A 184 -0.23 -54.20 17.11
N PHE A 185 -0.06 -54.36 15.80
CA PHE A 185 0.90 -53.56 15.04
C PHE A 185 0.42 -53.53 13.59
N PHE A 186 1.13 -52.74 12.77
CA PHE A 186 0.81 -52.63 11.36
C PHE A 186 2.06 -52.82 10.50
N THR A 187 1.85 -53.38 9.33
CA THR A 187 2.91 -53.48 8.32
C THR A 187 2.61 -52.47 7.22
N VAL A 188 3.54 -51.55 6.99
CA VAL A 188 3.43 -50.56 5.93
C VAL A 188 4.30 -51.03 4.77
N ARG A 189 3.70 -51.20 3.60
CA ARG A 189 4.40 -51.67 2.42
C ARG A 189 4.60 -50.49 1.48
N SER A 190 5.83 -50.33 0.97
CA SER A 190 6.13 -49.24 0.06
C SER A 190 6.83 -49.78 -1.17
N ARG A 191 6.61 -49.11 -2.29
CA ARG A 191 7.20 -49.49 -3.56
C ARG A 191 8.29 -48.47 -3.86
N ASN A 192 9.51 -48.93 -4.07
CA ASN A 192 10.61 -48.06 -4.47
C ASN A 192 10.35 -47.48 -5.85
N VAL A 193 10.34 -46.16 -5.97
CA VAL A 193 10.00 -45.54 -7.25
C VAL A 193 11.02 -45.90 -8.34
N GLU A 194 12.28 -46.14 -7.96
CA GLU A 194 13.34 -46.39 -8.94
C GLU A 194 13.39 -47.84 -9.37
N THR A 195 13.28 -48.77 -8.41
CA THR A 195 13.41 -50.20 -8.67
C THR A 195 12.08 -50.94 -8.68
N GLY A 196 11.04 -50.39 -8.07
CA GLY A 196 9.79 -51.10 -7.95
C GLY A 196 9.75 -52.16 -6.88
N GLU A 197 10.84 -52.34 -6.13
CA GLU A 197 10.87 -53.36 -5.09
C GLU A 197 9.96 -52.98 -3.94
N ILE A 198 9.23 -53.97 -3.41
CA ILE A 198 8.32 -53.75 -2.29
C ILE A 198 9.06 -54.01 -0.98
N SER A 199 9.00 -53.06 -0.06
CA SER A 199 9.58 -53.20 1.26
C SER A 199 8.50 -53.15 2.33
N ALA A 200 8.75 -53.84 3.42
CA ALA A 200 7.81 -53.88 4.54
C ALA A 200 8.52 -53.38 5.79
N ARG A 201 7.84 -52.49 6.52
CA ARG A 201 8.29 -51.99 7.82
C ARG A 201 7.14 -52.18 8.80
N ARG A 202 7.47 -52.65 10.01
CA ARG A 202 6.51 -52.89 11.07
C ARG A 202 6.52 -51.74 12.05
N THR A 203 5.35 -51.44 12.60
CA THR A 203 5.24 -50.28 13.49
C THR A 203 4.04 -50.43 14.42
N ARG A 204 4.19 -49.88 15.62
CA ARG A 204 3.05 -49.81 16.52
C ARG A 204 2.04 -48.77 16.05
N LYS A 205 2.51 -47.62 15.58
CA LYS A 205 1.62 -46.52 15.25
C LYS A 205 1.93 -46.00 13.86
N VAL A 206 0.90 -45.52 13.17
CA VAL A 206 1.02 -45.00 11.83
C VAL A 206 0.46 -43.58 11.79
N VAL A 207 1.18 -42.68 11.13
CA VAL A 207 0.69 -41.34 10.79
C VAL A 207 0.55 -41.31 9.28
N ILE A 208 -0.61 -40.85 8.81
CA ILE A 208 -0.83 -40.64 7.38
C ILE A 208 -0.82 -39.15 7.14
N ALA A 209 0.17 -38.68 6.39
CA ALA A 209 0.33 -37.26 6.13
C ALA A 209 0.71 -37.08 4.66
N ILE A 210 -0.23 -37.41 3.77
CA ILE A 210 0.04 -37.54 2.35
C ILE A 210 -0.57 -36.40 1.55
N GLY A 211 -0.97 -35.32 2.20
CA GLY A 211 -1.43 -34.15 1.46
C GLY A 211 -2.69 -34.46 0.68
N GLY A 212 -2.76 -33.92 -0.53
CA GLY A 212 -3.91 -34.10 -1.39
C GLY A 212 -3.52 -34.67 -2.74
N THR A 213 -4.52 -35.16 -3.44
CA THR A 213 -4.38 -35.64 -4.81
C THR A 213 -5.15 -34.75 -5.77
N ALA A 214 -4.65 -34.67 -7.01
CA ALA A 214 -5.24 -33.81 -8.03
C ALA A 214 -6.71 -34.14 -8.22
N LYS A 215 -7.55 -33.11 -8.12
CA LYS A 215 -8.96 -33.24 -8.46
C LYS A 215 -9.08 -32.86 -9.93
N MET A 216 -9.61 -33.78 -10.74
CA MET A 216 -9.82 -33.54 -12.16
C MET A 216 -11.31 -33.54 -12.46
N PRO A 217 -11.76 -32.70 -13.39
CA PRO A 217 -13.15 -32.82 -13.87
C PRO A 217 -13.38 -34.17 -14.52
N SER A 218 -14.50 -34.80 -14.20
CA SER A 218 -14.81 -36.10 -14.77
C SER A 218 -15.07 -36.01 -16.27
N GLY A 219 -14.84 -37.10 -16.97
CA GLY A 219 -15.15 -37.12 -18.39
C GLY A 219 -14.08 -36.55 -19.31
N LEU A 220 -12.93 -36.17 -18.77
CA LEU A 220 -11.84 -35.71 -19.62
C LEU A 220 -11.14 -36.90 -20.23
N PRO A 221 -10.80 -36.84 -21.51
CA PRO A 221 -10.04 -37.95 -22.08
C PRO A 221 -8.65 -37.96 -21.47
N GLN A 222 -7.99 -39.10 -21.58
CA GLN A 222 -6.62 -39.20 -21.14
C GLN A 222 -5.76 -38.72 -22.31
N ASP A 223 -4.99 -37.70 -22.07
CA ASP A 223 -4.17 -37.08 -23.10
C ASP A 223 -3.06 -36.41 -22.31
N PRO A 224 -1.82 -36.61 -22.71
CA PRO A 224 -0.70 -36.00 -21.97
C PRO A 224 -0.72 -34.48 -21.96
N ARG A 225 -1.50 -33.86 -22.86
CA ARG A 225 -1.57 -32.41 -22.97
C ARG A 225 -2.61 -31.80 -22.04
N ILE A 226 -3.35 -32.64 -21.33
CA ILE A 226 -4.28 -32.20 -20.28
C ILE A 226 -3.55 -32.41 -18.96
N ILE A 227 -3.15 -31.32 -18.32
CA ILE A 227 -2.15 -31.36 -17.25
C ILE A 227 -2.73 -30.68 -16.02
N HIS A 228 -2.75 -31.40 -14.91
CA HIS A 228 -3.21 -30.77 -13.67
C HIS A 228 -2.20 -29.74 -13.21
N SER A 229 -2.71 -28.68 -12.58
CA SER A 229 -1.86 -27.58 -12.15
C SER A 229 -0.68 -28.06 -11.31
N SER A 230 -0.87 -29.12 -10.53
CA SER A 230 0.21 -29.61 -9.68
C SER A 230 1.43 -30.08 -10.48
N LYS A 231 1.28 -30.30 -11.78
CA LYS A 231 2.39 -30.72 -12.63
C LYS A 231 2.77 -29.67 -13.68
N TYR A 232 2.44 -28.39 -13.43
CA TYR A 232 2.65 -27.33 -14.41
C TYR A 232 4.14 -27.13 -14.71
N CYS A 233 4.95 -26.83 -13.69
CA CYS A 233 6.36 -26.59 -13.93
C CYS A 233 7.09 -27.84 -14.39
N THR A 234 6.54 -29.03 -14.12
CA THR A 234 7.28 -30.25 -14.43
C THR A 234 6.90 -30.87 -15.76
N THR A 235 5.68 -30.69 -16.23
CA THR A 235 5.21 -31.40 -17.43
C THR A 235 5.03 -30.52 -18.65
N LEU A 236 4.49 -29.31 -18.46
CA LEU A 236 4.26 -28.42 -19.59
C LEU A 236 5.54 -28.06 -20.33
N PRO A 237 6.64 -27.66 -19.66
CA PRO A 237 7.87 -27.36 -20.43
C PRO A 237 8.37 -28.52 -21.26
N ALA A 238 8.24 -29.75 -20.77
CA ALA A 238 8.58 -30.90 -21.60
C ALA A 238 7.66 -30.97 -22.80
N LEU A 239 6.38 -30.67 -22.61
CA LEU A 239 5.42 -30.80 -23.71
C LEU A 239 5.61 -29.69 -24.73
N LEU A 240 5.71 -28.45 -24.27
CA LEU A 240 5.87 -27.26 -25.14
C LEU A 240 7.29 -26.70 -24.94
N LYS A 241 8.23 -27.16 -25.76
CA LYS A 241 9.63 -26.82 -25.53
C LYS A 241 10.06 -25.50 -26.13
N ASP A 242 9.37 -24.99 -27.14
CA ASP A 242 9.82 -23.78 -27.83
C ASP A 242 9.11 -22.58 -27.21
N LYS A 243 9.82 -21.83 -26.36
CA LYS A 243 9.21 -20.74 -25.62
C LYS A 243 8.64 -19.64 -26.52
N SER A 244 9.14 -19.51 -27.74
CA SER A 244 8.70 -18.44 -28.64
C SER A 244 7.57 -18.83 -29.56
N LYS A 245 7.14 -20.09 -29.57
CA LYS A 245 6.09 -20.52 -30.50
C LYS A 245 4.73 -20.00 -30.04
N PRO A 246 3.87 -19.57 -30.98
CA PRO A 246 2.51 -19.13 -30.61
C PRO A 246 1.60 -20.28 -30.26
N TYR A 247 1.86 -20.98 -29.16
CA TYR A 247 0.96 -22.05 -28.72
C TYR A 247 -0.39 -21.46 -28.28
N ASN A 248 -1.43 -22.26 -28.42
CA ASN A 248 -2.72 -21.97 -27.80
C ASN A 248 -2.82 -22.79 -26.51
N ILE A 249 -2.90 -22.11 -25.36
CA ILE A 249 -2.91 -22.78 -24.06
C ILE A 249 -4.12 -22.30 -23.26
N ALA A 250 -4.96 -23.23 -22.83
CA ALA A 250 -6.10 -22.90 -21.98
C ALA A 250 -5.80 -23.28 -20.53
N VAL A 251 -6.45 -22.55 -19.61
CA VAL A 251 -6.37 -22.79 -18.18
C VAL A 251 -7.80 -22.88 -17.64
N LEU A 252 -8.09 -23.95 -16.92
CA LEU A 252 -9.40 -24.17 -16.30
C LEU A 252 -9.32 -23.89 -14.81
N GLY A 253 -10.22 -23.05 -14.33
CA GLY A 253 -10.29 -22.72 -12.92
C GLY A 253 -10.17 -21.22 -12.67
N SER A 254 -10.45 -20.85 -11.42
CA SER A 254 -10.41 -19.46 -11.03
C SER A 254 -9.88 -19.28 -9.59
N GLY A 255 -9.14 -20.26 -9.06
CA GLY A 255 -8.46 -20.09 -7.79
C GLY A 255 -7.03 -19.61 -7.96
N GLN A 256 -6.26 -19.70 -6.87
CA GLN A 256 -4.89 -19.18 -6.85
C GLN A 256 -4.00 -19.91 -7.84
N SER A 257 -4.20 -21.22 -8.01
CA SER A 257 -3.40 -21.99 -8.96
C SER A 257 -3.68 -21.53 -10.39
N ALA A 258 -4.96 -21.36 -10.72
CA ALA A 258 -5.30 -20.92 -12.08
C ALA A 258 -4.74 -19.54 -12.36
N ALA A 259 -4.85 -18.62 -11.40
CA ALA A 259 -4.35 -17.28 -11.63
C ALA A 259 -2.85 -17.30 -11.84
N GLU A 260 -2.13 -18.04 -10.99
CA GLU A 260 -0.68 -18.07 -11.10
C GLU A 260 -0.25 -18.65 -12.43
N ILE A 261 -0.96 -19.68 -12.90
CA ILE A 261 -0.59 -20.31 -14.17
C ILE A 261 -0.91 -19.37 -15.32
N PHE A 262 -2.12 -18.81 -15.32
CA PHE A 262 -2.51 -17.91 -16.39
C PHE A 262 -1.55 -16.72 -16.49
N HIS A 263 -1.21 -16.12 -15.34
CA HIS A 263 -0.25 -15.01 -15.34
C HIS A 263 1.13 -15.47 -15.80
N ASP A 264 1.58 -16.63 -15.34
CA ASP A 264 2.92 -17.11 -15.68
C ASP A 264 3.04 -17.48 -17.16
N LEU A 265 2.00 -18.10 -17.75
CA LEU A 265 2.07 -18.51 -19.16
C LEU A 265 2.36 -17.33 -20.08
N GLN A 266 1.84 -16.16 -19.74
CA GLN A 266 2.04 -14.98 -20.57
C GLN A 266 3.48 -14.50 -20.56
N LYS A 267 4.24 -14.84 -19.51
CA LYS A 267 5.66 -14.51 -19.49
C LYS A 267 6.51 -15.65 -20.00
N ARG A 268 6.12 -16.90 -19.74
CA ARG A 268 6.93 -18.03 -20.18
C ARG A 268 6.83 -18.25 -21.69
N TYR A 269 5.64 -18.03 -22.26
CA TYR A 269 5.41 -18.19 -23.69
C TYR A 269 4.94 -16.84 -24.23
N PRO A 270 5.88 -15.91 -24.45
CA PRO A 270 5.51 -14.52 -24.79
C PRO A 270 4.56 -14.39 -25.97
N ASN A 271 4.57 -15.36 -26.90
CA ASN A 271 3.78 -15.30 -28.13
C ASN A 271 2.56 -16.18 -28.08
N SER A 272 2.28 -16.80 -26.94
CA SER A 272 1.16 -17.71 -26.83
C SER A 272 -0.16 -16.97 -26.83
N ARG A 273 -1.23 -17.73 -27.04
CA ARG A 273 -2.58 -17.25 -26.84
C ARG A 273 -3.15 -18.05 -25.68
N THR A 274 -3.38 -17.40 -24.54
CA THR A 274 -3.89 -18.08 -23.38
C THR A 274 -5.34 -17.70 -23.13
N THR A 275 -6.11 -18.67 -22.63
CA THR A 275 -7.52 -18.50 -22.32
C THR A 275 -7.77 -19.05 -20.92
N LEU A 276 -8.29 -18.21 -20.04
CA LEU A 276 -8.68 -18.62 -18.69
C LEU A 276 -10.17 -18.94 -18.72
N ILE A 277 -10.53 -20.19 -18.46
CA ILE A 277 -11.92 -20.66 -18.48
C ILE A 277 -12.36 -20.83 -17.04
N MET A 278 -13.43 -20.13 -16.65
CA MET A 278 -13.91 -20.23 -15.27
C MET A 278 -15.44 -20.26 -15.30
N ARG A 279 -16.01 -21.00 -14.36
CA ARG A 279 -17.47 -21.05 -14.31
C ARG A 279 -18.07 -19.96 -13.45
N ASP A 280 -17.30 -19.39 -12.52
CA ASP A 280 -17.71 -18.16 -11.87
C ASP A 280 -17.62 -16.99 -12.86
N SER A 281 -18.16 -15.85 -12.45
CA SER A 281 -18.13 -14.68 -13.32
C SER A 281 -16.82 -13.91 -13.21
N ALA A 282 -16.05 -14.12 -12.14
CA ALA A 282 -14.82 -13.34 -11.99
C ALA A 282 -13.89 -14.04 -10.99
N MET A 283 -12.59 -13.80 -11.14
CA MET A 283 -11.68 -14.10 -10.04
C MET A 283 -12.07 -13.31 -8.81
N ARG A 284 -12.07 -13.96 -7.65
CA ARG A 284 -12.48 -13.23 -6.45
C ARG A 284 -11.34 -13.17 -5.45
N PRO A 285 -11.24 -12.10 -4.66
CA PRO A 285 -10.08 -11.92 -3.80
C PRO A 285 -10.14 -12.80 -2.57
N SER A 286 -8.99 -13.33 -2.17
CA SER A 286 -8.91 -14.03 -0.91
C SER A 286 -9.07 -13.05 0.24
N ASP A 287 -9.62 -13.55 1.33
CA ASP A 287 -9.90 -12.77 2.53
C ASP A 287 -8.70 -12.91 3.46
N ASP A 288 -7.91 -11.85 3.57
CA ASP A 288 -6.81 -11.78 4.54
C ASP A 288 -7.13 -10.81 5.67
N SER A 289 -8.41 -10.48 5.86
CA SER A 289 -8.78 -9.53 6.91
C SER A 289 -8.52 -10.15 8.28
N PRO A 290 -8.10 -9.34 9.26
CA PRO A 290 -7.53 -9.94 10.49
C PRO A 290 -8.53 -10.66 11.40
N PHE A 291 -9.79 -10.20 11.54
CA PHE A 291 -10.71 -10.93 12.42
C PHE A 291 -11.09 -12.27 11.82
N VAL A 292 -11.42 -12.26 10.52
CA VAL A 292 -11.74 -13.50 9.83
C VAL A 292 -10.58 -14.47 9.92
N ASN A 293 -9.36 -13.99 9.71
CA ASN A 293 -8.21 -14.89 9.69
C ASN A 293 -7.82 -15.43 11.05
N GLU A 294 -8.50 -15.03 12.13
CA GLU A 294 -8.27 -15.69 13.41
C GLU A 294 -8.73 -17.15 13.42
N ILE A 295 -9.48 -17.60 12.41
CA ILE A 295 -9.79 -19.03 12.32
C ILE A 295 -8.54 -19.89 12.14
N PHE A 296 -7.43 -19.30 11.69
CA PHE A 296 -6.19 -20.03 11.48
C PHE A 296 -5.30 -20.07 12.71
N ASN A 297 -5.69 -19.39 13.78
CA ASN A 297 -4.91 -19.43 15.02
C ASN A 297 -4.81 -20.88 15.52
N PRO A 298 -3.66 -21.29 16.07
CA PRO A 298 -3.57 -22.66 16.60
C PRO A 298 -4.64 -22.97 17.66
N GLU A 299 -4.93 -22.03 18.56
CA GLU A 299 -5.87 -22.31 19.63
C GLU A 299 -7.32 -22.37 19.16
N ARG A 300 -7.62 -22.01 17.92
CA ARG A 300 -8.99 -22.19 17.44
C ARG A 300 -9.31 -23.64 17.10
N VAL A 301 -8.31 -24.52 17.04
CA VAL A 301 -8.58 -25.91 16.73
C VAL A 301 -9.46 -26.54 17.81
N ASP A 302 -9.17 -26.28 19.09
CA ASP A 302 -10.03 -26.76 20.17
C ASP A 302 -11.46 -26.30 20.00
N LYS A 303 -11.64 -25.01 19.71
CA LYS A 303 -12.98 -24.44 19.64
C LYS A 303 -13.75 -25.00 18.44
N PHE A 304 -13.08 -25.09 17.29
CA PHE A 304 -13.73 -25.63 16.10
C PHE A 304 -14.10 -27.09 16.30
N TYR A 305 -13.18 -27.89 16.83
CA TYR A 305 -13.46 -29.32 17.00
C TYR A 305 -14.67 -29.53 17.90
N SER A 306 -14.80 -28.71 18.94
CA SER A 306 -15.84 -28.92 19.94
C SER A 306 -17.23 -28.54 19.45
N GLN A 307 -17.37 -28.14 18.20
CA GLN A 307 -18.66 -27.80 17.64
C GLN A 307 -19.35 -29.04 17.05
N SER A 308 -20.66 -28.94 16.91
CA SER A 308 -21.42 -29.95 16.20
C SER A 308 -21.02 -29.99 14.72
N ALA A 309 -21.30 -31.14 14.10
CA ALA A 309 -21.02 -31.30 12.68
C ALA A 309 -21.75 -30.23 11.86
N ALA A 310 -22.98 -29.90 12.23
CA ALA A 310 -23.74 -28.87 11.51
C ALA A 310 -23.06 -27.51 11.63
N GLU A 311 -22.65 -27.15 12.84
CA GLU A 311 -21.96 -25.89 13.05
C GLU A 311 -20.61 -25.87 12.36
N ARG A 312 -19.90 -27.00 12.36
CA ARG A 312 -18.62 -27.04 11.64
C ARG A 312 -18.83 -26.87 10.14
N GLN A 313 -19.81 -27.57 9.57
CA GLN A 313 -20.15 -27.39 8.16
C GLN A 313 -20.51 -25.92 7.85
N ARG A 314 -21.36 -25.32 8.68
CA ARG A 314 -21.74 -23.93 8.45
C ARG A 314 -20.54 -22.99 8.55
N SER A 315 -19.62 -23.29 9.46
CA SER A 315 -18.44 -22.44 9.63
C SER A 315 -17.52 -22.54 8.41
N LEU A 316 -17.28 -23.76 7.93
CA LEU A 316 -16.37 -23.94 6.80
C LEU A 316 -16.89 -23.21 5.57
N LEU A 317 -18.18 -23.31 5.31
CA LEU A 317 -18.77 -22.58 4.19
C LEU A 317 -18.66 -21.08 4.39
N ALA A 318 -18.90 -20.61 5.61
CA ALA A 318 -18.89 -19.18 5.88
C ALA A 318 -17.52 -18.56 5.63
N ASP A 319 -16.45 -19.34 5.81
CA ASP A 319 -15.08 -18.85 5.72
C ASP A 319 -14.35 -19.40 4.50
N LYS A 320 -15.08 -19.99 3.54
CA LYS A 320 -14.45 -20.63 2.39
C LYS A 320 -13.63 -19.66 1.57
N ALA A 321 -14.00 -18.37 1.56
CA ALA A 321 -13.33 -17.33 0.80
C ALA A 321 -11.97 -16.97 1.36
N THR A 322 -11.55 -17.54 2.49
CA THR A 322 -10.21 -17.25 2.95
C THR A 322 -9.18 -17.93 2.07
N ASN A 323 -9.53 -19.01 1.38
CA ASN A 323 -8.49 -19.73 0.64
C ASN A 323 -8.95 -20.43 -0.63
N TYR A 324 -10.15 -21.00 -0.65
CA TYR A 324 -10.60 -21.79 -1.79
C TYR A 324 -11.31 -20.93 -2.83
N SER A 325 -10.97 -21.17 -4.10
CA SER A 325 -11.60 -20.49 -5.23
C SER A 325 -11.45 -18.99 -5.14
N VAL A 326 -10.30 -18.53 -4.63
CA VAL A 326 -10.02 -17.11 -4.46
C VAL A 326 -8.56 -16.87 -4.76
N VAL A 327 -8.25 -15.63 -5.10
CA VAL A 327 -6.93 -15.22 -5.57
C VAL A 327 -6.46 -14.03 -4.76
N ARG A 328 -5.20 -14.05 -4.35
CA ARG A 328 -4.62 -12.89 -3.68
C ARG A 328 -4.87 -11.64 -4.52
N LEU A 329 -5.46 -10.63 -3.88
CA LEU A 329 -5.87 -9.40 -4.57
C LEU A 329 -4.78 -8.84 -5.46
N GLU A 330 -3.55 -8.82 -4.98
CA GLU A 330 -2.48 -8.20 -5.76
C GLU A 330 -2.31 -8.88 -7.10
N LEU A 331 -2.45 -10.21 -7.11
CA LEU A 331 -2.35 -10.95 -8.37
C LEU A 331 -3.55 -10.67 -9.26
N ILE A 332 -4.75 -10.56 -8.68
CA ILE A 332 -5.92 -10.21 -9.48
C ILE A 332 -5.69 -8.87 -10.17
N GLU A 333 -5.14 -7.90 -9.43
CA GLU A 333 -4.95 -6.57 -9.98
C GLU A 333 -3.89 -6.56 -11.07
N GLU A 334 -2.85 -7.37 -10.91
CA GLU A 334 -1.82 -7.46 -11.94
C GLU A 334 -2.36 -8.09 -13.21
N ILE A 335 -3.11 -9.19 -13.09
CA ILE A 335 -3.73 -9.76 -14.27
C ILE A 335 -4.66 -8.76 -14.91
N TYR A 336 -5.47 -8.08 -14.10
CA TYR A 336 -6.39 -7.08 -14.63
C TYR A 336 -5.65 -6.00 -15.39
N ASN A 337 -4.50 -5.55 -14.87
CA ASN A 337 -3.73 -4.52 -15.54
C ASN A 337 -3.23 -5.02 -16.90
N ASP A 338 -2.73 -6.27 -16.94
CA ASP A 338 -2.32 -6.86 -18.22
C ASP A 338 -3.48 -6.88 -19.20
N MET A 339 -4.68 -7.22 -18.73
CA MET A 339 -5.85 -7.19 -19.60
C MET A 339 -6.14 -5.79 -20.11
N TYR A 340 -6.10 -4.80 -19.20
CA TYR A 340 -6.38 -3.42 -19.61
C TYR A 340 -5.41 -2.99 -20.69
N LEU A 341 -4.12 -3.31 -20.53
CA LEU A 341 -3.14 -2.89 -21.53
C LEU A 341 -3.49 -3.48 -22.90
N GLN A 342 -3.99 -4.72 -22.95
CA GLN A 342 -4.46 -5.23 -24.23
C GLN A 342 -5.59 -4.37 -24.78
N ARG A 343 -6.49 -3.91 -23.91
CA ARG A 343 -7.60 -3.08 -24.37
C ARG A 343 -7.08 -1.77 -24.95
N VAL A 344 -6.00 -1.23 -24.37
CA VAL A 344 -5.37 -0.03 -24.92
C VAL A 344 -4.93 -0.27 -26.36
N LYS A 345 -4.34 -1.43 -26.63
CA LYS A 345 -3.88 -1.74 -27.98
C LYS A 345 -5.04 -2.11 -28.90
N ASN A 346 -6.08 -2.77 -28.38
CA ASN A 346 -7.19 -3.16 -29.25
C ASN A 346 -8.47 -3.18 -28.44
N PRO A 347 -9.46 -2.35 -28.80
CA PRO A 347 -10.71 -2.30 -28.03
C PRO A 347 -11.53 -3.57 -28.15
N ASP A 348 -11.25 -4.40 -29.14
CA ASP A 348 -12.00 -5.63 -29.37
C ASP A 348 -11.38 -6.77 -28.55
N GLU A 349 -12.08 -7.15 -27.47
CA GLU A 349 -11.59 -8.19 -26.56
C GLU A 349 -11.45 -9.55 -27.25
N THR A 350 -12.27 -9.83 -28.27
CA THR A 350 -12.18 -11.12 -28.95
C THR A 350 -10.87 -11.29 -29.69
N GLN A 351 -10.18 -10.20 -30.04
CA GLN A 351 -8.92 -10.28 -30.76
C GLN A 351 -7.71 -10.24 -29.84
N TRP A 352 -7.90 -10.24 -28.53
CA TRP A 352 -6.76 -10.17 -27.63
C TRP A 352 -5.94 -11.45 -27.66
N GLN A 353 -4.64 -11.29 -27.44
CA GLN A 353 -3.76 -12.44 -27.28
C GLN A 353 -4.20 -13.28 -26.07
N HIS A 354 -4.46 -12.64 -24.93
CA HIS A 354 -4.83 -13.33 -23.70
C HIS A 354 -6.25 -12.94 -23.29
N ARG A 355 -7.10 -13.96 -23.09
CA ARG A 355 -8.51 -13.74 -22.82
C ARG A 355 -8.98 -14.54 -21.61
N ILE A 356 -10.07 -14.05 -21.02
CA ILE A 356 -10.79 -14.70 -19.94
C ILE A 356 -12.21 -14.99 -20.42
N LEU A 357 -12.65 -16.23 -20.31
CA LEU A 357 -14.01 -16.65 -20.66
C LEU A 357 -14.77 -16.98 -19.37
N PRO A 358 -15.45 -16.02 -18.77
CA PRO A 358 -16.15 -16.27 -17.51
C PRO A 358 -17.50 -16.95 -17.72
N GLU A 359 -18.02 -17.50 -16.62
CA GLU A 359 -19.34 -18.16 -16.60
C GLU A 359 -19.46 -19.22 -17.70
N ARG A 360 -18.40 -20.01 -17.85
CA ARG A 360 -18.34 -21.08 -18.85
C ARG A 360 -17.99 -22.39 -18.18
N LYS A 361 -18.46 -23.49 -18.77
CA LYS A 361 -18.02 -24.82 -18.39
C LYS A 361 -17.67 -25.62 -19.63
N ILE A 362 -16.76 -26.57 -19.45
CA ILE A 362 -16.36 -27.47 -20.53
C ILE A 362 -17.39 -28.59 -20.62
N THR A 363 -17.99 -28.74 -21.80
CA THR A 363 -18.88 -29.87 -21.98
C THR A 363 -18.13 -31.08 -22.51
N ARG A 364 -16.99 -30.86 -23.18
CA ARG A 364 -16.10 -31.96 -23.51
C ARG A 364 -14.81 -31.43 -24.11
N VAL A 365 -13.76 -32.23 -23.95
CA VAL A 365 -12.48 -32.00 -24.60
C VAL A 365 -12.34 -33.14 -25.60
N GLU A 366 -12.32 -32.75 -26.86
CA GLU A 366 -12.16 -33.63 -28.01
C GLU A 366 -10.71 -33.67 -28.48
N HIS A 367 -10.23 -34.86 -28.81
CA HIS A 367 -8.87 -34.97 -29.31
C HIS A 367 -8.88 -35.99 -30.44
N HIS A 368 -7.99 -35.78 -31.41
CA HIS A 368 -7.85 -36.67 -32.54
C HIS A 368 -6.44 -37.21 -32.66
N GLY A 369 -5.75 -37.37 -31.54
CA GLY A 369 -4.38 -37.81 -31.57
C GLY A 369 -3.40 -36.68 -31.40
N PRO A 370 -2.13 -37.01 -31.17
CA PRO A 370 -1.12 -35.95 -30.97
C PRO A 370 -0.82 -35.18 -32.24
N GLN A 371 -1.34 -35.61 -33.39
CA GLN A 371 -1.12 -34.94 -34.66
C GLN A 371 -1.74 -33.54 -34.71
N SER A 372 -2.75 -33.29 -33.89
CA SER A 372 -3.46 -32.03 -34.01
C SER A 372 -3.87 -31.55 -32.63
N ARG A 373 -4.46 -30.37 -32.63
CA ARG A 373 -4.82 -29.69 -31.39
C ARG A 373 -6.05 -30.32 -30.77
N MET A 374 -6.20 -30.13 -29.46
CA MET A 374 -7.44 -30.54 -28.83
C MET A 374 -8.50 -29.47 -29.03
N ARG A 375 -9.76 -29.90 -29.04
CA ARG A 375 -10.89 -29.00 -29.16
C ARG A 375 -11.66 -28.97 -27.84
N ILE A 376 -11.76 -27.80 -27.25
CA ILE A 376 -12.49 -27.63 -26.00
C ILE A 376 -13.83 -27.00 -26.33
N HIS A 377 -14.91 -27.70 -25.98
CA HIS A 377 -16.26 -27.23 -26.22
C HIS A 377 -16.77 -26.59 -24.93
N LEU A 378 -17.17 -25.33 -25.01
CA LEU A 378 -17.61 -24.57 -23.85
C LEU A 378 -19.07 -24.19 -24.01
N LYS A 379 -19.79 -24.18 -22.89
CA LYS A 379 -21.11 -23.56 -22.82
C LYS A 379 -21.21 -22.79 -21.51
N SER A 380 -22.28 -22.02 -21.41
CA SER A 380 -22.56 -21.27 -20.18
C SER A 380 -22.58 -22.19 -18.97
N SER A 381 -22.09 -21.68 -17.84
CA SER A 381 -22.19 -22.37 -16.56
C SER A 381 -23.48 -22.06 -15.81
N LYS A 382 -24.34 -21.22 -16.37
CA LYS A 382 -25.62 -20.94 -15.74
C LYS A 382 -26.49 -22.20 -15.72
N PRO A 383 -27.35 -22.35 -14.69
CA PRO A 383 -28.29 -23.48 -14.63
C PRO A 383 -29.37 -23.41 -15.71
N LYS A 393 -21.63 -19.90 -25.83
CA LYS A 393 -20.94 -21.11 -26.27
C LYS A 393 -19.70 -20.78 -27.09
N GLU A 394 -18.73 -21.71 -27.15
CA GLU A 394 -17.44 -21.43 -27.76
C GLU A 394 -16.69 -22.74 -27.99
N THR A 395 -15.80 -22.74 -28.97
CA THR A 395 -14.93 -23.88 -29.26
C THR A 395 -13.51 -23.35 -29.27
N LEU A 396 -12.61 -23.97 -28.50
CA LEU A 396 -11.22 -23.57 -28.47
C LEU A 396 -10.35 -24.70 -28.98
N GLU A 397 -9.41 -24.38 -29.87
CA GLU A 397 -8.40 -25.33 -30.32
C GLU A 397 -7.09 -24.99 -29.63
N VAL A 398 -6.56 -25.94 -28.84
CA VAL A 398 -5.46 -25.66 -27.94
C VAL A 398 -4.36 -26.71 -28.07
N ASP A 399 -3.13 -26.27 -27.79
CA ASP A 399 -2.00 -27.18 -27.68
C ASP A 399 -1.90 -27.87 -26.32
N ALA A 400 -2.51 -27.32 -25.29
CA ALA A 400 -2.44 -27.88 -23.95
C ALA A 400 -3.58 -27.31 -23.11
N LEU A 401 -4.06 -28.10 -22.16
CA LEU A 401 -5.06 -27.64 -21.21
C LEU A 401 -4.50 -27.81 -19.80
N MET A 402 -4.28 -26.70 -19.09
CA MET A 402 -3.92 -26.74 -17.68
C MET A 402 -5.20 -26.76 -16.87
N VAL A 403 -5.34 -27.78 -16.03
CA VAL A 403 -6.55 -28.03 -15.27
C VAL A 403 -6.24 -27.66 -13.82
N ALA A 404 -6.64 -26.46 -13.43
CA ALA A 404 -6.35 -25.95 -12.09
C ALA A 404 -7.59 -26.06 -11.19
N THR A 405 -8.04 -27.29 -11.01
CA THR A 405 -9.31 -27.54 -10.32
C THR A 405 -9.12 -28.09 -8.91
N GLY A 406 -7.95 -27.93 -8.32
CA GLY A 406 -7.80 -28.21 -6.90
C GLY A 406 -7.52 -29.67 -6.60
N TYR A 407 -7.73 -30.01 -5.33
CA TYR A 407 -7.27 -31.28 -4.80
C TYR A 407 -8.34 -31.93 -3.94
N ASN A 408 -8.26 -33.26 -3.86
CA ASN A 408 -9.00 -34.07 -2.91
C ASN A 408 -8.05 -34.48 -1.78
N ARG A 409 -8.62 -34.74 -0.61
CA ARG A 409 -7.82 -35.20 0.53
C ARG A 409 -8.46 -36.43 1.13
N ASN A 410 -8.72 -37.43 0.30
CA ASN A 410 -9.27 -38.70 0.76
C ASN A 410 -8.43 -39.89 0.33
N ALA A 411 -7.22 -39.67 -0.19
CA ALA A 411 -6.43 -40.80 -0.67
C ALA A 411 -6.06 -41.75 0.46
N HIS A 412 -6.13 -41.31 1.71
CA HIS A 412 -5.88 -42.21 2.84
C HIS A 412 -6.92 -43.33 2.95
N GLU A 413 -8.14 -43.15 2.44
CA GLU A 413 -9.07 -44.27 2.57
C GLU A 413 -8.63 -45.45 1.69
N ARG A 414 -8.09 -45.17 0.49
CA ARG A 414 -7.52 -46.25 -0.32
C ARG A 414 -6.32 -46.88 0.37
N LEU A 415 -5.39 -46.06 0.85
CA LEU A 415 -4.18 -46.55 1.49
C LEU A 415 -4.50 -47.41 2.71
N LEU A 416 -5.58 -47.10 3.42
CA LEU A 416 -5.94 -47.82 4.64
C LEU A 416 -7.00 -48.88 4.40
N SER A 417 -7.30 -49.21 3.14
CA SER A 417 -8.43 -50.10 2.88
C SER A 417 -8.23 -51.44 3.56
N LYS A 418 -6.98 -51.91 3.63
CA LYS A 418 -6.72 -53.23 4.21
C LYS A 418 -6.77 -53.24 5.74
N VAL A 419 -7.02 -52.10 6.39
CA VAL A 419 -7.28 -52.06 7.82
C VAL A 419 -8.64 -51.46 8.16
N GLN A 420 -9.47 -51.12 7.16
CA GLN A 420 -10.73 -50.46 7.45
C GLN A 420 -11.75 -51.39 8.11
N HIS A 421 -11.52 -52.71 8.06
CA HIS A 421 -12.34 -53.65 8.81
C HIS A 421 -12.11 -53.55 10.31
N LEU A 422 -11.09 -52.81 10.75
CA LEU A 422 -10.86 -52.58 12.17
C LEU A 422 -11.61 -51.38 12.70
N ARG A 423 -12.24 -50.58 11.84
CA ARG A 423 -13.07 -49.47 12.29
C ARG A 423 -14.31 -50.01 12.98
N PRO A 424 -14.95 -49.22 13.83
CA PRO A 424 -16.22 -49.67 14.42
C PRO A 424 -17.24 -49.93 13.33
N THR A 425 -18.05 -50.96 13.54
CA THR A 425 -19.12 -51.32 12.63
C THR A 425 -19.98 -50.10 12.33
N GLY A 426 -20.34 -49.94 11.06
CA GLY A 426 -21.22 -48.87 10.64
C GLY A 426 -20.52 -47.60 10.23
N GLN A 427 -19.19 -47.58 10.19
CA GLN A 427 -18.44 -46.43 9.72
C GLN A 427 -17.89 -46.74 8.34
N ASP A 428 -18.13 -45.83 7.39
CA ASP A 428 -17.55 -45.91 6.07
C ASP A 428 -16.51 -44.81 5.82
N GLN A 429 -16.24 -43.98 6.82
CA GLN A 429 -15.13 -43.06 6.79
C GLN A 429 -14.37 -43.13 8.11
N TRP A 430 -13.07 -42.89 8.03
CA TRP A 430 -12.24 -42.83 9.24
C TRP A 430 -12.61 -41.59 10.04
N LYS A 431 -12.78 -41.76 11.35
CA LYS A 431 -13.17 -40.67 12.23
C LYS A 431 -12.02 -40.30 13.15
N PRO A 432 -11.35 -39.17 12.91
CA PRO A 432 -10.30 -38.74 13.84
C PRO A 432 -10.86 -37.99 15.04
N HIS A 433 -10.28 -38.24 16.20
CA HIS A 433 -10.60 -37.47 17.39
C HIS A 433 -9.76 -36.18 17.40
N ARG A 434 -9.89 -35.41 18.47
CA ARG A 434 -9.20 -34.13 18.58
C ARG A 434 -7.69 -34.28 18.44
N ASP A 435 -7.11 -35.34 19.01
CA ASP A 435 -5.68 -35.58 18.93
C ASP A 435 -5.29 -36.37 17.67
N TYR A 436 -6.19 -36.45 16.69
CA TYR A 436 -6.00 -36.93 15.33
C TYR A 436 -5.92 -38.46 15.23
N ARG A 437 -6.07 -39.19 16.34
CA ARG A 437 -6.10 -40.64 16.29
C ARG A 437 -7.47 -41.12 15.80
N VAL A 438 -7.49 -42.03 14.83
CA VAL A 438 -8.74 -42.50 14.26
C VAL A 438 -9.41 -43.53 15.18
N GLU A 439 -10.73 -43.54 15.15
CA GLU A 439 -11.51 -44.52 15.91
C GLU A 439 -11.28 -45.94 15.38
N MET A 440 -11.01 -46.85 16.30
CA MET A 440 -10.86 -48.28 16.01
C MET A 440 -11.77 -49.08 16.90
N ASP A 441 -12.27 -50.19 16.39
CA ASP A 441 -13.07 -51.11 17.19
C ASP A 441 -12.16 -51.68 18.28
N PRO A 442 -12.37 -51.32 19.56
CA PRO A 442 -11.45 -51.76 20.61
C PRO A 442 -11.43 -53.27 20.85
N SER A 443 -12.43 -54.01 20.35
CA SER A 443 -12.31 -55.47 20.45
C SER A 443 -11.37 -56.05 19.41
N LYS A 444 -10.90 -55.24 18.47
CA LYS A 444 -10.08 -55.71 17.37
C LYS A 444 -8.67 -55.14 17.34
N VAL A 445 -8.41 -54.03 18.03
CA VAL A 445 -7.13 -53.33 17.95
C VAL A 445 -6.62 -53.10 19.36
N SER A 446 -5.34 -53.39 19.57
CA SER A 446 -4.68 -53.20 20.85
C SER A 446 -4.53 -51.73 21.20
N SER A 447 -4.50 -51.46 22.51
CA SER A 447 -4.29 -50.10 23.01
C SER A 447 -2.91 -49.57 22.67
N GLU A 448 -1.97 -50.44 22.31
CA GLU A 448 -0.62 -49.99 22.00
C GLU A 448 -0.45 -49.58 20.55
N ALA A 449 -1.42 -49.87 19.68
CA ALA A 449 -1.36 -49.55 18.27
C ALA A 449 -2.41 -48.49 17.91
N GLY A 450 -2.14 -47.76 16.83
CA GLY A 450 -3.05 -46.72 16.40
C GLY A 450 -2.62 -46.12 15.08
N ILE A 451 -3.57 -45.41 14.46
CA ILE A 451 -3.35 -44.69 13.21
C ILE A 451 -3.85 -43.27 13.38
N TRP A 452 -3.00 -42.30 13.03
CA TRP A 452 -3.31 -40.88 13.07
C TRP A 452 -3.32 -40.34 11.65
N LEU A 453 -4.18 -39.35 11.42
CA LEU A 453 -4.27 -38.67 10.13
C LEU A 453 -3.84 -37.22 10.30
N GLN A 454 -3.13 -36.69 9.32
CA GLN A 454 -2.71 -35.30 9.32
C GLN A 454 -3.00 -34.68 7.97
N GLY A 455 -3.64 -33.50 7.99
CA GLY A 455 -3.82 -32.70 6.79
C GLY A 455 -5.10 -32.98 6.03
N CYS A 456 -5.87 -33.99 6.43
CA CYS A 456 -7.12 -34.34 5.74
C CYS A 456 -8.32 -34.20 6.67
N ASN A 457 -8.22 -33.40 7.73
CA ASN A 457 -9.23 -33.40 8.78
C ASN A 457 -9.96 -32.07 8.89
N GLU A 458 -10.04 -31.33 7.78
CA GLU A 458 -10.73 -30.05 7.75
C GLU A 458 -12.13 -30.14 8.39
N ARG A 459 -12.86 -31.22 8.10
CA ARG A 459 -14.24 -31.34 8.58
C ARG A 459 -14.33 -31.38 10.09
N THR A 460 -13.30 -31.90 10.75
CA THR A 460 -13.32 -31.98 12.20
C THR A 460 -12.42 -30.95 12.86
N HIS A 461 -11.42 -30.41 12.16
CA HIS A 461 -10.43 -29.55 12.79
C HIS A 461 -10.31 -28.16 12.20
N GLY A 462 -10.99 -27.85 11.09
CA GLY A 462 -11.03 -26.51 10.55
C GLY A 462 -10.15 -26.31 9.33
N LEU A 463 -10.28 -25.12 8.74
CA LEU A 463 -9.60 -24.82 7.47
C LEU A 463 -8.08 -24.84 7.60
N SER A 464 -7.55 -24.57 8.80
CA SER A 464 -6.11 -24.60 8.96
C SER A 464 -5.51 -25.99 8.86
N ASP A 465 -6.33 -27.05 8.79
CA ASP A 465 -5.78 -28.40 8.94
C ASP A 465 -4.84 -28.76 7.78
N SER A 466 -5.16 -28.33 6.56
CA SER A 466 -4.35 -28.71 5.42
C SER A 466 -3.24 -27.71 5.11
N LEU A 467 -3.10 -26.66 5.90
CA LEU A 467 -2.18 -25.58 5.63
C LEU A 467 -0.93 -25.72 6.48
N LEU A 468 -0.06 -24.74 6.39
CA LEU A 468 1.08 -24.63 7.28
C LEU A 468 0.70 -24.01 8.62
N SER A 469 -0.50 -23.43 8.69
CA SER A 469 -0.87 -22.49 9.76
C SER A 469 -0.58 -23.01 11.16
N VAL A 470 -0.94 -24.25 11.47
CA VAL A 470 -0.87 -24.71 12.85
C VAL A 470 0.15 -25.85 13.01
N LEU A 471 1.06 -26.02 12.04
CA LEU A 471 1.94 -27.19 12.04
C LEU A 471 2.87 -27.21 13.26
N ALA A 472 3.47 -26.07 13.60
CA ALA A 472 4.38 -26.03 14.76
C ALA A 472 3.67 -26.51 16.02
N VAL A 473 2.48 -25.95 16.29
CA VAL A 473 1.74 -26.33 17.49
C VAL A 473 1.22 -27.76 17.37
N ARG A 474 0.67 -28.13 16.22
CA ARG A 474 0.11 -29.47 16.05
C ARG A 474 1.21 -30.53 16.15
N GLY A 475 2.41 -30.21 15.65
CA GLY A 475 3.53 -31.11 15.83
C GLY A 475 3.80 -31.40 17.29
N GLY A 476 3.75 -30.36 18.14
CA GLY A 476 3.96 -30.59 19.56
C GLY A 476 2.87 -31.43 20.17
N GLU A 477 1.62 -31.20 19.76
CA GLU A 477 0.51 -32.02 20.25
C GLU A 477 0.68 -33.48 19.82
N MET A 478 1.10 -33.71 18.58
CA MET A 478 1.25 -35.08 18.09
C MET A 478 2.34 -35.81 18.85
N VAL A 479 3.45 -35.14 19.13
CA VAL A 479 4.52 -35.76 19.90
C VAL A 479 4.02 -36.13 21.29
N GLN A 480 3.22 -35.23 21.90
CA GLN A 480 2.67 -35.56 23.22
C GLN A 480 1.75 -36.77 23.12
N SER A 481 0.80 -36.72 22.19
CA SER A 481 -0.19 -37.78 22.10
C SER A 481 0.46 -39.12 21.75
N ILE A 482 1.55 -39.10 20.99
CA ILE A 482 2.18 -40.32 20.48
C ILE A 482 3.34 -40.78 21.38
N PHE A 483 4.13 -39.86 21.90
CA PHE A 483 5.32 -40.22 22.65
C PHE A 483 5.30 -39.73 24.09
N GLY A 484 4.23 -39.06 24.52
CA GLY A 484 4.20 -38.45 25.84
C GLY A 484 4.58 -39.37 26.97
N GLU A 485 3.87 -40.49 27.12
CA GLU A 485 4.19 -41.46 28.16
C GLU A 485 5.59 -41.99 27.98
N GLN A 486 5.93 -42.41 26.75
CA GLN A 486 7.27 -42.89 26.45
C GLN A 486 8.33 -41.88 26.89
N LEU A 487 8.10 -40.59 26.62
CA LEU A 487 9.09 -39.58 26.98
C LEU A 487 9.14 -39.35 28.49
N GLU A 488 8.00 -39.46 29.18
CA GLU A 488 7.99 -39.23 30.62
C GLU A 488 8.73 -40.30 31.40
N ARG A 489 8.99 -41.46 30.79
CA ARG A 489 9.69 -42.56 31.45
C ARG A 489 11.19 -42.60 31.13
N ARG B 30 19.12 -14.89 36.87
CA ARG B 30 20.32 -15.65 36.57
C ARG B 30 21.55 -14.75 36.68
N LEU B 31 21.35 -13.42 36.61
CA LEU B 31 22.40 -12.44 36.87
C LEU B 31 22.26 -11.92 38.29
N ARG B 32 23.27 -12.15 39.12
CA ARG B 32 23.14 -11.84 40.54
C ARG B 32 23.79 -10.50 40.86
N SER B 33 23.24 -9.85 41.88
CA SER B 33 23.68 -8.52 42.29
C SER B 33 25.12 -8.55 42.81
N THR B 34 25.79 -7.43 42.68
CA THR B 34 27.08 -7.21 43.30
C THR B 34 26.93 -6.24 44.46
N PRO B 35 27.50 -6.52 45.62
CA PRO B 35 27.41 -5.56 46.73
C PRO B 35 27.87 -4.18 46.30
N GLN B 36 27.13 -3.15 46.71
CA GLN B 36 27.40 -1.80 46.20
C GLN B 36 28.85 -1.38 46.39
N ASP B 37 29.48 -1.82 47.47
CA ASP B 37 30.80 -1.33 47.84
C ASP B 37 31.94 -2.22 47.37
N GLU B 38 31.65 -3.36 46.73
CA GLU B 38 32.72 -4.17 46.18
C GLU B 38 33.21 -3.58 44.86
N LEU B 39 34.40 -4.01 44.44
CA LEU B 39 34.99 -3.57 43.18
C LEU B 39 34.30 -4.27 42.01
N HIS B 40 33.62 -3.51 41.18
CA HIS B 40 32.92 -4.11 40.05
C HIS B 40 33.87 -4.39 38.89
N ASP B 41 33.51 -5.38 38.07
CA ASP B 41 34.16 -5.54 36.77
C ASP B 41 33.66 -4.51 35.77
N LEU B 42 32.34 -4.29 35.73
CA LEU B 42 31.75 -3.36 34.79
C LEU B 42 30.61 -2.59 35.44
N LEU B 43 30.61 -1.29 35.22
CA LEU B 43 29.48 -0.44 35.55
C LEU B 43 29.05 0.27 34.28
N CYS B 44 27.77 0.14 33.94
CA CYS B 44 27.20 0.81 32.79
C CYS B 44 26.39 1.99 33.27
N VAL B 45 26.64 3.15 32.68
CA VAL B 45 25.86 4.35 32.98
C VAL B 45 24.69 4.40 32.00
N GLY B 46 23.48 4.33 32.54
CA GLY B 46 22.27 4.29 31.74
C GLY B 46 21.77 2.87 31.56
N PHE B 47 20.45 2.69 31.63
CA PHE B 47 19.83 1.41 31.29
C PHE B 47 18.71 1.64 30.28
N GLY B 48 19.10 2.19 29.13
CA GLY B 48 18.25 2.21 27.97
C GLY B 48 18.51 0.97 27.14
N PRO B 49 17.98 0.93 25.91
CA PRO B 49 18.19 -0.24 25.04
C PRO B 49 19.64 -0.68 24.87
N ALA B 50 20.58 0.27 24.81
CA ALA B 50 21.97 -0.04 24.53
C ALA B 50 22.59 -0.87 25.64
N SER B 51 22.45 -0.40 26.87
CA SER B 51 22.96 -1.17 28.01
C SER B 51 22.20 -2.46 28.21
N LEU B 52 20.88 -2.41 27.98
CA LEU B 52 20.06 -3.61 28.12
C LEU B 52 20.52 -4.69 27.16
N ALA B 53 20.89 -4.31 25.94
CA ALA B 53 21.40 -5.27 24.96
C ALA B 53 22.68 -5.92 25.46
N ILE B 54 23.49 -5.19 26.22
CA ILE B 54 24.69 -5.77 26.83
C ILE B 54 24.31 -6.74 27.94
N ALA B 55 23.35 -6.37 28.80
CA ALA B 55 22.87 -7.30 29.82
C ALA B 55 22.34 -8.58 29.18
N ILE B 56 21.55 -8.44 28.11
CA ILE B 56 21.01 -9.62 27.42
C ILE B 56 22.14 -10.45 26.84
N ALA B 57 23.11 -9.81 26.17
CA ALA B 57 24.20 -10.59 25.59
C ALA B 57 25.04 -11.28 26.66
N LEU B 58 25.21 -10.65 27.83
CA LEU B 58 25.95 -11.28 28.90
C LEU B 58 25.19 -12.48 29.44
N HIS B 59 23.89 -12.30 29.70
CA HIS B 59 23.03 -13.42 30.05
C HIS B 59 23.14 -14.54 29.03
N ASP B 60 23.04 -14.20 27.74
CA ASP B 60 23.11 -15.24 26.72
C ASP B 60 24.48 -15.90 26.69
N ALA B 61 25.55 -15.13 26.90
CA ALA B 61 26.89 -15.73 26.89
C ALA B 61 27.09 -16.68 28.07
N LEU B 62 26.33 -16.48 29.15
CA LEU B 62 26.34 -17.34 30.33
C LEU B 62 25.33 -18.48 30.22
N ASP B 63 24.51 -18.49 29.19
CA ASP B 63 23.44 -19.47 29.09
C ASP B 63 23.99 -20.76 28.49
N PRO B 64 24.02 -21.87 29.22
CA PRO B 64 24.57 -23.12 28.65
C PRO B 64 23.77 -23.62 27.46
N ARG B 65 22.50 -23.22 27.35
CA ARG B 65 21.68 -23.60 26.22
C ARG B 65 22.17 -22.96 24.92
N LEU B 66 22.79 -21.80 25.01
CA LEU B 66 23.20 -21.05 23.82
C LEU B 66 24.68 -21.13 23.52
N ASN B 67 25.53 -21.27 24.53
CA ASN B 67 26.98 -21.28 24.31
C ASN B 67 27.61 -22.62 24.67
N GLN B 76 30.53 -15.59 37.26
CA GLN B 76 29.78 -14.43 36.76
C GLN B 76 30.51 -13.13 37.01
N PRO B 77 30.57 -12.29 35.98
CA PRO B 77 31.19 -10.97 36.15
C PRO B 77 30.38 -10.10 37.10
N LYS B 78 31.08 -9.18 37.76
CA LYS B 78 30.47 -8.28 38.74
C LYS B 78 30.03 -7.02 38.01
N ILE B 79 28.73 -6.93 37.71
CA ILE B 79 28.20 -5.93 36.81
C ILE B 79 27.03 -5.20 37.47
N CYS B 80 26.93 -3.90 37.22
CA CYS B 80 25.74 -3.16 37.58
C CYS B 80 25.45 -2.10 36.53
N PHE B 81 24.22 -1.60 36.59
CA PHE B 81 23.75 -0.58 35.68
C PHE B 81 23.10 0.50 36.53
N LEU B 82 23.35 1.74 36.18
CA LEU B 82 22.76 2.88 36.87
C LEU B 82 21.90 3.65 35.89
N GLU B 83 20.67 3.94 36.28
CA GLU B 83 19.68 4.57 35.42
C GLU B 83 18.99 5.67 36.21
N ARG B 84 18.93 6.88 35.65
CA ARG B 84 18.36 8.01 36.38
C ARG B 84 16.84 7.88 36.53
N GLN B 85 16.15 7.35 35.52
CA GLN B 85 14.72 7.18 35.61
C GLN B 85 14.41 6.14 36.70
N LYS B 86 13.19 6.22 37.23
CA LYS B 86 12.80 5.37 38.35
C LYS B 86 12.41 3.96 37.95
N GLN B 87 12.20 3.71 36.66
CA GLN B 87 11.98 2.39 36.12
C GLN B 87 12.40 2.46 34.65
N PHE B 88 12.50 1.31 33.99
CA PHE B 88 12.81 1.31 32.56
C PHE B 88 11.73 2.04 31.77
N ALA B 89 12.15 2.91 30.87
CA ALA B 89 11.26 3.68 30.01
C ALA B 89 12.00 4.07 28.75
N TRP B 90 11.35 3.91 27.60
CA TRP B 90 11.96 4.17 26.30
C TRP B 90 11.33 5.43 25.71
N HIS B 91 11.98 6.57 25.92
CA HIS B 91 11.50 7.88 25.48
C HIS B 91 10.03 8.08 25.84
N SER B 92 9.77 8.04 27.16
CA SER B 92 8.39 8.09 27.62
C SER B 92 7.74 9.43 27.31
N GLY B 93 8.54 10.50 27.20
CA GLY B 93 8.01 11.80 26.86
C GLY B 93 7.45 11.89 25.45
N MET B 94 7.77 10.93 24.60
CA MET B 94 7.28 10.94 23.23
C MET B 94 6.41 9.71 22.92
N LEU B 95 5.82 9.08 23.95
CA LEU B 95 4.93 7.93 23.74
C LEU B 95 3.55 8.46 23.37
N VAL B 96 3.47 9.04 22.18
CA VAL B 96 2.24 9.65 21.68
C VAL B 96 1.35 8.53 21.16
N PRO B 97 0.03 8.64 21.34
CA PRO B 97 -0.88 7.63 20.79
C PRO B 97 -0.61 7.38 19.31
N GLY B 98 -0.53 6.10 18.95
CA GLY B 98 -0.24 5.76 17.57
C GLY B 98 1.23 5.80 17.15
N SER B 99 2.15 6.19 18.03
CA SER B 99 3.53 6.22 17.58
C SER B 99 4.02 4.79 17.38
N LYS B 100 4.77 4.57 16.31
CA LYS B 100 5.25 3.25 15.92
C LYS B 100 6.76 3.23 15.98
N ALA B 101 7.32 2.09 16.39
CA ALA B 101 8.76 1.90 16.25
C ALA B 101 9.17 2.05 14.79
N GLN B 102 10.40 2.53 14.58
CA GLN B 102 10.91 2.78 13.24
C GLN B 102 11.98 1.76 12.87
N ILE B 103 11.78 0.54 13.35
CA ILE B 103 12.66 -0.57 13.07
C ILE B 103 11.80 -1.83 13.00
N SER B 104 12.11 -2.69 12.04
CA SER B 104 11.50 -4.02 12.02
C SER B 104 11.79 -4.72 13.33
N PHE B 105 10.79 -5.46 13.85
CA PHE B 105 10.98 -6.16 15.12
C PHE B 105 12.10 -7.19 15.04
N ILE B 106 12.51 -7.60 13.84
CA ILE B 106 13.63 -8.53 13.72
C ILE B 106 14.91 -7.90 14.29
N LYS B 107 14.98 -6.57 14.29
CA LYS B 107 16.09 -5.82 14.85
C LYS B 107 15.92 -5.57 16.34
N ASP B 108 15.32 -6.51 17.05
CA ASP B 108 15.13 -6.42 18.49
C ASP B 108 16.49 -6.58 19.17
N LEU B 109 16.49 -6.80 20.49
CA LEU B 109 17.75 -6.78 21.24
C LEU B 109 18.51 -8.10 21.20
N ALA B 110 18.04 -9.08 20.43
CA ALA B 110 18.74 -10.36 20.40
C ALA B 110 18.74 -11.07 19.05
N THR B 111 17.69 -10.94 18.24
CA THR B 111 17.49 -11.87 17.13
C THR B 111 18.65 -11.87 16.14
N LEU B 112 19.15 -10.68 15.76
CA LEU B 112 20.23 -10.64 14.78
C LEU B 112 21.51 -11.27 15.32
N ARG B 113 21.64 -11.39 16.64
CA ARG B 113 22.77 -12.09 17.21
C ARG B 113 22.48 -13.57 17.36
N ASP B 114 21.28 -13.93 17.81
CA ASP B 114 20.89 -15.31 17.98
C ASP B 114 19.37 -15.38 18.04
N PRO B 115 18.71 -15.86 16.98
CA PRO B 115 17.23 -15.92 17.01
C PRO B 115 16.67 -16.90 18.05
N ARG B 116 17.50 -17.76 18.64
CA ARG B 116 17.10 -18.71 19.68
C ARG B 116 17.08 -18.10 21.07
N SER B 117 17.57 -16.87 21.21
CA SER B 117 17.62 -16.25 22.52
C SER B 117 16.21 -16.13 23.08
N SER B 118 16.11 -16.24 24.40
CA SER B 118 14.83 -16.02 25.05
C SER B 118 14.47 -14.54 25.11
N PHE B 119 15.36 -13.64 24.71
CA PHE B 119 15.08 -12.21 24.74
C PHE B 119 14.62 -11.66 23.41
N THR B 120 14.21 -12.50 22.47
CA THR B 120 13.70 -11.99 21.22
C THR B 120 12.31 -11.38 21.42
N PHE B 121 11.95 -10.48 20.51
CA PHE B 121 10.60 -9.91 20.54
C PHE B 121 9.55 -11.01 20.35
N LEU B 122 9.79 -11.96 19.43
CA LEU B 122 8.82 -13.02 19.24
C LEU B 122 8.68 -13.91 20.47
N ASN B 123 9.78 -14.20 21.16
CA ASN B 123 9.64 -15.01 22.38
C ASN B 123 8.94 -14.25 23.49
N TYR B 124 9.22 -12.94 23.60
CA TYR B 124 8.45 -12.10 24.52
C TYR B 124 6.96 -12.23 24.24
N LEU B 125 6.56 -12.04 22.98
CA LEU B 125 5.16 -12.20 22.62
C LEU B 125 4.62 -13.56 23.03
N HIS B 126 5.42 -14.61 22.79
CA HIS B 126 5.01 -15.96 23.15
C HIS B 126 4.77 -16.07 24.64
N GLN B 127 5.68 -15.52 25.44
CA GLN B 127 5.54 -15.58 26.89
C GLN B 127 4.31 -14.79 27.36
N LYS B 128 3.95 -13.72 26.66
CA LYS B 128 2.75 -12.95 26.98
C LYS B 128 1.48 -13.57 26.44
N GLY B 129 1.58 -14.66 25.68
CA GLY B 129 0.40 -15.24 25.06
C GLY B 129 -0.18 -14.40 23.95
N ARG B 130 0.66 -13.62 23.27
CA ARG B 130 0.23 -12.65 22.27
C ARG B 130 0.86 -12.88 20.91
N LEU B 131 1.59 -13.99 20.72
CA LEU B 131 2.33 -14.21 19.49
C LEU B 131 1.40 -14.32 18.27
N ILE B 132 0.39 -15.20 18.33
CA ILE B 132 -0.49 -15.33 17.16
C ILE B 132 -1.22 -14.01 16.90
N HIS B 133 -1.59 -13.28 17.97
CA HIS B 133 -2.31 -12.02 17.79
C HIS B 133 -1.43 -10.98 17.10
N PHE B 134 -0.14 -10.91 17.46
CA PHE B 134 0.74 -10.00 16.74
C PHE B 134 0.88 -10.45 15.29
N THR B 135 0.92 -11.76 15.05
CA THR B 135 1.06 -12.27 13.69
C THR B 135 -0.09 -11.78 12.81
N ASN B 136 -1.31 -11.80 13.34
CA ASN B 136 -2.46 -11.30 12.57
C ASN B 136 -2.42 -9.79 12.34
N LEU B 137 -1.57 -9.04 13.04
CA LEU B 137 -1.43 -7.62 12.74
C LEU B 137 -0.78 -7.39 11.37
N SER B 138 0.09 -8.28 10.94
CA SER B 138 0.86 -8.13 9.69
C SER B 138 1.65 -6.82 9.66
N THR B 139 2.40 -6.55 10.73
CA THR B 139 3.25 -5.36 10.73
C THR B 139 4.63 -5.72 11.25
N PHE B 140 5.66 -5.13 10.66
CA PHE B 140 6.99 -5.25 11.23
C PHE B 140 7.25 -4.20 12.30
N LEU B 141 6.39 -3.19 12.40
CA LEU B 141 6.64 -1.97 13.16
C LEU B 141 5.71 -1.93 14.36
N PRO B 142 6.10 -2.46 15.51
CA PRO B 142 5.20 -2.46 16.66
C PRO B 142 4.95 -1.05 17.14
N ALA B 143 3.82 -0.88 17.83
CA ALA B 143 3.60 0.37 18.55
C ALA B 143 4.77 0.63 19.50
N ARG B 144 5.15 1.90 19.65
CA ARG B 144 6.22 2.22 20.60
C ARG B 144 5.86 1.72 22.00
N LEU B 145 4.59 1.86 22.38
CA LEU B 145 4.15 1.31 23.66
C LEU B 145 4.48 -0.17 23.77
N GLU B 146 4.27 -0.92 22.69
CA GLU B 146 4.51 -2.35 22.74
C GLU B 146 5.99 -2.64 22.78
N PHE B 147 6.78 -1.99 21.93
CA PHE B 147 8.21 -2.23 21.95
C PHE B 147 8.80 -1.79 23.29
N GLU B 148 8.29 -0.70 23.87
CA GLU B 148 8.72 -0.35 25.22
C GLU B 148 8.42 -1.48 26.19
N ASP B 149 7.21 -2.06 26.10
CA ASP B 149 6.89 -3.13 27.02
C ASP B 149 7.79 -4.33 26.81
N TYR B 150 8.11 -4.64 25.55
CA TYR B 150 9.02 -5.73 25.26
C TYR B 150 10.34 -5.50 25.97
N MET B 151 10.90 -4.31 25.83
CA MET B 151 12.17 -4.01 26.49
C MET B 151 12.01 -3.96 28.00
N ARG B 152 10.90 -3.43 28.50
CA ARG B 152 10.63 -3.50 29.93
C ARG B 152 10.63 -4.94 30.43
N TRP B 153 10.01 -5.84 29.68
CA TRP B 153 9.98 -7.25 30.03
C TRP B 153 11.40 -7.84 30.02
N CYS B 154 12.22 -7.45 29.05
CA CYS B 154 13.62 -7.85 29.08
C CYS B 154 14.30 -7.29 30.33
N ALA B 155 14.17 -5.99 30.53
CA ALA B 155 14.87 -5.35 31.64
C ALA B 155 14.47 -5.96 32.97
N GLN B 156 13.22 -6.41 33.10
CA GLN B 156 12.75 -6.88 34.42
C GLN B 156 13.55 -8.08 34.89
N GLN B 157 14.09 -8.85 33.96
CA GLN B 157 14.92 -9.98 34.34
C GLN B 157 16.30 -9.58 34.85
N PHE B 158 16.68 -8.29 34.76
CA PHE B 158 17.94 -7.80 35.30
C PHE B 158 17.76 -6.84 36.49
N SER B 159 16.60 -6.86 37.15
CA SER B 159 16.33 -5.86 38.20
C SER B 159 17.30 -5.97 39.37
N ASP B 160 17.90 -7.15 39.59
CA ASP B 160 18.87 -7.27 40.67
C ASP B 160 20.17 -6.53 40.39
N VAL B 161 20.47 -6.18 39.14
CA VAL B 161 21.74 -5.54 38.85
C VAL B 161 21.56 -4.13 38.31
N VAL B 162 20.34 -3.61 38.33
CA VAL B 162 20.05 -2.26 37.88
C VAL B 162 19.69 -1.41 39.09
N ALA B 163 20.38 -0.26 39.23
CA ALA B 163 20.04 0.73 40.24
C ALA B 163 19.31 1.88 39.55
N TYR B 164 17.99 1.90 39.70
CA TYR B 164 17.16 2.96 39.15
C TYR B 164 17.19 4.17 40.08
N GLY B 165 16.73 5.30 39.54
CA GLY B 165 16.72 6.55 40.28
C GLY B 165 18.09 7.07 40.66
N GLU B 166 19.12 6.68 39.91
CA GLU B 166 20.51 7.11 40.16
C GLU B 166 21.05 7.79 38.91
N GLU B 167 21.35 9.07 39.02
CA GLU B 167 21.92 9.85 37.93
C GLU B 167 23.43 9.97 38.15
N VAL B 168 24.21 9.31 37.29
CA VAL B 168 25.66 9.46 37.37
C VAL B 168 26.00 10.92 37.11
N VAL B 169 26.85 11.49 37.95
CA VAL B 169 27.20 12.90 37.85
C VAL B 169 28.70 13.07 37.59
N GLU B 170 29.53 12.13 38.04
CA GLU B 170 30.96 12.22 37.76
C GLU B 170 31.60 10.83 37.81
N VAL B 171 32.68 10.69 37.05
CA VAL B 171 33.54 9.51 37.04
C VAL B 171 34.94 9.99 37.39
N ILE B 172 35.52 9.46 38.45
CA ILE B 172 36.79 10.00 38.95
C ILE B 172 37.86 8.90 38.97
N PRO B 173 39.13 9.26 38.88
CA PRO B 173 40.18 8.24 38.79
C PRO B 173 40.32 7.48 40.11
N GLY B 174 40.69 6.20 40.00
CA GLY B 174 40.95 5.40 41.19
C GLY B 174 42.29 4.69 41.08
N LYS B 175 42.99 4.63 42.22
CA LYS B 175 44.30 4.00 42.35
C LYS B 175 44.31 3.07 43.55
N SER B 176 44.45 1.77 43.31
CA SER B 176 44.52 0.81 44.41
C SER B 176 45.71 1.09 45.32
N ASP B 177 46.79 1.62 44.76
CA ASP B 177 47.97 2.06 45.51
C ASP B 177 48.08 3.56 45.32
N PRO B 178 47.88 4.38 46.36
CA PRO B 178 47.85 5.83 46.17
C PRO B 178 49.09 6.40 45.50
N SER B 179 50.27 5.81 45.73
CA SER B 179 51.50 6.31 45.13
C SER B 179 51.82 5.62 43.82
N SER B 180 50.88 4.88 43.25
CA SER B 180 51.02 4.33 41.91
C SER B 180 50.79 5.43 40.87
N SER B 181 51.49 5.29 39.75
CA SER B 181 51.44 6.32 38.71
C SER B 181 50.29 6.13 37.74
N VAL B 182 49.53 5.04 37.87
CA VAL B 182 48.47 4.72 36.93
C VAL B 182 47.15 4.49 37.64
N VAL B 183 46.09 4.88 36.97
CA VAL B 183 44.72 4.62 37.42
C VAL B 183 44.34 3.18 37.07
N ASP B 184 43.83 2.44 38.06
CA ASP B 184 43.42 1.06 37.82
C ASP B 184 41.96 0.79 38.17
N PHE B 185 41.20 1.80 38.60
CA PHE B 185 39.76 1.65 38.68
C PHE B 185 39.15 3.02 38.58
N PHE B 186 37.82 3.06 38.51
CA PHE B 186 37.10 4.32 38.49
C PHE B 186 36.06 4.28 39.58
N THR B 187 35.82 5.42 40.20
CA THR B 187 34.72 5.60 41.13
C THR B 187 33.67 6.41 40.43
N VAL B 188 32.49 5.84 40.28
CA VAL B 188 31.35 6.50 39.63
C VAL B 188 30.43 7.00 40.72
N ARG B 189 30.18 8.32 40.75
CA ARG B 189 29.31 8.91 41.76
C ARG B 189 27.96 9.25 41.13
N SER B 190 26.89 8.85 41.81
CA SER B 190 25.56 9.04 41.27
C SER B 190 24.72 9.77 42.31
N ARG B 191 23.78 10.55 41.81
CA ARG B 191 22.91 11.32 42.66
C ARG B 191 21.52 10.68 42.68
N ASN B 192 21.03 10.39 43.88
CA ASN B 192 19.68 9.87 44.07
C ASN B 192 18.69 10.91 43.58
N VAL B 193 17.88 10.56 42.58
CA VAL B 193 16.97 11.55 42.00
C VAL B 193 15.91 11.99 43.00
N GLU B 194 15.61 11.16 43.98
CA GLU B 194 14.58 11.50 44.96
C GLU B 194 15.13 12.29 46.15
N THR B 195 16.27 11.89 46.72
CA THR B 195 16.79 12.52 47.93
C THR B 195 17.98 13.43 47.69
N GLY B 196 18.64 13.30 46.54
CA GLY B 196 19.84 14.03 46.26
C GLY B 196 21.09 13.45 46.87
N GLU B 197 21.02 12.33 47.59
CA GLU B 197 22.22 11.77 48.18
C GLU B 197 23.16 11.25 47.09
N ILE B 198 24.47 11.45 47.30
CA ILE B 198 25.51 10.97 46.41
C ILE B 198 26.00 9.59 46.86
N SER B 199 25.98 8.62 45.94
CA SER B 199 26.51 7.29 46.21
C SER B 199 27.71 7.03 45.29
N ALA B 200 28.58 6.13 45.71
CA ALA B 200 29.81 5.83 44.99
C ALA B 200 29.93 4.34 44.74
N ARG B 201 30.32 3.98 43.52
CA ARG B 201 30.62 2.61 43.17
C ARG B 201 31.97 2.56 42.49
N ARG B 202 32.80 1.59 42.87
CA ARG B 202 34.10 1.44 42.25
C ARG B 202 34.00 0.35 41.19
N THR B 203 34.74 0.53 40.10
CA THR B 203 34.66 -0.42 39.00
C THR B 203 35.95 -0.33 38.16
N ARG B 204 36.35 -1.47 37.60
CA ARG B 204 37.47 -1.51 36.68
C ARG B 204 37.12 -0.87 35.35
N LYS B 205 35.91 -1.14 34.87
CA LYS B 205 35.48 -0.78 33.54
C LYS B 205 34.15 -0.03 33.59
N VAL B 206 34.01 0.93 32.70
CA VAL B 206 32.81 1.76 32.62
C VAL B 206 32.28 1.74 31.20
N VAL B 207 30.96 1.63 31.06
CA VAL B 207 30.26 1.84 29.80
C VAL B 207 29.40 3.10 29.94
N ILE B 208 29.49 4.00 28.96
CA ILE B 208 28.63 5.18 28.90
C ILE B 208 27.64 4.97 27.76
N ALA B 209 26.36 4.78 28.09
CA ALA B 209 25.29 4.52 27.14
C ALA B 209 24.08 5.34 27.56
N ILE B 210 24.19 6.67 27.43
CA ILE B 210 23.24 7.60 28.02
C ILE B 210 22.38 8.28 26.97
N GLY B 211 22.41 7.81 25.73
CA GLY B 211 21.52 8.37 24.73
C GLY B 211 21.86 9.82 24.41
N GLY B 212 20.83 10.63 24.20
CA GLY B 212 21.01 12.00 23.83
C GLY B 212 20.43 12.97 24.85
N THR B 213 20.87 14.21 24.73
CA THR B 213 20.32 15.30 25.50
C THR B 213 19.57 16.22 24.54
N ALA B 214 18.53 16.85 25.05
CA ALA B 214 17.73 17.76 24.24
C ALA B 214 18.61 18.83 23.65
N LYS B 215 18.57 18.96 22.32
CA LYS B 215 19.25 20.06 21.64
C LYS B 215 18.27 21.20 21.50
N MET B 216 18.61 22.34 22.07
CA MET B 216 17.77 23.52 22.02
C MET B 216 18.45 24.63 21.23
N PRO B 217 17.70 25.39 20.41
CA PRO B 217 18.28 26.57 19.77
C PRO B 217 18.80 27.52 20.84
N SER B 218 19.99 28.07 20.59
CA SER B 218 20.63 28.91 21.60
C SER B 218 19.88 30.22 21.87
N GLY B 219 19.08 30.71 20.94
CA GLY B 219 18.36 31.95 21.22
C GLY B 219 17.03 31.82 21.93
N LEU B 220 16.58 30.59 22.29
CA LEU B 220 15.32 30.49 23.03
C LEU B 220 15.58 30.68 24.51
N PRO B 221 14.80 31.50 25.19
CA PRO B 221 14.95 31.64 26.65
C PRO B 221 14.45 30.41 27.39
N GLN B 222 14.82 30.34 28.67
CA GLN B 222 14.33 29.30 29.56
C GLN B 222 12.99 29.74 30.15
N ASP B 223 11.97 28.88 30.01
CA ASP B 223 10.63 29.21 30.46
C ASP B 223 9.83 27.92 30.60
N PRO B 224 8.98 27.79 31.62
CA PRO B 224 8.21 26.53 31.76
C PRO B 224 7.31 26.23 30.57
N ARG B 225 6.99 27.23 29.74
CA ARG B 225 6.15 27.05 28.56
C ARG B 225 6.92 26.68 27.30
N ILE B 226 8.25 26.68 27.35
CA ILE B 226 9.09 26.26 26.23
C ILE B 226 9.61 24.88 26.57
N ILE B 227 9.13 23.85 25.85
CA ILE B 227 9.32 22.46 26.27
C ILE B 227 9.91 21.65 25.13
N HIS B 228 11.03 21.00 25.39
CA HIS B 228 11.63 20.14 24.37
C HIS B 228 10.74 18.93 24.11
N SER B 229 10.80 18.43 22.87
CA SER B 229 9.94 17.32 22.44
C SER B 229 10.04 16.12 23.38
N SER B 230 11.25 15.87 23.92
CA SER B 230 11.49 14.73 24.77
C SER B 230 10.64 14.76 26.04
N LYS B 231 10.06 15.90 26.40
CA LYS B 231 9.22 16.05 27.58
C LYS B 231 7.77 16.37 27.24
N TYR B 232 7.34 16.06 26.01
CA TYR B 232 5.99 16.43 25.56
C TYR B 232 4.91 15.73 26.37
N CYS B 233 4.91 14.40 26.37
CA CYS B 233 3.86 13.67 27.07
C CYS B 233 3.93 13.83 28.57
N THR B 234 5.11 14.12 29.11
CA THR B 234 5.25 14.07 30.56
C THR B 234 5.03 15.42 31.21
N THR B 235 5.36 16.51 30.53
CA THR B 235 5.28 17.82 31.16
C THR B 235 4.23 18.73 30.54
N LEU B 236 3.96 18.63 29.24
CA LEU B 236 2.93 19.49 28.64
C LEU B 236 1.55 19.30 29.29
N PRO B 237 1.06 18.07 29.54
CA PRO B 237 -0.23 17.95 30.23
C PRO B 237 -0.29 18.66 31.58
N ALA B 238 0.80 18.63 32.35
CA ALA B 238 0.82 19.38 33.61
C ALA B 238 0.67 20.87 33.36
N LEU B 239 1.30 21.39 32.31
CA LEU B 239 1.25 22.83 32.03
C LEU B 239 -0.11 23.25 31.49
N LEU B 240 -0.64 22.51 30.51
CA LEU B 240 -1.93 22.80 29.89
C LEU B 240 -2.90 21.69 30.29
N LYS B 241 -3.62 21.90 31.39
CA LYS B 241 -4.44 20.85 31.99
C LYS B 241 -5.83 20.71 31.34
N ASP B 242 -6.34 21.75 30.69
CA ASP B 242 -7.70 21.73 30.15
C ASP B 242 -7.63 21.29 28.68
N LYS B 243 -7.92 20.02 28.42
CA LYS B 243 -7.78 19.50 27.07
C LYS B 243 -8.72 20.18 26.07
N SER B 244 -9.84 20.74 26.52
CA SER B 244 -10.77 21.37 25.59
C SER B 244 -10.57 22.87 25.45
N LYS B 245 -9.63 23.45 26.20
CA LYS B 245 -9.43 24.91 26.16
C LYS B 245 -8.79 25.30 24.83
N PRO B 246 -9.16 26.47 24.27
CA PRO B 246 -8.55 26.89 22.99
C PRO B 246 -7.12 27.42 23.11
N TYR B 247 -6.17 26.56 23.50
CA TYR B 247 -4.78 26.97 23.54
C TYR B 247 -4.24 27.24 22.14
N ASN B 248 -3.27 28.15 22.06
CA ASN B 248 -2.42 28.29 20.88
C ASN B 248 -1.11 27.60 21.20
N ILE B 249 -0.76 26.57 20.45
CA ILE B 249 0.41 25.74 20.71
C ILE B 249 1.26 25.74 19.45
N ALA B 250 2.53 26.15 19.57
CA ALA B 250 3.48 26.10 18.47
C ALA B 250 4.43 24.92 18.61
N VAL B 251 4.87 24.40 17.47
CA VAL B 251 5.84 23.32 17.39
C VAL B 251 6.96 23.80 16.50
N LEU B 252 8.19 23.71 16.99
CA LEU B 252 9.37 24.12 16.23
C LEU B 252 10.11 22.89 15.74
N GLY B 253 10.35 22.81 14.43
CA GLY B 253 11.02 21.68 13.81
C GLY B 253 10.21 21.06 12.68
N SER B 254 10.86 20.13 11.96
CA SER B 254 10.13 19.45 10.89
C SER B 254 10.61 18.02 10.66
N GLY B 255 11.24 17.40 11.66
CA GLY B 255 11.53 15.98 11.67
C GLY B 255 10.43 15.22 12.36
N GLN B 256 10.74 13.95 12.66
CA GLN B 256 9.74 13.01 13.16
C GLN B 256 9.14 13.45 14.49
N SER B 257 9.95 14.04 15.38
CA SER B 257 9.41 14.48 16.67
C SER B 257 8.39 15.58 16.46
N ALA B 258 8.74 16.55 15.61
CA ALA B 258 7.84 17.68 15.36
C ALA B 258 6.55 17.22 14.70
N ALA B 259 6.65 16.33 13.71
CA ALA B 259 5.47 15.87 13.01
C ALA B 259 4.55 15.09 13.95
N GLU B 260 5.12 14.20 14.77
CA GLU B 260 4.28 13.44 15.68
C GLU B 260 3.57 14.35 16.69
N ILE B 261 4.28 15.36 17.20
CA ILE B 261 3.67 16.25 18.18
C ILE B 261 2.58 17.10 17.55
N PHE B 262 2.89 17.73 16.42
CA PHE B 262 1.94 18.56 15.68
C PHE B 262 0.69 17.76 15.35
N HIS B 263 0.87 16.53 14.87
CA HIS B 263 -0.28 15.69 14.57
C HIS B 263 -1.05 15.33 15.85
N ASP B 264 -0.34 14.97 16.92
CA ASP B 264 -1.01 14.54 18.14
C ASP B 264 -1.75 15.68 18.83
N LEU B 265 -1.15 16.87 18.85
CA LEU B 265 -1.76 18.03 19.51
C LEU B 265 -3.16 18.29 18.99
N GLN B 266 -3.37 18.09 17.71
CA GLN B 266 -4.68 18.35 17.12
C GLN B 266 -5.73 17.40 17.66
N LYS B 267 -5.32 16.23 18.12
CA LYS B 267 -6.24 15.30 18.74
C LYS B 267 -6.25 15.44 20.26
N ARG B 268 -5.12 15.79 20.87
CA ARG B 268 -5.10 15.91 22.32
C ARG B 268 -5.83 17.15 22.80
N TYR B 269 -5.73 18.27 22.07
CA TYR B 269 -6.43 19.51 22.39
C TYR B 269 -7.30 19.88 21.19
N PRO B 270 -8.44 19.19 21.01
CA PRO B 270 -9.24 19.38 19.78
C PRO B 270 -9.62 20.81 19.41
N ASN B 271 -9.66 21.74 20.37
CA ASN B 271 -10.02 23.13 20.11
C ASN B 271 -8.82 24.06 20.04
N SER B 272 -7.61 23.52 20.11
CA SER B 272 -6.41 24.34 20.08
C SER B 272 -6.17 24.87 18.67
N ARG B 273 -5.31 25.88 18.59
CA ARG B 273 -4.77 26.37 17.31
C ARG B 273 -3.29 26.02 17.33
N THR B 274 -2.87 25.12 16.44
CA THR B 274 -1.47 24.69 16.39
C THR B 274 -0.77 25.30 15.19
N THR B 275 0.52 25.59 15.37
CA THR B 275 1.32 26.16 14.30
C THR B 275 2.63 25.39 14.26
N LEU B 276 2.93 24.80 13.11
CA LEU B 276 4.19 24.13 12.87
C LEU B 276 5.13 25.13 12.19
N ILE B 277 6.22 25.45 12.88
CA ILE B 277 7.19 26.43 12.42
C ILE B 277 8.44 25.68 12.01
N MET B 278 8.85 25.82 10.76
CA MET B 278 10.02 25.11 10.27
C MET B 278 10.84 26.05 9.41
N ARG B 279 12.16 25.87 9.43
CA ARG B 279 12.98 26.73 8.58
C ARG B 279 13.18 26.18 7.17
N ASP B 280 12.96 24.87 6.97
CA ASP B 280 12.84 24.28 5.65
C ASP B 280 11.53 24.70 5.00
N SER B 281 11.40 24.40 3.70
CA SER B 281 10.18 24.73 2.98
C SER B 281 9.08 23.69 3.18
N ALA B 282 9.42 22.48 3.60
CA ALA B 282 8.43 21.42 3.71
C ALA B 282 8.97 20.31 4.61
N MET B 283 8.06 19.56 5.24
CA MET B 283 8.44 18.26 5.78
C MET B 283 8.92 17.34 4.66
N ARG B 284 10.00 16.61 4.92
CA ARG B 284 10.53 15.75 3.88
C ARG B 284 10.50 14.28 4.32
N PRO B 285 10.34 13.35 3.38
CA PRO B 285 10.14 11.93 3.74
C PRO B 285 11.44 11.25 4.12
N SER B 286 11.35 10.36 5.10
CA SER B 286 12.47 9.51 5.41
C SER B 286 12.71 8.50 4.29
N ASP B 287 13.96 8.09 4.16
CA ASP B 287 14.38 7.16 3.14
C ASP B 287 14.31 5.76 3.74
N ASP B 288 13.30 5.00 3.35
CA ASP B 288 13.13 3.65 3.83
C ASP B 288 13.57 2.63 2.79
N SER B 289 14.14 3.09 1.68
CA SER B 289 14.40 2.25 0.53
C SER B 289 15.46 1.19 0.87
N PRO B 290 15.35 0.00 0.27
CA PRO B 290 16.14 -1.15 0.76
C PRO B 290 17.65 -1.09 0.54
N PHE B 291 18.17 -0.61 -0.61
CA PHE B 291 19.63 -0.58 -0.77
C PHE B 291 20.24 0.46 0.16
N VAL B 292 19.65 1.67 0.21
CA VAL B 292 20.17 2.72 1.08
C VAL B 292 20.20 2.25 2.53
N ASN B 293 19.16 1.58 2.99
CA ASN B 293 19.08 1.15 4.39
C ASN B 293 20.04 0.01 4.74
N GLU B 294 20.77 -0.54 3.77
CA GLU B 294 21.82 -1.49 4.13
C GLU B 294 22.96 -0.85 4.92
N ILE B 295 23.03 0.48 5.02
CA ILE B 295 24.00 1.12 5.93
C ILE B 295 23.73 0.75 7.38
N PHE B 296 22.53 0.27 7.69
CA PHE B 296 22.16 -0.11 9.04
C PHE B 296 22.43 -1.57 9.35
N ASN B 297 22.90 -2.34 8.36
CA ASN B 297 23.22 -3.73 8.62
C ASN B 297 24.31 -3.82 9.68
N PRO B 298 24.26 -4.80 10.59
CA PRO B 298 25.34 -4.91 11.60
C PRO B 298 26.71 -5.07 10.98
N GLU B 299 26.82 -5.87 9.91
CA GLU B 299 28.13 -6.14 9.34
C GLU B 299 28.71 -4.95 8.59
N ARG B 300 27.97 -3.85 8.43
CA ARG B 300 28.59 -2.68 7.84
C ARG B 300 29.47 -1.89 8.81
N VAL B 301 29.39 -2.18 10.11
CA VAL B 301 30.15 -1.36 11.07
C VAL B 301 31.65 -1.48 10.80
N ASP B 302 32.14 -2.68 10.51
CA ASP B 302 33.55 -2.85 10.19
C ASP B 302 33.99 -1.97 9.03
N LYS B 303 33.21 -1.97 7.94
CA LYS B 303 33.58 -1.22 6.74
C LYS B 303 33.51 0.28 6.99
N PHE B 304 32.43 0.75 7.63
CA PHE B 304 32.33 2.18 7.90
C PHE B 304 33.49 2.63 8.78
N TYR B 305 33.79 1.87 9.83
CA TYR B 305 34.87 2.27 10.75
C TYR B 305 36.21 2.34 10.04
N SER B 306 36.47 1.43 9.11
CA SER B 306 37.78 1.40 8.47
C SER B 306 37.97 2.51 7.45
N GLN B 307 36.98 3.37 7.25
CA GLN B 307 37.11 4.44 6.29
C GLN B 307 37.83 5.64 6.90
N SER B 308 38.40 6.47 6.02
CA SER B 308 39.01 7.72 6.46
C SER B 308 37.93 8.62 7.07
N ALA B 309 38.38 9.53 7.93
CA ALA B 309 37.43 10.48 8.50
C ALA B 309 36.70 11.26 7.41
N ALA B 310 37.42 11.62 6.34
CA ALA B 310 36.77 12.36 5.25
C ALA B 310 35.68 11.53 4.59
N GLU B 311 35.97 10.27 4.25
CA GLU B 311 34.94 9.45 3.62
C GLU B 311 33.79 9.21 4.59
N ARG B 312 34.09 9.07 5.88
CA ARG B 312 33.03 8.90 6.87
C ARG B 312 32.15 10.14 6.95
N GLN B 313 32.76 11.33 6.97
CA GLN B 313 32.01 12.57 6.93
C GLN B 313 31.12 12.62 5.70
N ARG B 314 31.69 12.32 4.52
CA ARG B 314 30.95 12.38 3.27
C ARG B 314 29.83 11.34 3.23
N SER B 315 30.09 10.16 3.78
CA SER B 315 29.06 9.12 3.81
C SER B 315 27.92 9.51 4.73
N LEU B 316 28.23 9.99 5.95
CA LEU B 316 27.19 10.38 6.88
C LEU B 316 26.32 11.49 6.30
N LEU B 317 26.94 12.44 5.60
CA LEU B 317 26.18 13.50 4.96
C LEU B 317 25.26 12.94 3.89
N ALA B 318 25.76 11.99 3.09
CA ALA B 318 24.95 11.46 1.98
C ALA B 318 23.70 10.74 2.47
N ASP B 319 23.76 10.13 3.66
CA ASP B 319 22.67 9.27 4.13
C ASP B 319 21.88 9.90 5.26
N LYS B 320 22.08 11.21 5.50
CA LYS B 320 21.45 11.87 6.63
C LYS B 320 19.93 11.78 6.57
N ALA B 321 19.36 11.68 5.36
CA ALA B 321 17.93 11.62 5.14
C ALA B 321 17.33 10.29 5.53
N THR B 322 18.12 9.31 5.94
CA THR B 322 17.53 8.06 6.40
C THR B 322 16.85 8.22 7.76
N ASN B 323 17.20 9.25 8.53
CA ASN B 323 16.66 9.40 9.87
C ASN B 323 16.49 10.86 10.27
N TYR B 324 17.42 11.73 9.88
CA TYR B 324 17.46 13.09 10.41
C TYR B 324 16.67 14.08 9.56
N SER B 325 15.89 14.92 10.25
CA SER B 325 15.11 16.00 9.62
C SER B 325 14.16 15.45 8.57
N VAL B 326 13.60 14.27 8.82
CA VAL B 326 12.71 13.64 7.86
C VAL B 326 11.60 12.96 8.63
N VAL B 327 10.48 12.70 7.95
CA VAL B 327 9.28 12.19 8.57
C VAL B 327 8.81 10.99 7.77
N ARG B 328 8.38 9.93 8.47
CA ARG B 328 7.80 8.79 7.78
C ARG B 328 6.71 9.25 6.83
N LEU B 329 6.81 8.80 5.57
CA LEU B 329 5.88 9.25 4.52
C LEU B 329 4.44 9.17 4.97
N GLU B 330 4.04 8.05 5.60
CA GLU B 330 2.65 7.88 5.98
C GLU B 330 2.17 8.99 6.92
N LEU B 331 3.03 9.39 7.88
CA LEU B 331 2.66 10.48 8.77
C LEU B 331 2.57 11.81 8.01
N ILE B 332 3.49 12.07 7.07
CA ILE B 332 3.37 13.29 6.27
C ILE B 332 2.02 13.31 5.56
N GLU B 333 1.64 12.19 4.97
CA GLU B 333 0.42 12.14 4.18
C GLU B 333 -0.82 12.34 5.05
N GLU B 334 -0.81 11.76 6.24
CA GLU B 334 -1.88 11.99 7.22
C GLU B 334 -1.99 13.48 7.54
N ILE B 335 -0.86 14.14 7.80
CA ILE B 335 -0.93 15.56 8.13
C ILE B 335 -1.43 16.35 6.92
N TYR B 336 -0.90 16.02 5.75
CA TYR B 336 -1.31 16.68 4.52
C TYR B 336 -2.82 16.53 4.29
N ASN B 337 -3.36 15.35 4.62
CA ASN B 337 -4.80 15.13 4.47
C ASN B 337 -5.61 16.03 5.40
N ASP B 338 -5.17 16.13 6.67
CA ASP B 338 -5.80 17.02 7.64
C ASP B 338 -5.77 18.46 7.18
N MET B 339 -4.65 18.90 6.61
CA MET B 339 -4.59 20.25 6.04
C MET B 339 -5.64 20.39 4.95
N TYR B 340 -5.70 19.39 4.07
CA TYR B 340 -6.64 19.45 2.96
C TYR B 340 -8.07 19.62 3.46
N LEU B 341 -8.45 18.89 4.51
CA LEU B 341 -9.82 18.97 5.01
C LEU B 341 -10.14 20.38 5.50
N GLN B 342 -9.16 21.05 6.12
CA GLN B 342 -9.35 22.45 6.47
C GLN B 342 -9.58 23.28 5.23
N ARG B 343 -8.85 22.97 4.15
CA ARG B 343 -9.02 23.73 2.93
C ARG B 343 -10.42 23.55 2.35
N VAL B 344 -10.98 22.35 2.50
CA VAL B 344 -12.35 22.11 2.04
C VAL B 344 -13.31 23.06 2.75
N LYS B 345 -13.13 23.23 4.07
CA LYS B 345 -14.01 24.08 4.86
C LYS B 345 -13.75 25.57 4.64
N ASN B 346 -12.52 25.95 4.40
CA ASN B 346 -12.23 27.37 4.23
C ASN B 346 -11.03 27.53 3.30
N PRO B 347 -11.19 28.17 2.14
CA PRO B 347 -10.07 28.27 1.20
C PRO B 347 -8.93 29.16 1.68
N ASP B 348 -9.16 30.03 2.67
CA ASP B 348 -8.13 30.95 3.14
C ASP B 348 -7.33 30.25 4.24
N GLU B 349 -6.08 29.87 3.92
CA GLU B 349 -5.21 29.17 4.87
C GLU B 349 -4.93 30.00 6.12
N THR B 350 -4.95 31.33 6.01
CA THR B 350 -4.71 32.18 7.18
C THR B 350 -5.78 31.97 8.25
N GLN B 351 -6.95 31.50 7.88
CA GLN B 351 -8.03 31.29 8.83
C GLN B 351 -8.11 29.86 9.36
N TRP B 352 -7.17 28.99 8.99
CA TRP B 352 -7.21 27.59 9.44
C TRP B 352 -6.87 27.47 10.93
N GLN B 353 -7.50 26.48 11.57
CA GLN B 353 -7.19 26.16 12.94
C GLN B 353 -5.74 25.72 13.11
N HIS B 354 -5.29 24.77 12.30
CA HIS B 354 -3.96 24.19 12.42
C HIS B 354 -3.14 24.55 11.19
N ARG B 355 -1.99 25.19 11.39
CA ARG B 355 -1.24 25.76 10.28
C ARG B 355 0.23 25.36 10.31
N ILE B 356 0.84 25.42 9.13
CA ILE B 356 2.26 25.17 8.93
C ILE B 356 2.86 26.47 8.40
N LEU B 357 3.88 26.98 9.09
CA LEU B 357 4.59 28.19 8.66
C LEU B 357 5.99 27.82 8.21
N PRO B 358 6.18 27.48 6.93
CA PRO B 358 7.50 27.05 6.46
C PRO B 358 8.43 28.23 6.20
N GLU B 359 9.72 27.91 6.15
CA GLU B 359 10.78 28.89 5.90
C GLU B 359 10.72 30.05 6.89
N ARG B 360 10.53 29.71 8.16
CA ARG B 360 10.48 30.70 9.24
C ARG B 360 11.53 30.31 10.27
N LYS B 361 12.07 31.31 10.98
CA LYS B 361 12.88 31.09 12.17
C LYS B 361 12.44 32.04 13.28
N ILE B 362 12.61 31.59 14.51
CA ILE B 362 12.26 32.37 15.70
C ILE B 362 13.43 33.28 16.05
N THR B 363 13.18 34.60 16.01
CA THR B 363 14.20 35.59 16.32
C THR B 363 14.09 36.19 17.71
N ARG B 364 12.95 36.02 18.41
CA ARG B 364 12.83 36.53 19.77
C ARG B 364 11.60 35.89 20.41
N VAL B 365 11.69 35.66 21.72
CA VAL B 365 10.56 35.22 22.52
C VAL B 365 10.36 36.19 23.67
N GLU B 366 9.17 36.78 23.76
CA GLU B 366 8.79 37.56 24.94
C GLU B 366 8.08 36.62 25.90
N HIS B 367 8.52 36.60 27.17
CA HIS B 367 7.99 35.61 28.09
C HIS B 367 7.97 36.06 29.55
N HIS B 368 7.92 37.37 29.81
CA HIS B 368 7.90 37.85 31.18
C HIS B 368 6.57 38.48 31.52
N GLY B 369 6.22 38.43 32.80
CA GLY B 369 4.94 38.89 33.27
C GLY B 369 4.03 37.71 33.52
N PRO B 370 2.94 37.94 34.25
CA PRO B 370 2.03 36.84 34.60
C PRO B 370 1.15 36.33 33.47
N GLN B 371 1.18 36.94 32.29
CA GLN B 371 0.27 36.53 31.23
C GLN B 371 0.51 35.08 30.82
N SER B 372 -0.49 34.50 30.18
CA SER B 372 -0.43 33.07 29.88
C SER B 372 0.41 32.83 28.64
N ARG B 373 0.29 33.70 27.65
CA ARG B 373 0.92 33.47 26.37
C ARG B 373 2.27 34.16 26.26
N MET B 374 3.21 33.50 25.61
CA MET B 374 4.45 34.10 25.14
C MET B 374 4.21 34.68 23.76
N ARG B 375 5.05 35.64 23.40
CA ARG B 375 5.02 36.22 22.06
C ARG B 375 6.26 35.75 21.31
N ILE B 376 6.04 35.01 20.22
CA ILE B 376 7.11 34.45 19.41
C ILE B 376 7.26 35.31 18.18
N HIS B 377 8.47 35.81 17.94
CA HIS B 377 8.78 36.65 16.79
C HIS B 377 9.37 35.79 15.68
N LEU B 378 8.78 35.86 14.49
CA LEU B 378 9.22 35.06 13.35
C LEU B 378 9.78 35.95 12.26
N LYS B 379 10.84 35.47 11.62
CA LYS B 379 11.36 36.04 10.39
C LYS B 379 11.62 34.91 9.42
N SER B 380 11.75 35.28 8.15
CA SER B 380 12.10 34.30 7.12
C SER B 380 13.41 33.62 7.49
N SER B 381 13.51 32.33 7.16
CA SER B 381 14.75 31.60 7.35
C SER B 381 15.73 31.77 6.18
N LYS B 382 15.38 32.57 5.18
CA LYS B 382 16.25 32.85 4.06
C LYS B 382 17.53 33.55 4.51
N PRO B 383 18.67 33.30 3.82
CA PRO B 383 19.89 34.07 4.08
C PRO B 383 19.77 35.50 3.56
N LYS B 393 8.71 40.75 9.70
CA LYS B 393 8.45 40.07 10.96
C LYS B 393 6.96 39.64 11.12
N GLU B 394 6.72 38.46 11.68
CA GLU B 394 5.41 38.05 12.17
C GLU B 394 5.56 37.60 13.62
N THR B 395 4.47 37.72 14.39
CA THR B 395 4.48 37.27 15.78
C THR B 395 3.30 36.34 16.06
N LEU B 396 3.56 35.32 16.88
CA LEU B 396 2.55 34.39 17.36
C LEU B 396 2.42 34.52 18.87
N GLU B 397 1.19 34.47 19.35
CA GLU B 397 0.92 34.41 20.78
C GLU B 397 0.60 32.95 21.08
N VAL B 398 1.41 32.32 21.92
CA VAL B 398 1.26 30.89 22.17
C VAL B 398 1.23 30.65 23.68
N ASP B 399 0.42 29.69 24.10
CA ASP B 399 0.43 29.17 25.45
C ASP B 399 1.60 28.24 25.73
N ALA B 400 2.17 27.63 24.69
CA ALA B 400 3.28 26.71 24.89
C ALA B 400 4.00 26.56 23.56
N LEU B 401 5.32 26.38 23.65
CA LEU B 401 6.16 26.13 22.50
C LEU B 401 6.83 24.77 22.69
N MET B 402 6.47 23.80 21.85
CA MET B 402 7.15 22.53 21.81
C MET B 402 8.33 22.66 20.85
N VAL B 403 9.53 22.37 21.35
CA VAL B 403 10.77 22.54 20.61
C VAL B 403 11.24 21.14 20.21
N ALA B 404 10.97 20.76 18.97
CA ALA B 404 11.31 19.45 18.46
C ALA B 404 12.54 19.55 17.56
N THR B 405 13.64 19.98 18.16
CA THR B 405 14.85 20.31 17.42
C THR B 405 15.96 19.29 17.63
N GLY B 406 15.62 18.09 18.12
CA GLY B 406 16.56 16.98 18.14
C GLY B 406 17.46 16.94 19.35
N TYR B 407 18.52 16.15 19.21
CA TYR B 407 19.36 15.79 20.35
C TYR B 407 20.83 15.94 19.99
N ASN B 408 21.63 16.19 21.00
CA ASN B 408 23.08 16.08 20.95
C ASN B 408 23.48 14.80 21.65
N ARG B 409 24.65 14.27 21.29
CA ARG B 409 25.19 13.09 21.96
C ARG B 409 26.63 13.36 22.42
N ASN B 410 26.81 14.44 23.20
CA ASN B 410 28.13 14.79 23.72
C ASN B 410 28.18 14.86 25.24
N ALA B 411 27.13 14.43 25.94
CA ALA B 411 27.12 14.58 27.39
C ALA B 411 28.17 13.70 28.07
N HIS B 412 28.65 12.66 27.39
CA HIS B 412 29.71 11.84 28.00
C HIS B 412 30.96 12.68 28.28
N GLU B 413 31.17 13.75 27.50
CA GLU B 413 32.35 14.56 27.74
C GLU B 413 32.26 15.26 29.08
N ARG B 414 31.06 15.73 29.43
CA ARG B 414 30.83 16.32 30.75
C ARG B 414 30.98 15.28 31.86
N LEU B 415 30.31 14.14 31.74
CA LEU B 415 30.36 13.12 32.79
C LEU B 415 31.78 12.64 33.05
N LEU B 416 32.62 12.61 32.01
CA LEU B 416 33.97 12.08 32.12
C LEU B 416 35.02 13.17 32.32
N SER B 417 34.60 14.39 32.62
CA SER B 417 35.55 15.50 32.69
C SER B 417 36.62 15.23 33.73
N LYS B 418 36.27 14.59 34.84
CA LYS B 418 37.30 14.36 35.86
C LYS B 418 38.25 13.22 35.53
N VAL B 419 38.08 12.54 34.39
CA VAL B 419 39.07 11.57 33.92
C VAL B 419 39.65 11.93 32.56
N GLN B 420 39.30 13.09 32.01
CA GLN B 420 39.78 13.40 30.67
C GLN B 420 41.27 13.68 30.62
N HIS B 421 41.94 13.92 31.76
CA HIS B 421 43.39 14.03 31.79
C HIS B 421 44.07 12.70 31.49
N LEU B 422 43.32 11.62 31.46
CA LEU B 422 43.87 10.31 31.13
C LEU B 422 43.88 10.04 29.63
N ARG B 423 43.23 10.88 28.83
CA ARG B 423 43.28 10.74 27.38
C ARG B 423 44.69 11.03 26.85
N PRO B 424 45.05 10.46 25.71
CA PRO B 424 46.32 10.83 25.09
C PRO B 424 46.32 12.31 24.75
N THR B 425 47.49 12.92 24.92
CA THR B 425 47.71 14.31 24.57
C THR B 425 47.20 14.61 23.17
N GLY B 426 46.56 15.77 23.02
CA GLY B 426 46.13 16.17 21.70
C GLY B 426 44.73 15.75 21.34
N GLN B 427 44.00 15.15 22.28
CA GLN B 427 42.60 14.81 22.08
C GLN B 427 41.75 15.72 22.96
N ASP B 428 40.74 16.34 22.35
CA ASP B 428 39.75 17.08 23.10
C ASP B 428 38.40 16.38 23.06
N GLN B 429 38.32 15.20 22.44
CA GLN B 429 37.16 14.33 22.48
C GLN B 429 37.60 12.91 22.80
N TRP B 430 36.71 12.14 23.42
CA TRP B 430 36.99 10.72 23.63
C TRP B 430 36.98 10.01 22.27
N LYS B 431 37.99 9.17 22.05
CA LYS B 431 38.16 8.48 20.77
C LYS B 431 37.91 6.98 20.93
N PRO B 432 36.79 6.46 20.47
CA PRO B 432 36.54 5.01 20.59
C PRO B 432 37.26 4.22 19.49
N HIS B 433 37.77 3.05 19.84
CA HIS B 433 38.27 2.13 18.85
C HIS B 433 37.12 1.36 18.23
N ARG B 434 37.44 0.42 17.32
CA ARG B 434 36.38 -0.34 16.66
C ARG B 434 35.50 -1.04 17.68
N ASP B 435 36.09 -1.50 18.79
CA ASP B 435 35.35 -2.20 19.85
C ASP B 435 34.79 -1.27 20.91
N TYR B 436 34.72 0.04 20.63
CA TYR B 436 34.04 1.07 21.40
C TYR B 436 34.82 1.49 22.65
N ARG B 437 35.97 0.89 22.92
CA ARG B 437 36.82 1.28 24.04
C ARG B 437 37.59 2.55 23.67
N VAL B 438 37.51 3.57 24.52
CA VAL B 438 38.15 4.85 24.21
C VAL B 438 39.64 4.76 24.49
N GLU B 439 40.41 5.50 23.70
CA GLU B 439 41.84 5.56 23.87
C GLU B 439 42.23 6.20 25.20
N MET B 440 43.16 5.57 25.90
CA MET B 440 43.75 6.09 27.12
C MET B 440 45.26 6.09 26.98
N ASP B 441 45.89 7.08 27.61
CA ASP B 441 47.34 7.16 27.71
C ASP B 441 47.81 5.96 28.54
N PRO B 442 48.53 4.99 27.97
CA PRO B 442 48.91 3.81 28.75
C PRO B 442 49.87 4.10 29.89
N SER B 443 50.57 5.24 29.88
CA SER B 443 51.39 5.57 31.03
C SER B 443 50.56 6.06 32.20
N LYS B 444 49.27 6.29 31.98
CA LYS B 444 48.40 6.84 33.00
C LYS B 444 47.29 5.91 33.47
N VAL B 445 46.94 4.89 32.68
CA VAL B 445 45.81 4.02 32.95
C VAL B 445 46.24 2.56 32.81
N SER B 446 45.87 1.72 33.76
CA SER B 446 46.16 0.30 33.65
C SER B 446 45.37 -0.35 32.53
N SER B 447 45.96 -1.36 31.88
CA SER B 447 45.26 -2.03 30.80
C SER B 447 44.03 -2.78 31.29
N GLU B 448 43.93 -3.07 32.59
CA GLU B 448 42.76 -3.76 33.12
C GLU B 448 41.59 -2.83 33.41
N ALA B 449 41.78 -1.51 33.27
CA ALA B 449 40.71 -0.54 33.43
C ALA B 449 40.39 0.08 32.08
N GLY B 450 39.15 0.54 31.90
CA GLY B 450 38.79 1.12 30.63
C GLY B 450 37.40 1.72 30.61
N ILE B 451 37.16 2.54 29.60
CA ILE B 451 35.87 3.19 29.39
C ILE B 451 35.43 2.96 27.96
N TRP B 452 34.19 2.49 27.81
CA TRP B 452 33.56 2.24 26.53
C TRP B 452 32.39 3.19 26.33
N LEU B 453 32.13 3.58 25.08
CA LEU B 453 31.00 4.44 24.76
C LEU B 453 30.03 3.68 23.86
N GLN B 454 28.74 3.92 24.06
CA GLN B 454 27.67 3.34 23.27
C GLN B 454 26.68 4.44 22.91
N GLY B 455 26.31 4.50 21.63
CA GLY B 455 25.24 5.36 21.17
C GLY B 455 25.65 6.74 20.75
N CYS B 456 26.91 7.15 20.98
CA CYS B 456 27.40 8.47 20.62
C CYS B 456 28.53 8.41 19.60
N ASN B 457 28.63 7.32 18.85
CA ASN B 457 29.79 7.07 18.00
C ASN B 457 29.44 7.09 16.52
N GLU B 458 28.39 7.84 16.17
CA GLU B 458 27.95 7.95 14.77
C GLU B 458 29.11 8.27 13.83
N ARG B 459 29.97 9.20 14.24
CA ARG B 459 31.02 9.68 13.35
C ARG B 459 32.07 8.61 13.06
N THR B 460 32.26 7.65 13.97
CA THR B 460 33.24 6.59 13.75
C THR B 460 32.64 5.26 13.36
N HIS B 461 31.37 5.00 13.70
CA HIS B 461 30.74 3.70 13.53
C HIS B 461 29.50 3.70 12.65
N GLY B 462 29.03 4.87 12.22
CA GLY B 462 27.94 4.98 11.26
C GLY B 462 26.62 5.38 11.92
N LEU B 463 25.64 5.64 11.04
CA LEU B 463 24.33 6.11 11.48
C LEU B 463 23.60 5.10 12.35
N SER B 464 23.90 3.80 12.22
CA SER B 464 23.24 2.82 13.08
C SER B 464 23.63 2.92 14.55
N ASP B 465 24.63 3.73 14.89
CA ASP B 465 25.19 3.66 16.23
C ASP B 465 24.22 4.10 17.30
N SER B 466 23.40 5.11 17.03
CA SER B 466 22.49 5.63 18.05
C SER B 466 21.12 4.96 18.02
N LEU B 467 20.90 4.02 17.11
CA LEU B 467 19.58 3.45 16.94
C LEU B 467 19.46 2.09 17.65
N LEU B 468 18.32 1.42 17.44
CA LEU B 468 18.17 0.03 17.86
C LEU B 468 18.84 -0.94 16.89
N SER B 469 19.23 -0.46 15.71
CA SER B 469 19.56 -1.31 14.55
C SER B 469 20.56 -2.42 14.87
N VAL B 470 21.69 -2.10 15.49
CA VAL B 470 22.78 -3.08 15.64
C VAL B 470 22.99 -3.48 17.09
N LEU B 471 22.01 -3.23 17.96
CA LEU B 471 22.22 -3.45 19.40
C LEU B 471 22.42 -4.93 19.74
N ALA B 472 21.65 -5.83 19.12
CA ALA B 472 21.83 -7.25 19.42
C ALA B 472 23.26 -7.69 19.10
N VAL B 473 23.74 -7.38 17.90
CA VAL B 473 25.08 -7.80 17.52
C VAL B 473 26.12 -7.08 18.38
N ARG B 474 25.96 -5.77 18.57
CA ARG B 474 26.95 -5.00 19.32
C ARG B 474 27.00 -5.44 20.78
N GLY B 475 25.85 -5.79 21.36
CA GLY B 475 25.89 -6.35 22.70
C GLY B 475 26.79 -7.56 22.80
N GLY B 476 26.71 -8.44 21.79
CA GLY B 476 27.60 -9.60 21.76
C GLY B 476 29.06 -9.22 21.61
N GLU B 477 29.35 -8.21 20.78
CA GLU B 477 30.72 -7.72 20.64
C GLU B 477 31.23 -7.13 21.95
N MET B 478 30.40 -6.34 22.65
CA MET B 478 30.80 -5.70 23.89
C MET B 478 31.07 -6.72 24.99
N VAL B 479 30.25 -7.77 25.09
CA VAL B 479 30.52 -8.80 26.09
C VAL B 479 31.84 -9.48 25.80
N GLN B 480 32.14 -9.74 24.52
CA GLN B 480 33.43 -10.33 24.19
C GLN B 480 34.57 -9.38 24.51
N SER B 481 34.42 -8.11 24.11
CA SER B 481 35.48 -7.14 24.36
C SER B 481 35.74 -6.97 25.87
N ILE B 482 34.68 -6.83 26.66
CA ILE B 482 34.80 -6.51 28.08
C ILE B 482 35.04 -7.74 28.95
N PHE B 483 34.45 -8.88 28.60
CA PHE B 483 34.50 -10.08 29.43
C PHE B 483 35.07 -11.30 28.75
N GLY B 484 35.58 -11.19 27.52
CA GLY B 484 36.05 -12.34 26.79
C GLY B 484 37.06 -13.18 27.57
N GLU B 485 38.14 -12.54 28.01
CA GLU B 485 39.15 -13.27 28.77
C GLU B 485 38.55 -13.88 30.01
N GLN B 486 37.81 -13.07 30.79
CA GLN B 486 37.20 -13.53 32.03
C GLN B 486 36.37 -14.79 31.83
N LEU B 487 35.57 -14.85 30.76
CA LEU B 487 34.71 -16.01 30.57
C LEU B 487 35.52 -17.24 30.17
N GLU B 488 36.45 -17.09 29.24
CA GLU B 488 37.35 -18.17 28.85
C GLU B 488 38.19 -18.66 30.04
N LEU C 31 -8.19 23.80 -36.47
CA LEU C 31 -7.01 24.57 -36.87
C LEU C 31 -6.59 24.23 -38.29
N ARG C 32 -6.64 25.20 -39.19
CA ARG C 32 -6.42 24.98 -40.61
C ARG C 32 -5.00 25.39 -41.00
N SER C 33 -4.51 24.76 -42.08
CA SER C 33 -3.14 24.97 -42.54
C SER C 33 -2.89 26.39 -43.05
N THR C 34 -1.66 26.84 -42.88
CA THR C 34 -1.17 28.05 -43.52
C THR C 34 -0.16 27.66 -44.58
N PRO C 35 -0.28 28.18 -45.81
CA PRO C 35 0.69 27.84 -46.86
C PRO C 35 2.12 28.09 -46.39
N GLN C 36 3.01 27.14 -46.72
CA GLN C 36 4.37 27.14 -46.16
C GLN C 36 5.09 28.47 -46.35
N ASP C 37 4.78 29.19 -47.43
CA ASP C 37 5.54 30.38 -47.79
C ASP C 37 4.94 31.68 -47.23
N GLU C 38 3.79 31.64 -46.57
CA GLU C 38 3.23 32.85 -46.00
C GLU C 38 3.92 33.22 -44.68
N LEU C 39 3.78 34.49 -44.29
CA LEU C 39 4.32 34.97 -43.02
C LEU C 39 3.41 34.49 -41.91
N HIS C 40 3.91 33.59 -41.08
CA HIS C 40 3.14 33.04 -39.98
C HIS C 40 3.06 34.02 -38.82
N ASP C 41 2.03 33.84 -37.99
CA ASP C 41 2.02 34.52 -36.70
C ASP C 41 2.96 33.82 -35.72
N LEU C 42 2.91 32.49 -35.67
CA LEU C 42 3.74 31.71 -34.75
C LEU C 42 4.25 30.45 -35.43
N LEU C 43 5.52 30.14 -35.21
CA LEU C 43 6.08 28.86 -35.62
C LEU C 43 6.67 28.21 -34.39
N CYS C 44 6.24 26.98 -34.11
CA CYS C 44 6.75 26.21 -32.98
C CYS C 44 7.74 25.15 -33.46
N VAL C 45 8.90 25.14 -32.85
CA VAL C 45 9.91 24.13 -33.11
C VAL C 45 9.71 23.01 -32.08
N GLY C 46 9.41 21.81 -32.59
CA GLY C 46 9.09 20.65 -31.79
C GLY C 46 7.59 20.46 -31.66
N PHE C 47 7.11 19.21 -31.75
CA PHE C 47 5.73 18.89 -31.43
C PHE C 47 5.73 17.72 -30.44
N GLY C 48 6.38 17.96 -29.31
CA GLY C 48 6.23 17.13 -28.15
C GLY C 48 5.13 17.67 -27.25
N PRO C 49 5.05 17.14 -26.03
CA PRO C 49 4.00 17.58 -25.10
C PRO C 49 3.90 19.09 -24.91
N ALA C 50 5.03 19.82 -24.89
CA ALA C 50 5.01 21.26 -24.65
C ALA C 50 4.35 22.02 -25.80
N SER C 51 4.77 21.74 -27.04
CA SER C 51 4.12 22.41 -28.18
C SER C 51 2.66 21.98 -28.33
N LEU C 52 2.38 20.70 -28.07
CA LEU C 52 1.01 20.21 -28.16
C LEU C 52 0.11 20.93 -27.16
N ALA C 53 0.64 21.21 -25.96
CA ALA C 53 -0.14 21.93 -24.97
C ALA C 53 -0.54 23.30 -25.46
N ILE C 54 0.33 23.95 -26.23
CA ILE C 54 0.01 25.25 -26.81
C ILE C 54 -1.04 25.11 -27.90
N ALA C 55 -0.91 24.11 -28.77
CA ALA C 55 -1.93 23.86 -29.77
C ALA C 55 -3.29 23.63 -29.12
N ILE C 56 -3.32 22.80 -28.08
CA ILE C 56 -4.56 22.50 -27.39
C ILE C 56 -5.16 23.77 -26.77
N ALA C 57 -4.31 24.57 -26.11
CA ALA C 57 -4.82 25.81 -25.51
C ALA C 57 -5.31 26.81 -26.56
N LEU C 58 -4.67 26.84 -27.73
CA LEU C 58 -5.15 27.71 -28.79
C LEU C 58 -6.51 27.22 -29.30
N HIS C 59 -6.64 25.91 -29.54
CA HIS C 59 -7.93 25.35 -29.90
C HIS C 59 -9.00 25.73 -28.88
N ASP C 60 -8.70 25.57 -27.60
CA ASP C 60 -9.68 25.86 -26.56
C ASP C 60 -10.02 27.34 -26.50
N ALA C 61 -9.03 28.21 -26.71
CA ALA C 61 -9.34 29.63 -26.71
C ALA C 61 -10.20 30.00 -27.90
N LEU C 62 -10.11 29.24 -28.97
CA LEU C 62 -10.93 29.49 -30.15
C LEU C 62 -12.30 28.85 -30.07
N ASP C 63 -12.54 28.02 -29.06
CA ASP C 63 -13.79 27.26 -28.94
C ASP C 63 -14.84 28.08 -28.22
N PRO C 64 -15.97 28.40 -28.86
CA PRO C 64 -17.01 29.18 -28.15
C PRO C 64 -17.60 28.48 -26.93
N ARG C 65 -17.54 27.15 -26.84
CA ARG C 65 -18.06 26.52 -25.63
C ARG C 65 -17.26 26.89 -24.40
N LEU C 66 -15.95 27.11 -24.55
CA LEU C 66 -15.10 27.32 -23.41
C LEU C 66 -14.77 28.79 -23.18
N ASN C 67 -14.68 29.58 -24.24
CA ASN C 67 -14.35 31.00 -24.12
C ASN C 67 -15.50 31.87 -24.60
N GLN C 76 -8.53 32.97 -37.70
CA GLN C 76 -7.61 32.01 -37.09
C GLN C 76 -6.17 32.52 -37.21
N PRO C 77 -5.41 32.45 -36.13
CA PRO C 77 -3.98 32.79 -36.22
C PRO C 77 -3.27 31.83 -37.16
N LYS C 78 -2.25 32.35 -37.83
CA LYS C 78 -1.48 31.58 -38.81
C LYS C 78 -0.36 30.87 -38.05
N ILE C 79 -0.56 29.58 -37.76
CA ILE C 79 0.32 28.86 -36.86
C ILE C 79 0.81 27.58 -37.54
N CYS C 80 2.02 27.17 -37.16
CA CYS C 80 2.72 26.05 -37.78
C CYS C 80 3.61 25.38 -36.74
N PHE C 81 3.63 24.06 -36.75
CA PHE C 81 4.52 23.29 -35.89
C PHE C 81 5.46 22.49 -36.78
N LEU C 82 6.72 22.39 -36.34
CA LEU C 82 7.74 21.61 -37.05
C LEU C 82 8.27 20.54 -36.09
N GLU C 83 8.25 19.28 -36.53
CA GLU C 83 8.62 18.17 -35.67
C GLU C 83 9.52 17.20 -36.43
N ARG C 84 10.64 16.82 -35.81
CA ARG C 84 11.61 15.97 -36.49
C ARG C 84 11.07 14.57 -36.72
N GLN C 85 10.38 14.00 -35.73
CA GLN C 85 9.88 12.63 -35.86
C GLN C 85 8.79 12.56 -36.93
N LYS C 86 8.55 11.34 -37.42
CA LYS C 86 7.57 11.16 -38.49
C LYS C 86 6.13 11.17 -37.99
N GLN C 87 5.91 11.03 -36.68
CA GLN C 87 4.60 11.15 -36.08
C GLN C 87 4.84 11.55 -34.62
N PHE C 88 3.77 11.88 -33.91
CA PHE C 88 3.96 12.17 -32.50
C PHE C 88 4.49 10.93 -31.76
N ALA C 89 5.48 11.14 -30.91
CA ALA C 89 6.04 10.06 -30.11
C ALA C 89 6.67 10.65 -28.86
N TRP C 90 6.40 10.03 -27.70
CA TRP C 90 6.81 10.51 -26.39
C TRP C 90 7.91 9.61 -25.80
N HIS C 91 9.17 9.98 -26.01
CA HIS C 91 10.33 9.19 -25.61
C HIS C 91 10.15 7.72 -25.98
N SER C 92 9.97 7.49 -27.28
CA SER C 92 9.68 6.13 -27.72
C SER C 92 10.85 5.21 -27.46
N GLY C 93 12.07 5.75 -27.39
CA GLY C 93 13.22 4.92 -27.07
C GLY C 93 13.20 4.34 -25.67
N MET C 94 12.39 4.89 -24.76
CA MET C 94 12.34 4.39 -23.40
C MET C 94 10.97 3.82 -23.04
N LEU C 95 10.19 3.43 -24.05
CA LEU C 95 8.87 2.84 -23.81
C LEU C 95 9.04 1.35 -23.47
N VAL C 96 9.64 1.09 -22.32
CA VAL C 96 9.92 -0.28 -21.91
C VAL C 96 8.64 -0.91 -21.39
N PRO C 97 8.44 -2.21 -21.57
CA PRO C 97 7.25 -2.85 -21.02
C PRO C 97 7.08 -2.50 -19.54
N GLY C 98 5.85 -2.16 -19.17
CA GLY C 98 5.50 -1.86 -17.80
C GLY C 98 5.82 -0.46 -17.30
N SER C 99 6.47 0.39 -18.09
CA SER C 99 6.81 1.73 -17.59
C SER C 99 5.58 2.60 -17.46
N LYS C 100 5.54 3.40 -16.39
CA LYS C 100 4.41 4.22 -16.04
C LYS C 100 4.75 5.69 -16.16
N ALA C 101 3.76 6.49 -16.56
CA ALA C 101 3.92 7.93 -16.45
C ALA C 101 4.11 8.32 -14.99
N GLN C 102 4.89 9.37 -14.77
CA GLN C 102 5.24 9.83 -13.42
C GLN C 102 4.47 11.09 -13.05
N ILE C 103 3.21 11.14 -13.49
CA ILE C 103 2.34 12.27 -13.23
C ILE C 103 0.93 11.74 -13.08
N SER C 104 0.21 12.24 -12.08
CA SER C 104 -1.21 11.98 -12.00
C SER C 104 -1.86 12.43 -13.31
N PHE C 105 -2.79 11.61 -13.82
CA PHE C 105 -3.42 11.98 -15.08
C PHE C 105 -4.15 13.31 -15.00
N ILE C 106 -4.47 13.77 -13.79
CA ILE C 106 -5.09 15.08 -13.68
C ILE C 106 -4.16 16.15 -14.22
N LYS C 107 -2.85 15.89 -14.23
CA LYS C 107 -1.88 16.82 -14.79
C LYS C 107 -1.71 16.65 -16.30
N ASP C 108 -2.78 16.27 -16.99
CA ASP C 108 -2.73 16.09 -18.42
C ASP C 108 -2.58 17.44 -19.11
N LEU C 109 -2.80 17.47 -20.42
CA LEU C 109 -2.54 18.67 -21.20
C LEU C 109 -3.65 19.69 -21.17
N ALA C 110 -4.73 19.47 -20.42
CA ALA C 110 -5.79 20.49 -20.42
C ALA C 110 -6.48 20.67 -19.07
N THR C 111 -6.59 19.61 -18.25
CA THR C 111 -7.51 19.62 -17.11
C THR C 111 -7.19 20.74 -16.11
N LEU C 112 -5.92 20.96 -15.81
CA LEU C 112 -5.63 21.97 -14.80
C LEU C 112 -5.97 23.37 -15.28
N ARG C 113 -6.08 23.58 -16.59
CA ARG C 113 -6.52 24.85 -17.15
C ARG C 113 -8.06 24.89 -17.29
N ASP C 114 -8.67 23.79 -17.71
CA ASP C 114 -10.12 23.73 -17.88
C ASP C 114 -10.56 22.27 -17.94
N PRO C 115 -11.17 21.71 -16.89
CA PRO C 115 -11.60 20.31 -16.92
C PRO C 115 -12.68 20.04 -17.96
N ARG C 116 -13.31 21.07 -18.51
CA ARG C 116 -14.30 20.89 -19.56
C ARG C 116 -13.70 20.67 -20.93
N SER C 117 -12.38 20.82 -21.07
CA SER C 117 -11.78 20.72 -22.39
C SER C 117 -12.00 19.32 -22.94
N SER C 118 -12.14 19.24 -24.27
CA SER C 118 -12.24 17.94 -24.90
C SER C 118 -10.89 17.23 -25.00
N PHE C 119 -9.80 17.90 -24.64
CA PHE C 119 -8.48 17.28 -24.66
C PHE C 119 -8.04 16.76 -23.29
N THR C 120 -8.96 16.60 -22.32
CA THR C 120 -8.53 16.01 -21.06
C THR C 120 -8.29 14.51 -21.23
N PHE C 121 -7.49 13.93 -20.34
CA PHE C 121 -7.26 12.49 -20.39
C PHE C 121 -8.56 11.73 -20.22
N LEU C 122 -9.43 12.17 -19.30
CA LEU C 122 -10.70 11.47 -19.11
C LEU C 122 -11.56 11.54 -20.36
N ASN C 123 -11.56 12.69 -21.07
CA ASN C 123 -12.38 12.73 -22.26
C ASN C 123 -11.84 11.82 -23.35
N TYR C 124 -10.51 11.74 -23.46
CA TYR C 124 -9.88 10.78 -24.36
C TYR C 124 -10.36 9.36 -24.07
N LEU C 125 -10.29 8.93 -22.80
CA LEU C 125 -10.78 7.59 -22.46
C LEU C 125 -12.23 7.40 -22.88
N HIS C 126 -13.08 8.40 -22.61
CA HIS C 126 -14.48 8.30 -23.00
C HIS C 126 -14.60 8.13 -24.51
N GLN C 127 -13.83 8.91 -25.30
CA GLN C 127 -13.89 8.76 -26.74
C GLN C 127 -13.39 7.38 -27.21
N LYS C 128 -12.44 6.79 -26.49
CA LYS C 128 -11.95 5.45 -26.81
C LYS C 128 -12.87 4.34 -26.30
N GLY C 129 -13.95 4.67 -25.58
CA GLY C 129 -14.76 3.65 -24.96
C GLY C 129 -14.07 2.94 -23.81
N ARG C 130 -13.17 3.64 -23.13
CA ARG C 130 -12.33 2.98 -22.15
C ARG C 130 -12.38 3.63 -20.76
N LEU C 131 -13.26 4.60 -20.53
CA LEU C 131 -13.25 5.37 -19.29
C LEU C 131 -13.52 4.50 -18.05
N ILE C 132 -14.61 3.72 -18.07
CA ILE C 132 -14.94 2.90 -16.91
C ILE C 132 -13.85 1.87 -16.66
N HIS C 133 -13.26 1.34 -17.74
CA HIS C 133 -12.21 0.34 -17.57
C HIS C 133 -10.99 0.95 -16.92
N PHE C 134 -10.61 2.17 -17.30
CA PHE C 134 -9.51 2.84 -16.62
C PHE C 134 -9.88 3.14 -15.18
N THR C 135 -11.16 3.48 -14.94
CA THR C 135 -11.62 3.76 -13.58
C THR C 135 -11.40 2.55 -12.68
N ASN C 136 -11.72 1.36 -13.19
CA ASN C 136 -11.53 0.12 -12.43
C ASN C 136 -10.06 -0.21 -12.17
N LEU C 137 -9.14 0.45 -12.87
CA LEU C 137 -7.72 0.24 -12.60
C LEU C 137 -7.30 0.77 -11.23
N SER C 138 -7.97 1.83 -10.74
CA SER C 138 -7.62 2.52 -9.50
C SER C 138 -6.16 2.97 -9.51
N THR C 139 -5.75 3.69 -10.56
CA THR C 139 -4.41 4.24 -10.60
C THR C 139 -4.44 5.65 -11.20
N PHE C 140 -3.62 6.54 -10.65
CA PHE C 140 -3.47 7.84 -11.28
C PHE C 140 -2.41 7.83 -12.35
N LEU C 141 -1.61 6.77 -12.45
CA LEU C 141 -0.37 6.75 -13.22
C LEU C 141 -0.55 5.82 -14.41
N PRO C 142 -1.00 6.32 -15.56
CA PRO C 142 -1.18 5.44 -16.70
C PRO C 142 0.15 4.85 -17.12
N ALA C 143 0.09 3.74 -17.82
CA ALA C 143 1.26 3.25 -18.54
C ALA C 143 1.75 4.34 -19.50
N ARG C 144 3.08 4.46 -19.63
CA ARG C 144 3.61 5.43 -20.60
C ARG C 144 3.04 5.18 -21.98
N LEU C 145 2.90 3.90 -22.37
CA LEU C 145 2.29 3.59 -23.65
C LEU C 145 0.93 4.24 -23.79
N GLU C 146 0.12 4.18 -22.72
CA GLU C 146 -1.23 4.75 -22.77
C GLU C 146 -1.21 6.26 -22.80
N PHE C 147 -0.36 6.88 -21.97
CA PHE C 147 -0.30 8.34 -21.97
C PHE C 147 0.23 8.85 -23.29
N GLU C 148 1.19 8.14 -23.89
CA GLU C 148 1.60 8.49 -25.24
C GLU C 148 0.42 8.45 -26.18
N ASP C 149 -0.37 7.39 -26.10
CA ASP C 149 -1.52 7.28 -27.01
C ASP C 149 -2.50 8.43 -26.80
N TYR C 150 -2.73 8.82 -25.53
CA TYR C 150 -3.59 9.97 -25.26
C TYR C 150 -3.06 11.21 -25.97
N MET C 151 -1.78 11.51 -25.82
CA MET C 151 -1.19 12.70 -26.45
C MET C 151 -1.19 12.57 -27.97
N ARG C 152 -0.91 11.37 -28.51
CA ARG C 152 -1.05 11.16 -29.95
C ARG C 152 -2.49 11.42 -30.41
N TRP C 153 -3.49 11.00 -29.61
CA TRP C 153 -4.88 11.27 -29.94
C TRP C 153 -5.14 12.77 -30.00
N CYS C 154 -4.59 13.53 -29.04
CA CYS C 154 -4.66 14.99 -29.10
C CYS C 154 -3.97 15.51 -30.35
N ALA C 155 -2.73 15.07 -30.59
CA ALA C 155 -1.94 15.58 -31.71
C ALA C 155 -2.62 15.37 -33.05
N GLN C 156 -3.37 14.27 -33.22
CA GLN C 156 -3.94 13.97 -34.52
C GLN C 156 -4.91 15.06 -34.97
N GLN C 157 -5.54 15.75 -34.02
CA GLN C 157 -6.46 16.83 -34.34
C GLN C 157 -5.76 18.09 -34.80
N PHE C 158 -4.42 18.13 -34.78
CA PHE C 158 -3.67 19.25 -35.31
C PHE C 158 -2.88 18.86 -36.56
N SER C 159 -3.26 17.78 -37.25
CA SER C 159 -2.42 17.29 -38.34
C SER C 159 -2.29 18.31 -39.46
N ASP C 160 -3.27 19.21 -39.62
CA ASP C 160 -3.19 20.20 -40.67
C ASP C 160 -2.15 21.29 -40.41
N VAL C 161 -1.69 21.45 -39.17
CA VAL C 161 -0.76 22.51 -38.85
C VAL C 161 0.58 21.99 -38.34
N VAL C 162 0.78 20.68 -38.34
CA VAL C 162 2.07 20.09 -37.97
C VAL C 162 2.68 19.46 -39.21
N ALA C 163 3.92 19.83 -39.52
CA ALA C 163 4.69 19.17 -40.57
C ALA C 163 5.67 18.23 -39.88
N TYR C 164 5.41 16.92 -40.00
CA TYR C 164 6.30 15.94 -39.40
C TYR C 164 7.52 15.70 -40.29
N GLY C 165 8.53 15.03 -39.74
CA GLY C 165 9.74 14.75 -40.51
C GLY C 165 10.51 15.97 -40.94
N GLU C 166 10.46 17.05 -40.14
CA GLU C 166 11.16 18.30 -40.42
C GLU C 166 12.06 18.60 -39.24
N GLU C 167 13.37 18.63 -39.47
CA GLU C 167 14.33 18.93 -38.41
C GLU C 167 14.80 20.38 -38.58
N VAL C 168 14.37 21.24 -37.66
CA VAL C 168 14.79 22.63 -37.67
C VAL C 168 16.29 22.72 -37.42
N VAL C 169 16.98 23.54 -38.21
CA VAL C 169 18.43 23.65 -38.09
C VAL C 169 18.85 25.05 -37.70
N GLU C 170 18.09 26.07 -38.09
CA GLU C 170 18.51 27.42 -37.72
C GLU C 170 17.34 28.39 -37.74
N VAL C 171 17.48 29.43 -36.93
CA VAL C 171 16.56 30.56 -36.89
C VAL C 171 17.37 31.80 -37.28
N ILE C 172 16.89 32.52 -38.30
CA ILE C 172 17.66 33.56 -38.97
C ILE C 172 16.89 34.87 -38.90
N PRO C 173 17.55 36.00 -38.72
CA PRO C 173 16.83 37.28 -38.63
C PRO C 173 16.21 37.65 -39.97
N GLY C 174 15.08 38.33 -39.89
CA GLY C 174 14.40 38.82 -41.08
C GLY C 174 13.98 40.27 -40.92
N LYS C 175 14.08 41.02 -42.01
CA LYS C 175 13.70 42.44 -42.05
C LYS C 175 12.77 42.65 -43.24
N SER C 176 11.49 42.88 -42.97
CA SER C 176 10.55 43.13 -44.07
C SER C 176 10.94 44.35 -44.89
N ASP C 177 11.68 45.28 -44.30
CA ASP C 177 12.32 46.35 -45.06
C ASP C 177 13.81 46.19 -44.86
N PRO C 178 14.54 45.63 -45.85
CA PRO C 178 15.96 45.31 -45.63
C PRO C 178 16.82 46.52 -45.31
N SER C 179 16.45 47.72 -45.77
CA SER C 179 17.21 48.92 -45.47
C SER C 179 17.03 49.41 -44.05
N SER C 180 15.92 49.03 -43.39
CA SER C 180 15.71 49.44 -42.01
C SER C 180 16.68 48.71 -41.09
N SER C 181 16.72 49.15 -39.83
CA SER C 181 17.67 48.62 -38.86
C SER C 181 17.02 47.69 -37.84
N VAL C 182 15.75 47.36 -38.00
CA VAL C 182 15.02 46.57 -37.02
C VAL C 182 14.63 45.23 -37.61
N VAL C 183 14.81 44.18 -36.83
CA VAL C 183 14.35 42.86 -37.22
C VAL C 183 12.88 42.74 -36.84
N ASP C 184 12.05 42.34 -37.80
CA ASP C 184 10.62 42.26 -37.57
C ASP C 184 10.02 40.88 -37.89
N PHE C 185 10.83 39.91 -38.30
CA PHE C 185 10.38 38.53 -38.40
C PHE C 185 11.59 37.63 -38.35
N PHE C 186 11.33 36.33 -38.33
CA PHE C 186 12.38 35.33 -38.32
C PHE C 186 12.09 34.31 -39.41
N THR C 187 13.16 33.80 -39.99
CA THR C 187 13.07 32.71 -40.96
C THR C 187 13.54 31.45 -40.26
N VAL C 188 12.66 30.45 -40.21
CA VAL C 188 12.97 29.16 -39.62
C VAL C 188 13.26 28.19 -40.76
N ARG C 189 14.46 27.63 -40.72
CA ARG C 189 14.92 26.70 -41.75
C ARG C 189 14.93 25.29 -41.17
N SER C 190 14.31 24.35 -41.89
CA SER C 190 14.18 22.97 -41.45
C SER C 190 14.66 22.03 -42.55
N ARG C 191 15.15 20.87 -42.13
CA ARG C 191 15.61 19.84 -43.04
C ARG C 191 14.59 18.72 -43.10
N ASN C 192 14.10 18.42 -44.30
CA ASN C 192 13.21 17.29 -44.46
C ASN C 192 13.96 16.00 -44.18
N VAL C 193 13.46 15.21 -43.22
CA VAL C 193 14.20 14.02 -42.78
C VAL C 193 14.32 12.99 -43.90
N GLU C 194 13.36 12.94 -44.81
CA GLU C 194 13.37 11.91 -45.86
C GLU C 194 14.28 12.31 -47.02
N THR C 195 14.23 13.57 -47.44
CA THR C 195 15.01 13.99 -48.60
C THR C 195 16.24 14.79 -48.25
N GLY C 196 16.29 15.37 -47.06
CA GLY C 196 17.39 16.24 -46.69
C GLY C 196 17.32 17.65 -47.27
N GLU C 197 16.29 17.96 -48.04
CA GLU C 197 16.18 19.31 -48.59
C GLU C 197 15.86 20.31 -47.49
N ILE C 198 16.42 21.50 -47.60
CA ILE C 198 16.11 22.56 -46.64
C ILE C 198 14.91 23.32 -47.18
N SER C 199 14.00 23.68 -46.29
CA SER C 199 12.92 24.60 -46.63
C SER C 199 12.88 25.71 -45.58
N ALA C 200 12.37 26.87 -45.97
CA ALA C 200 12.32 28.03 -45.10
C ALA C 200 10.87 28.43 -44.83
N ARG C 201 10.58 28.75 -43.57
CA ARG C 201 9.29 29.29 -43.17
C ARG C 201 9.51 30.60 -42.42
N ARG C 202 8.74 31.62 -42.79
CA ARG C 202 8.85 32.95 -42.18
C ARG C 202 7.75 33.15 -41.15
N THR C 203 8.09 33.83 -40.05
CA THR C 203 7.17 33.97 -38.93
C THR C 203 7.53 35.18 -38.10
N ARG C 204 6.51 35.77 -37.47
CA ARG C 204 6.74 36.87 -36.54
C ARG C 204 7.32 36.36 -35.24
N LYS C 205 6.81 35.22 -34.75
CA LYS C 205 7.13 34.72 -33.43
C LYS C 205 7.55 33.25 -33.51
N VAL C 206 8.50 32.87 -32.67
CA VAL C 206 9.06 31.53 -32.66
C VAL C 206 8.93 30.97 -31.25
N VAL C 207 8.52 29.71 -31.15
CA VAL C 207 8.60 28.94 -29.91
C VAL C 207 9.61 27.82 -30.13
N ILE C 208 10.55 27.68 -29.19
CA ILE C 208 11.50 26.58 -29.18
C ILE C 208 11.06 25.63 -28.06
N ALA C 209 10.61 24.44 -28.44
CA ALA C 209 10.12 23.47 -27.47
C ALA C 209 10.65 22.09 -27.87
N ILE C 210 11.97 21.90 -27.75
CA ILE C 210 12.67 20.75 -28.31
C ILE C 210 13.13 19.76 -27.25
N GLY C 211 12.67 19.90 -26.00
CA GLY C 211 13.03 18.91 -25.00
C GLY C 211 14.52 18.92 -24.72
N GLY C 212 15.09 17.72 -24.48
CA GLY C 212 16.49 17.61 -24.14
C GLY C 212 17.28 16.73 -25.10
N THR C 213 18.60 16.81 -25.04
CA THR C 213 19.49 15.96 -25.81
C THR C 213 20.26 15.03 -24.87
N ALA C 214 20.59 13.85 -25.37
CA ALA C 214 21.29 12.86 -24.58
C ALA C 214 22.60 13.42 -24.05
N LYS C 215 22.78 13.38 -22.74
CA LYS C 215 24.05 13.72 -22.11
C LYS C 215 24.86 12.44 -21.90
N MET C 216 26.06 12.41 -22.47
CA MET C 216 27.02 11.32 -22.41
C MET C 216 28.24 11.75 -21.60
N PRO C 217 28.82 10.86 -20.79
CA PRO C 217 30.11 11.19 -20.17
C PRO C 217 31.15 11.45 -21.24
N SER C 218 31.92 12.52 -21.04
CA SER C 218 32.84 12.95 -22.09
C SER C 218 33.96 11.94 -22.33
N GLY C 219 34.38 11.22 -21.31
CA GLY C 219 35.44 10.27 -21.60
C GLY C 219 35.03 9.00 -22.31
N LEU C 220 33.73 8.78 -22.60
CA LEU C 220 33.36 7.57 -23.32
C LEU C 220 33.56 7.74 -24.83
N PRO C 221 34.17 6.77 -25.50
CA PRO C 221 34.30 6.84 -26.97
C PRO C 221 32.98 6.59 -27.66
N GLN C 222 32.93 6.94 -28.95
CA GLN C 222 31.78 6.65 -29.79
C GLN C 222 31.91 5.25 -30.37
N ASP C 223 30.89 4.42 -30.17
CA ASP C 223 30.93 3.02 -30.59
C ASP C 223 29.51 2.49 -30.71
N PRO C 224 29.20 1.64 -31.69
CA PRO C 224 27.82 1.13 -31.82
C PRO C 224 27.32 0.37 -30.62
N ARG C 225 28.20 -0.13 -29.76
CA ARG C 225 27.81 -0.89 -28.58
C ARG C 225 27.61 0.00 -27.35
N ILE C 226 27.90 1.29 -27.46
CA ILE C 226 27.67 2.26 -26.39
C ILE C 226 26.45 3.08 -26.76
N ILE C 227 25.35 2.90 -26.01
CA ILE C 227 24.05 3.42 -26.44
C ILE C 227 23.39 4.20 -25.31
N HIS C 228 22.98 5.43 -25.61
CA HIS C 228 22.28 6.22 -24.61
C HIS C 228 20.87 5.66 -24.36
N SER C 229 20.42 5.81 -23.11
CA SER C 229 19.14 5.28 -22.68
C SER C 229 18.00 5.71 -23.59
N SER C 230 18.07 6.92 -24.15
CA SER C 230 16.99 7.40 -25.02
C SER C 230 16.83 6.54 -26.26
N LYS C 231 17.81 5.71 -26.62
CA LYS C 231 17.69 4.86 -27.79
C LYS C 231 17.65 3.38 -27.42
N TYR C 232 17.26 3.05 -26.20
CA TYR C 232 17.30 1.68 -25.74
C TYR C 232 16.37 0.79 -26.56
N CYS C 233 15.07 1.12 -26.58
CA CYS C 233 14.09 0.29 -27.28
C CYS C 233 14.30 0.29 -28.78
N THR C 234 14.89 1.34 -29.33
CA THR C 234 14.95 1.46 -30.77
C THR C 234 16.26 0.92 -31.35
N THR C 235 17.34 0.96 -30.58
CA THR C 235 18.67 0.62 -31.08
C THR C 235 19.28 -0.64 -30.48
N LEU C 236 19.08 -0.90 -29.18
CA LEU C 236 19.66 -2.11 -28.59
C LEU C 236 19.13 -3.38 -29.26
N PRO C 237 17.83 -3.55 -29.51
CA PRO C 237 17.38 -4.76 -30.21
C PRO C 237 18.03 -4.97 -31.56
N ALA C 238 18.27 -3.90 -32.33
CA ALA C 238 18.94 -4.06 -33.62
C ALA C 238 20.34 -4.63 -33.43
N LEU C 239 21.03 -4.20 -32.37
CA LEU C 239 22.39 -4.64 -32.11
C LEU C 239 22.43 -6.06 -31.57
N LEU C 240 21.59 -6.35 -30.57
CA LEU C 240 21.50 -7.66 -29.91
C LEU C 240 20.19 -8.31 -30.34
N LYS C 241 20.26 -9.10 -31.41
CA LYS C 241 19.03 -9.61 -32.04
C LYS C 241 18.51 -10.88 -31.36
N ASP C 242 19.37 -11.64 -30.71
CA ASP C 242 19.03 -12.95 -30.17
C ASP C 242 18.65 -12.82 -28.70
N LYS C 243 17.34 -12.87 -28.43
CA LYS C 243 16.82 -12.67 -27.06
C LYS C 243 17.33 -13.73 -26.09
N SER C 244 17.71 -14.90 -26.59
CA SER C 244 18.16 -15.99 -25.73
C SER C 244 19.67 -16.01 -25.55
N LYS C 245 20.41 -15.13 -26.21
CA LYS C 245 21.85 -15.19 -26.10
C LYS C 245 22.31 -14.68 -24.74
N PRO C 246 23.30 -15.34 -24.14
CA PRO C 246 23.85 -14.88 -22.86
C PRO C 246 24.77 -13.67 -23.02
N TYR C 247 24.22 -12.54 -23.45
CA TYR C 247 25.00 -11.32 -23.56
C TYR C 247 25.41 -10.82 -22.17
N ASN C 248 26.53 -10.12 -22.13
CA ASN C 248 26.91 -9.31 -20.99
C ASN C 248 26.55 -7.88 -21.31
N ILE C 249 25.64 -7.29 -20.54
CA ILE C 249 25.13 -5.96 -20.81
C ILE C 249 25.30 -5.14 -19.54
N ALA C 250 26.02 -4.03 -19.62
CA ALA C 250 26.18 -3.11 -18.51
C ALA C 250 25.28 -1.89 -18.71
N VAL C 251 24.87 -1.29 -17.58
CA VAL C 251 24.07 -0.06 -17.54
C VAL C 251 24.80 0.94 -16.64
N LEU C 252 25.04 2.16 -17.14
CA LEU C 252 25.71 3.20 -16.38
C LEU C 252 24.69 4.22 -15.87
N GLY C 253 24.72 4.51 -14.58
CA GLY C 253 23.82 5.47 -13.97
C GLY C 253 22.96 4.84 -12.89
N SER C 254 22.26 5.69 -12.14
CA SER C 254 21.41 5.14 -11.09
C SER C 254 20.11 5.93 -10.92
N GLY C 255 19.69 6.68 -11.91
CA GLY C 255 18.39 7.31 -11.90
C GLY C 255 17.36 6.39 -12.52
N GLN C 256 16.21 6.98 -12.85
CA GLN C 256 15.03 6.23 -13.28
C GLN C 256 15.27 5.46 -14.58
N SER C 257 16.00 6.07 -15.52
CA SER C 257 16.28 5.40 -16.79
C SER C 257 17.16 4.18 -16.58
N ALA C 258 18.24 4.33 -15.79
CA ALA C 258 19.12 3.20 -15.52
C ALA C 258 18.36 2.07 -14.83
N ALA C 259 17.52 2.40 -13.84
CA ALA C 259 16.79 1.35 -13.14
C ALA C 259 15.79 0.65 -14.07
N GLU C 260 15.06 1.41 -14.89
CA GLU C 260 14.08 0.80 -15.79
C GLU C 260 14.76 -0.10 -16.82
N ILE C 261 15.91 0.32 -17.35
CA ILE C 261 16.64 -0.50 -18.33
C ILE C 261 17.23 -1.73 -17.66
N PHE C 262 17.89 -1.53 -16.52
CA PHE C 262 18.49 -2.67 -15.80
C PHE C 262 17.43 -3.71 -15.51
N HIS C 263 16.28 -3.27 -14.99
CA HIS C 263 15.18 -4.19 -14.72
C HIS C 263 14.64 -4.81 -16.00
N ASP C 264 14.51 -4.03 -17.08
CA ASP C 264 13.93 -4.58 -18.31
C ASP C 264 14.84 -5.62 -18.96
N LEU C 265 16.14 -5.35 -19.02
CA LEU C 265 17.08 -6.26 -19.66
C LEU C 265 16.97 -7.68 -19.09
N GLN C 266 16.71 -7.78 -17.79
CA GLN C 266 16.59 -9.10 -17.16
C GLN C 266 15.38 -9.86 -17.66
N LYS C 267 14.38 -9.15 -18.17
CA LYS C 267 13.21 -9.79 -18.76
C LYS C 267 13.33 -9.96 -20.27
N ARG C 268 13.96 -9.00 -20.96
CA ARG C 268 14.11 -9.05 -22.41
C ARG C 268 15.19 -10.05 -22.85
N TYR C 269 16.28 -10.15 -22.09
CA TYR C 269 17.37 -11.10 -22.35
C TYR C 269 17.50 -12.00 -21.13
N PRO C 270 16.56 -12.96 -20.96
CA PRO C 270 16.51 -13.77 -19.74
C PRO C 270 17.81 -14.48 -19.39
N ASN C 271 18.67 -14.70 -20.39
CA ASN C 271 19.93 -15.39 -20.14
C ASN C 271 21.13 -14.45 -20.08
N SER C 272 20.91 -13.15 -20.13
CA SER C 272 22.02 -12.22 -20.11
C SER C 272 22.61 -12.10 -18.71
N ARG C 273 23.79 -11.53 -18.65
CA ARG C 273 24.39 -11.11 -17.39
C ARG C 273 24.40 -9.59 -17.45
N THR C 274 23.59 -8.96 -16.62
CA THR C 274 23.54 -7.51 -16.60
C THR C 274 24.27 -6.97 -15.38
N THR C 275 24.89 -5.81 -15.55
CA THR C 275 25.67 -5.14 -14.52
C THR C 275 25.26 -3.67 -14.48
N LEU C 276 24.81 -3.21 -13.31
CA LEU C 276 24.48 -1.81 -13.09
C LEU C 276 25.68 -1.14 -12.46
N ILE C 277 26.27 -0.16 -13.15
CA ILE C 277 27.45 0.56 -12.70
C ILE C 277 27.02 1.94 -12.26
N MET C 278 27.27 2.26 -10.99
CA MET C 278 26.84 3.56 -10.48
C MET C 278 27.93 4.14 -9.60
N ARG C 279 28.05 5.47 -9.64
CA ARG C 279 29.06 6.09 -8.80
C ARG C 279 28.53 6.43 -7.41
N ASP C 280 27.22 6.51 -7.25
CA ASP C 280 26.65 6.54 -5.92
C ASP C 280 26.81 5.17 -5.27
N SER C 281 26.50 5.11 -3.98
CA SER C 281 26.55 3.87 -3.24
C SER C 281 25.26 3.06 -3.36
N ALA C 282 24.17 3.68 -3.79
CA ALA C 282 22.88 2.99 -3.85
C ALA C 282 21.94 3.79 -4.75
N MET C 283 20.98 3.08 -5.35
CA MET C 283 19.80 3.76 -5.90
C MET C 283 19.02 4.42 -4.76
N ARG C 284 18.56 5.65 -4.99
CA ARG C 284 17.84 6.33 -3.92
C ARG C 284 16.42 6.66 -4.36
N PRO C 285 15.46 6.70 -3.45
CA PRO C 285 14.05 6.84 -3.86
C PRO C 285 13.74 8.28 -4.26
N SER C 286 12.84 8.41 -5.25
CA SER C 286 12.29 9.72 -5.58
C SER C 286 11.36 10.19 -4.47
N ASP C 287 11.25 11.51 -4.33
CA ASP C 287 10.44 12.14 -3.29
C ASP C 287 9.06 12.43 -3.87
N ASP C 288 8.06 11.59 -3.54
CA ASP C 288 6.69 11.84 -3.94
C ASP C 288 5.81 12.30 -2.76
N SER C 289 6.41 12.80 -1.69
CA SER C 289 5.65 13.26 -0.54
C SER C 289 4.87 14.53 -0.90
N PRO C 290 3.67 14.73 -0.34
CA PRO C 290 2.77 15.77 -0.86
C PRO C 290 3.19 17.22 -0.61
N PHE C 291 3.82 17.56 0.53
CA PHE C 291 4.19 18.97 0.70
C PHE C 291 5.29 19.36 -0.26
N VAL C 292 6.34 18.53 -0.35
CA VAL C 292 7.46 18.81 -1.23
C VAL C 292 6.99 18.93 -2.67
N ASN C 293 6.12 18.01 -3.11
CA ASN C 293 5.67 17.99 -4.50
C ASN C 293 4.76 19.15 -4.85
N GLU C 294 4.40 20.02 -3.90
CA GLU C 294 3.71 21.24 -4.27
C GLU C 294 4.57 22.20 -5.10
N ILE C 295 5.88 21.96 -5.21
CA ILE C 295 6.69 22.75 -6.12
C ILE C 295 6.28 22.56 -7.57
N PHE C 296 5.56 21.49 -7.89
CA PHE C 296 5.10 21.24 -9.24
C PHE C 296 3.75 21.87 -9.51
N ASN C 297 3.13 22.50 -8.51
CA ASN C 297 1.85 23.15 -8.73
C ASN C 297 1.99 24.23 -9.79
N PRO C 298 1.00 24.41 -10.67
CA PRO C 298 1.09 25.50 -11.65
C PRO C 298 1.24 26.87 -11.02
N GLU C 299 0.50 27.16 -9.94
CA GLU C 299 0.57 28.51 -9.41
C GLU C 299 1.87 28.80 -8.69
N ARG C 300 2.73 27.80 -8.49
CA ARG C 300 4.02 28.06 -7.88
C ARG C 300 5.03 28.66 -8.86
N VAL C 301 4.75 28.66 -10.18
CA VAL C 301 5.71 29.22 -11.12
C VAL C 301 5.94 30.70 -10.84
N ASP C 302 4.87 31.43 -10.53
CA ASP C 302 5.03 32.83 -10.11
C ASP C 302 5.95 32.92 -8.89
N LYS C 303 5.75 32.03 -7.90
CA LYS C 303 6.52 32.12 -6.66
C LYS C 303 7.99 31.83 -6.92
N PHE C 304 8.28 30.77 -7.68
CA PHE C 304 9.67 30.43 -7.96
C PHE C 304 10.34 31.53 -8.75
N TYR C 305 9.67 32.02 -9.81
CA TYR C 305 10.30 33.02 -10.67
C TYR C 305 10.61 34.30 -9.91
N SER C 306 9.74 34.67 -8.97
CA SER C 306 9.89 35.91 -8.21
C SER C 306 10.95 35.86 -7.11
N GLN C 307 11.69 34.76 -6.98
CA GLN C 307 12.80 34.72 -6.05
C GLN C 307 14.09 35.17 -6.72
N SER C 308 15.06 35.56 -5.88
CA SER C 308 16.40 35.88 -6.37
C SER C 308 17.06 34.66 -7.00
N ALA C 309 18.03 34.93 -7.89
CA ALA C 309 18.74 33.83 -8.53
C ALA C 309 19.38 32.90 -7.50
N ALA C 310 19.96 33.47 -6.44
CA ALA C 310 20.54 32.66 -5.39
C ALA C 310 19.47 31.81 -4.71
N GLU C 311 18.31 32.40 -4.41
CA GLU C 311 17.24 31.61 -3.80
C GLU C 311 16.74 30.52 -4.74
N ARG C 312 16.67 30.82 -6.05
CA ARG C 312 16.25 29.79 -7.01
C ARG C 312 17.25 28.64 -7.08
N GLN C 313 18.53 28.96 -7.15
CA GLN C 313 19.54 27.90 -7.11
C GLN C 313 19.38 27.05 -5.87
N ARG C 314 19.26 27.70 -4.70
CA ARG C 314 19.17 26.95 -3.44
C ARG C 314 17.90 26.10 -3.41
N SER C 315 16.79 26.64 -3.91
CA SER C 315 15.54 25.88 -3.96
C SER C 315 15.63 24.69 -4.90
N LEU C 316 16.18 24.89 -6.10
CA LEU C 316 16.31 23.80 -7.05
C LEU C 316 17.17 22.66 -6.49
N LEU C 317 18.26 23.01 -5.79
CA LEU C 317 19.12 22.00 -5.17
C LEU C 317 18.39 21.24 -4.08
N ALA C 318 17.60 21.94 -3.26
CA ALA C 318 16.88 21.29 -2.16
C ALA C 318 15.87 20.28 -2.68
N ASP C 319 15.33 20.50 -3.86
CA ASP C 319 14.25 19.67 -4.37
C ASP C 319 14.68 18.73 -5.50
N LYS C 320 16.00 18.57 -5.73
CA LYS C 320 16.47 17.71 -6.81
C LYS C 320 15.98 16.27 -6.65
N ALA C 321 15.75 15.82 -5.40
CA ALA C 321 15.37 14.43 -5.16
C ALA C 321 13.95 14.10 -5.61
N THR C 322 13.19 15.09 -6.07
CA THR C 322 11.88 14.76 -6.64
C THR C 322 11.98 14.08 -8.01
N ASN C 323 13.10 14.21 -8.71
CA ASN C 323 13.13 13.71 -10.07
C ASN C 323 14.50 13.22 -10.50
N TYR C 324 15.57 13.91 -10.10
CA TYR C 324 16.89 13.66 -10.65
C TYR C 324 17.70 12.65 -9.83
N SER C 325 18.33 11.70 -10.53
CA SER C 325 19.22 10.72 -9.90
C SER C 325 18.50 9.93 -8.81
N VAL C 326 17.22 9.64 -9.03
CA VAL C 326 16.39 8.95 -8.05
C VAL C 326 15.43 8.03 -8.78
N VAL C 327 14.93 7.04 -8.07
CA VAL C 327 14.12 5.99 -8.69
C VAL C 327 12.85 5.80 -7.87
N ARG C 328 11.72 5.65 -8.56
CA ARG C 328 10.48 5.33 -7.87
C ARG C 328 10.68 4.16 -6.93
N LEU C 329 10.31 4.37 -5.67
CA LEU C 329 10.53 3.37 -4.63
C LEU C 329 10.10 1.98 -5.07
N GLU C 330 8.93 1.87 -5.69
CA GLU C 330 8.42 0.54 -6.03
C GLU C 330 9.38 -0.20 -6.96
N LEU C 331 9.97 0.51 -7.92
CA LEU C 331 10.93 -0.15 -8.79
C LEU C 331 12.18 -0.54 -8.03
N ILE C 332 12.64 0.31 -7.13
CA ILE C 332 13.80 -0.06 -6.33
C ILE C 332 13.50 -1.34 -5.56
N GLU C 333 12.28 -1.44 -5.01
CA GLU C 333 11.94 -2.59 -4.19
C GLU C 333 11.86 -3.85 -5.03
N GLU C 334 11.35 -3.74 -6.26
CA GLU C 334 11.31 -4.87 -7.18
C GLU C 334 12.72 -5.33 -7.57
N ILE C 335 13.63 -4.39 -7.87
CA ILE C 335 15.01 -4.75 -8.19
C ILE C 335 15.67 -5.43 -6.99
N TYR C 336 15.47 -4.85 -5.80
CA TYR C 336 16.02 -5.43 -4.58
C TYR C 336 15.51 -6.84 -4.36
N ASN C 337 14.23 -7.07 -4.63
CA ASN C 337 13.70 -8.42 -4.46
C ASN C 337 14.34 -9.39 -5.44
N ASP C 338 14.50 -9.00 -6.72
CA ASP C 338 15.21 -9.83 -7.68
C ASP C 338 16.62 -10.16 -7.21
N MET C 339 17.33 -9.17 -6.67
CA MET C 339 18.65 -9.44 -6.09
C MET C 339 18.54 -10.42 -4.94
N TYR C 340 17.57 -10.23 -4.06
CA TYR C 340 17.43 -11.12 -2.91
C TYR C 340 17.28 -12.56 -3.36
N LEU C 341 16.48 -12.79 -4.39
CA LEU C 341 16.27 -14.16 -4.85
C LEU C 341 17.58 -14.78 -5.31
N GLN C 342 18.42 -14.00 -5.98
CA GLN C 342 19.74 -14.49 -6.35
C GLN C 342 20.51 -14.93 -5.12
N ARG C 343 20.41 -14.16 -4.03
CA ARG C 343 21.13 -14.48 -2.81
C ARG C 343 20.64 -15.78 -2.21
N VAL C 344 19.33 -16.05 -2.30
CA VAL C 344 18.78 -17.32 -1.82
C VAL C 344 19.42 -18.48 -2.58
N LYS C 345 19.52 -18.35 -3.90
CA LYS C 345 20.10 -19.42 -4.71
C LYS C 345 21.61 -19.50 -4.54
N ASN C 346 22.29 -18.37 -4.33
CA ASN C 346 23.73 -18.40 -4.11
C ASN C 346 24.16 -17.21 -3.26
N PRO C 347 24.72 -17.45 -2.07
CA PRO C 347 25.08 -16.32 -1.19
C PRO C 347 26.26 -15.47 -1.69
N ASP C 348 27.05 -15.97 -2.64
CA ASP C 348 28.21 -15.25 -3.17
C ASP C 348 27.79 -14.32 -4.31
N GLU C 349 27.74 -13.01 -4.04
CA GLU C 349 27.24 -12.05 -5.04
C GLU C 349 28.10 -11.98 -6.30
N THR C 350 29.38 -12.37 -6.23
CA THR C 350 30.19 -12.31 -7.44
C THR C 350 29.70 -13.30 -8.49
N GLN C 351 28.97 -14.35 -8.09
CA GLN C 351 28.48 -15.36 -9.02
C GLN C 351 27.06 -15.08 -9.51
N TRP C 352 26.45 -13.97 -9.11
CA TRP C 352 25.08 -13.72 -9.50
C TRP C 352 24.98 -13.39 -10.98
N GLN C 353 23.85 -13.81 -11.57
CA GLN C 353 23.57 -13.48 -12.96
C GLN C 353 23.55 -11.98 -13.16
N HIS C 354 22.80 -11.26 -12.32
CA HIS C 354 22.65 -9.81 -12.44
C HIS C 354 23.24 -9.13 -11.21
N ARG C 355 24.15 -8.19 -11.44
CA ARG C 355 24.89 -7.57 -10.35
C ARG C 355 24.79 -6.05 -10.41
N ILE C 356 25.03 -5.44 -9.25
CA ILE C 356 25.12 -4.00 -9.08
C ILE C 356 26.52 -3.70 -8.56
N LEU C 357 27.24 -2.82 -9.26
CA LEU C 357 28.59 -2.41 -8.86
C LEU C 357 28.53 -0.98 -8.38
N PRO C 358 28.32 -0.74 -7.09
CA PRO C 358 28.16 0.63 -6.60
C PRO C 358 29.50 1.32 -6.41
N GLU C 359 29.43 2.65 -6.33
CA GLU C 359 30.62 3.47 -6.10
C GLU C 359 31.73 3.15 -7.10
N ARG C 360 31.36 3.09 -8.38
CA ARG C 360 32.32 2.79 -9.43
C ARG C 360 32.26 3.91 -10.47
N LYS C 361 33.37 4.13 -11.18
CA LYS C 361 33.36 4.97 -12.37
C LYS C 361 34.13 4.26 -13.47
N ILE C 362 33.75 4.53 -14.71
CA ILE C 362 34.45 4.00 -15.88
C ILE C 362 35.65 4.89 -16.18
N THR C 363 36.85 4.30 -16.16
CA THR C 363 38.09 5.00 -16.42
C THR C 363 38.65 4.79 -17.83
N ARG C 364 38.25 3.71 -18.51
CA ARG C 364 38.71 3.47 -19.88
C ARG C 364 37.82 2.42 -20.51
N VAL C 365 37.59 2.58 -21.81
CA VAL C 365 36.86 1.60 -22.60
C VAL C 365 37.75 1.13 -23.75
N GLU C 366 38.04 -0.17 -23.80
CA GLU C 366 38.69 -0.74 -24.97
C GLU C 366 37.61 -1.20 -25.91
N HIS C 367 37.67 -0.73 -27.16
CA HIS C 367 36.57 -0.98 -28.08
C HIS C 367 37.06 -1.12 -29.51
N HIS C 368 38.34 -1.37 -29.72
CA HIS C 368 38.89 -1.55 -31.04
C HIS C 368 39.22 -3.03 -31.20
N GLY C 369 39.31 -3.45 -32.46
CA GLY C 369 39.53 -4.84 -32.77
C GLY C 369 38.24 -5.52 -33.15
N PRO C 370 38.35 -6.71 -33.76
CA PRO C 370 37.14 -7.42 -34.22
C PRO C 370 36.34 -8.08 -33.12
N GLN C 371 36.82 -8.09 -31.88
CA GLN C 371 36.12 -8.79 -30.81
C GLN C 371 34.73 -8.20 -30.60
N SER C 372 33.80 -9.06 -30.21
CA SER C 372 32.42 -8.60 -30.07
C SER C 372 32.26 -7.77 -28.81
N ARG C 373 32.95 -8.15 -27.75
CA ARG C 373 32.79 -7.48 -26.47
C ARG C 373 33.82 -6.36 -26.30
N MET C 374 33.38 -5.28 -25.66
CA MET C 374 34.25 -4.22 -25.18
C MET C 374 34.74 -4.56 -23.78
N ARG C 375 35.86 -3.97 -23.40
CA ARG C 375 36.37 -4.10 -22.03
C ARG C 375 36.27 -2.76 -21.33
N ILE C 376 35.51 -2.75 -20.25
CA ILE C 376 35.24 -1.56 -19.44
C ILE C 376 36.12 -1.61 -18.20
N HIS C 377 36.90 -0.56 -17.98
CA HIS C 377 37.77 -0.48 -16.81
C HIS C 377 37.10 0.37 -15.73
N LEU C 378 36.98 -0.21 -14.54
CA LEU C 378 36.33 0.46 -13.41
C LEU C 378 37.36 0.78 -12.34
N LYS C 379 37.15 1.91 -11.67
CA LYS C 379 37.86 2.27 -10.46
C LYS C 379 36.82 2.79 -9.47
N SER C 380 37.25 2.91 -8.22
CA SER C 380 36.38 3.50 -7.21
C SER C 380 35.98 4.91 -7.61
N SER C 381 34.77 5.30 -7.28
CA SER C 381 34.36 6.68 -7.43
C SER C 381 34.73 7.53 -6.23
N LYS C 382 35.32 6.94 -5.19
CA LYS C 382 35.78 7.70 -4.04
C LYS C 382 36.89 8.65 -4.44
N PRO C 383 36.95 9.86 -3.88
CA PRO C 383 38.10 10.76 -4.10
C PRO C 383 39.35 10.29 -3.34
N LYS C 393 42.16 -2.56 -9.45
CA LYS C 393 41.71 -2.80 -10.83
C LYS C 393 40.48 -3.74 -10.86
N GLU C 394 39.61 -3.54 -11.86
CA GLU C 394 38.48 -4.43 -12.11
C GLU C 394 37.98 -4.18 -13.53
N THR C 395 37.60 -5.25 -14.24
CA THR C 395 37.17 -5.15 -15.63
C THR C 395 35.92 -5.97 -15.92
N LEU C 396 35.10 -5.44 -16.81
CA LEU C 396 33.90 -6.10 -17.32
C LEU C 396 34.05 -6.25 -18.84
N GLU C 397 33.67 -7.41 -19.37
CA GLU C 397 33.57 -7.59 -20.81
C GLU C 397 32.11 -7.60 -21.24
N VAL C 398 31.71 -6.64 -22.08
CA VAL C 398 30.31 -6.45 -22.37
C VAL C 398 30.07 -6.39 -23.88
N ASP C 399 28.92 -6.95 -24.29
CA ASP C 399 28.43 -6.82 -25.65
C ASP C 399 27.82 -5.45 -25.91
N ALA C 400 27.36 -4.76 -24.86
CA ALA C 400 26.74 -3.45 -24.98
C ALA C 400 26.77 -2.73 -23.64
N LEU C 401 26.93 -1.41 -23.70
CA LEU C 401 26.88 -0.52 -22.55
C LEU C 401 25.75 0.48 -22.79
N MET C 402 24.70 0.38 -21.98
CA MET C 402 23.62 1.37 -21.98
C MET C 402 24.00 2.52 -21.05
N VAL C 403 23.97 3.73 -21.55
CA VAL C 403 24.45 4.90 -20.81
C VAL C 403 23.21 5.70 -20.42
N ALA C 404 22.80 5.58 -19.16
CA ALA C 404 21.61 6.26 -18.65
C ALA C 404 22.01 7.47 -17.82
N THR C 405 22.69 8.41 -18.46
CA THR C 405 23.29 9.55 -17.79
C THR C 405 22.54 10.85 -18.05
N GLY C 406 21.29 10.76 -18.46
CA GLY C 406 20.42 11.93 -18.46
C GLY C 406 20.58 12.76 -19.72
N TYR C 407 20.07 13.99 -19.63
CA TYR C 407 19.87 14.88 -20.76
C TYR C 407 20.37 16.28 -20.44
N ASN C 408 20.77 16.99 -21.48
CA ASN C 408 21.06 18.42 -21.46
C ASN C 408 19.90 19.19 -22.09
N ARG C 409 19.79 20.46 -21.73
CA ARG C 409 18.80 21.34 -22.35
C ARG C 409 19.46 22.64 -22.81
N ASN C 410 20.47 22.51 -23.67
CA ASN C 410 21.11 23.66 -24.26
C ASN C 410 21.01 23.65 -25.79
N ALA C 411 20.26 22.71 -26.38
CA ALA C 411 20.23 22.65 -27.84
C ALA C 411 19.58 23.88 -28.47
N HIS C 412 18.72 24.59 -27.74
CA HIS C 412 18.15 25.84 -28.24
C HIS C 412 19.21 26.90 -28.47
N GLU C 413 20.35 26.83 -27.75
CA GLU C 413 21.39 27.84 -27.95
C GLU C 413 22.03 27.72 -29.33
N ARG C 414 22.22 26.50 -29.82
CA ARG C 414 22.72 26.33 -31.18
C ARG C 414 21.72 26.85 -32.20
N LEU C 415 20.44 26.45 -32.06
CA LEU C 415 19.41 26.83 -33.02
C LEU C 415 19.26 28.34 -33.15
N LEU C 416 19.49 29.08 -32.06
CA LEU C 416 19.30 30.52 -32.05
C LEU C 416 20.59 31.28 -32.26
N SER C 417 21.67 30.61 -32.66
CA SER C 417 22.97 31.27 -32.70
C SER C 417 22.95 32.43 -33.68
N LYS C 418 22.26 32.29 -34.81
CA LYS C 418 22.26 33.34 -35.81
C LYS C 418 21.35 34.51 -35.46
N VAL C 419 20.67 34.50 -34.31
CA VAL C 419 19.93 35.65 -33.83
C VAL C 419 20.44 36.13 -32.48
N GLN C 420 21.49 35.53 -31.94
CA GLN C 420 21.87 35.89 -30.58
C GLN C 420 22.50 37.27 -30.49
N HIS C 421 22.89 37.88 -31.61
CA HIS C 421 23.32 39.27 -31.59
C HIS C 421 22.17 40.24 -31.32
N LEU C 422 20.93 39.78 -31.32
CA LEU C 422 19.79 40.63 -31.01
C LEU C 422 19.51 40.75 -29.52
N ARG C 423 20.20 39.99 -28.68
CA ARG C 423 20.09 40.13 -27.24
C ARG C 423 20.62 41.48 -26.80
N PRO C 424 20.18 41.97 -25.64
CA PRO C 424 20.75 43.23 -25.14
C PRO C 424 22.24 43.09 -24.90
N THR C 425 22.97 44.19 -25.13
CA THR C 425 24.41 44.19 -24.90
C THR C 425 24.74 43.64 -23.53
N GLY C 426 25.71 42.73 -23.48
CA GLY C 426 26.18 42.17 -22.22
C GLY C 426 25.55 40.88 -21.76
N GLN C 427 24.67 40.27 -22.56
CA GLN C 427 24.08 38.97 -22.23
C GLN C 427 24.70 37.91 -23.13
N ASP C 428 25.18 36.82 -22.54
CA ASP C 428 25.66 35.69 -23.31
C ASP C 428 24.77 34.46 -23.20
N GLN C 429 23.66 34.54 -22.46
CA GLN C 429 22.65 33.50 -22.44
C GLN C 429 21.29 34.17 -22.62
N TRP C 430 20.37 33.42 -23.21
CA TRP C 430 19.01 33.91 -23.39
C TRP C 430 18.30 34.03 -22.04
N LYS C 431 17.65 35.17 -21.81
CA LYS C 431 16.95 35.40 -20.56
C LYS C 431 15.45 35.39 -20.83
N PRO C 432 14.73 34.35 -20.44
CA PRO C 432 13.27 34.37 -20.62
C PRO C 432 12.59 35.13 -19.49
N HIS C 433 11.56 35.90 -19.85
CA HIS C 433 10.77 36.56 -18.84
C HIS C 433 9.75 35.59 -18.24
N ARG C 434 8.92 36.10 -17.33
CA ARG C 434 7.96 35.24 -16.67
C ARG C 434 7.07 34.53 -17.69
N ASP C 435 6.72 35.23 -18.77
CA ASP C 435 5.88 34.68 -19.83
C ASP C 435 6.69 33.96 -20.90
N TYR C 436 7.96 33.63 -20.60
CA TYR C 436 8.85 32.76 -21.39
C TYR C 436 9.42 33.43 -22.64
N ARG C 437 9.13 34.70 -22.88
CA ARG C 437 9.70 35.44 -24.00
C ARG C 437 11.10 35.91 -23.66
N VAL C 438 12.06 35.64 -24.55
CA VAL C 438 13.45 35.99 -24.27
C VAL C 438 13.65 37.48 -24.49
N GLU C 439 14.53 38.07 -23.68
CA GLU C 439 14.85 39.49 -23.83
C GLU C 439 15.54 39.74 -25.16
N MET C 440 15.09 40.78 -25.84
CA MET C 440 15.71 41.25 -27.07
C MET C 440 16.01 42.71 -26.92
N ASP C 441 17.08 43.15 -27.57
CA ASP C 441 17.45 44.55 -27.64
C ASP C 441 16.34 45.27 -28.38
N PRO C 442 15.55 46.10 -27.70
CA PRO C 442 14.37 46.70 -28.34
C PRO C 442 14.72 47.67 -29.45
N SER C 443 15.95 48.18 -29.48
CA SER C 443 16.39 49.02 -30.58
C SER C 443 16.72 48.22 -31.84
N LYS C 444 16.75 46.89 -31.75
CA LYS C 444 17.11 46.02 -32.87
C LYS C 444 15.99 45.11 -33.33
N VAL C 445 14.98 44.87 -32.50
CA VAL C 445 13.93 43.91 -32.82
C VAL C 445 12.59 44.59 -32.63
N SER C 446 11.72 44.43 -33.61
CA SER C 446 10.38 45.00 -33.57
C SER C 446 9.54 44.31 -32.48
N SER C 447 8.63 45.08 -31.89
CA SER C 447 7.77 44.56 -30.82
C SER C 447 6.81 43.48 -31.29
N GLU C 448 6.56 43.36 -32.60
CA GLU C 448 5.69 42.32 -33.12
C GLU C 448 6.43 41.01 -33.35
N ALA C 449 7.75 41.00 -33.18
CA ALA C 449 8.54 39.79 -33.33
C ALA C 449 9.05 39.35 -31.96
N GLY C 450 9.26 38.05 -31.80
CA GLY C 450 9.77 37.54 -30.53
C GLY C 450 10.03 36.05 -30.59
N ILE C 451 10.83 35.60 -29.62
CA ILE C 451 11.18 34.20 -29.48
C ILE C 451 10.88 33.78 -28.04
N TRP C 452 10.16 32.67 -27.90
CA TRP C 452 9.79 32.07 -26.64
C TRP C 452 10.49 30.72 -26.52
N LEU C 453 10.83 30.34 -25.28
CA LEU C 453 11.43 29.05 -24.96
C LEU C 453 10.51 28.26 -24.04
N GLN C 454 10.48 26.95 -24.24
CA GLN C 454 9.68 26.06 -23.41
C GLN C 454 10.52 24.84 -23.07
N GLY C 455 10.56 24.48 -21.78
CA GLY C 455 11.17 23.25 -21.35
C GLY C 455 12.63 23.31 -20.97
N CYS C 456 13.30 24.45 -21.18
CA CYS C 456 14.70 24.59 -20.82
C CYS C 456 14.90 25.70 -19.79
N ASN C 457 13.85 26.04 -19.05
CA ASN C 457 13.84 27.25 -18.23
C ASN C 457 13.74 26.92 -16.75
N GLU C 458 14.24 25.74 -16.37
CA GLU C 458 14.24 25.32 -14.98
C GLU C 458 14.84 26.38 -14.06
N ARG C 459 15.92 27.04 -14.49
CA ARG C 459 16.64 27.95 -13.62
C ARG C 459 15.78 29.13 -13.17
N THR C 460 14.86 29.58 -14.03
CA THR C 460 14.06 30.76 -13.74
C THR C 460 12.62 30.41 -13.38
N HIS C 461 12.16 29.23 -13.77
CA HIS C 461 10.75 28.86 -13.64
C HIS C 461 10.51 27.61 -12.80
N GLY C 462 11.54 26.90 -12.36
CA GLY C 462 11.35 25.78 -11.46
C GLY C 462 11.47 24.42 -12.14
N LEU C 463 11.44 23.38 -11.29
CA LEU C 463 11.62 21.99 -11.73
C LEU C 463 10.50 21.52 -12.65
N SER C 464 9.30 22.09 -12.52
CA SER C 464 8.18 21.64 -13.35
C SER C 464 8.33 22.02 -14.82
N ASP C 465 9.34 22.82 -15.18
CA ASP C 465 9.41 23.42 -16.50
C ASP C 465 9.59 22.38 -17.60
N SER C 466 10.37 21.32 -17.34
CA SER C 466 10.64 20.31 -18.34
C SER C 466 9.67 19.13 -18.27
N LEU C 467 8.70 19.15 -17.36
CA LEU C 467 7.84 18.00 -17.17
C LEU C 467 6.49 18.23 -17.86
N LEU C 468 5.57 17.28 -17.68
CA LEU C 468 4.20 17.48 -18.07
C LEU C 468 3.42 18.34 -17.08
N SER C 469 3.99 18.59 -15.89
CA SER C 469 3.26 19.12 -14.74
C SER C 469 2.42 20.37 -15.03
N VAL C 470 3.01 21.38 -15.64
CA VAL C 470 2.31 22.65 -15.75
C VAL C 470 1.90 22.94 -17.20
N LEU C 471 1.89 21.92 -18.06
CA LEU C 471 1.69 22.17 -19.48
C LEU C 471 0.31 22.74 -19.78
N ALA C 472 -0.73 22.19 -19.16
CA ALA C 472 -2.07 22.70 -19.42
C ALA C 472 -2.15 24.18 -19.12
N VAL C 473 -1.73 24.59 -17.93
CA VAL C 473 -1.83 25.99 -17.56
C VAL C 473 -0.88 26.83 -18.37
N ARG C 474 0.36 26.36 -18.55
CA ARG C 474 1.35 27.14 -19.28
C ARG C 474 0.92 27.34 -20.74
N GLY C 475 0.30 26.31 -21.34
CA GLY C 475 -0.24 26.48 -22.67
C GLY C 475 -1.21 27.64 -22.74
N GLY C 476 -2.07 27.76 -21.73
CA GLY C 476 -2.98 28.89 -21.70
C GLY C 476 -2.25 30.22 -21.56
N GLU C 477 -1.21 30.25 -20.73
CA GLU C 477 -0.40 31.47 -20.60
C GLU C 477 0.29 31.81 -21.92
N MET C 478 0.83 30.79 -22.60
CA MET C 478 1.52 31.02 -23.87
C MET C 478 0.55 31.52 -24.94
N VAL C 479 -0.68 30.99 -24.98
CA VAL C 479 -1.63 31.51 -25.95
C VAL C 479 -1.94 32.98 -25.67
N GLN C 480 -2.07 33.35 -24.39
CA GLN C 480 -2.31 34.77 -24.07
C GLN C 480 -1.15 35.65 -24.51
N SER C 481 0.07 35.28 -24.13
CA SER C 481 1.22 36.11 -24.48
C SER C 481 1.35 36.28 -25.98
N ILE C 482 1.22 35.18 -26.73
CA ILE C 482 1.54 35.20 -28.15
C ILE C 482 0.37 35.74 -28.97
N PHE C 483 -0.87 35.38 -28.60
CA PHE C 483 -2.04 35.69 -29.42
C PHE C 483 -3.05 36.57 -28.71
N GLY C 484 -2.73 37.07 -27.51
CA GLY C 484 -3.69 37.84 -26.74
C GLY C 484 -4.34 39.02 -27.45
N GLU C 485 -3.53 39.96 -27.95
CA GLU C 485 -4.08 41.10 -28.67
C GLU C 485 -4.83 40.65 -29.91
N GLN C 486 -4.21 39.77 -30.70
CA GLN C 486 -4.80 39.27 -31.93
C GLN C 486 -6.21 38.72 -31.70
N LEU C 487 -6.40 37.93 -30.64
CA LEU C 487 -7.70 37.36 -30.35
C LEU C 487 -8.66 38.37 -29.74
N GLU C 488 -8.17 39.47 -29.18
CA GLU C 488 -9.02 40.51 -28.60
C GLU C 488 -9.09 41.73 -29.50
N ARG D 30 -29.99 28.60 -15.01
CA ARG D 30 -30.25 28.07 -16.35
C ARG D 30 -31.61 27.35 -16.43
N LEU D 31 -31.77 26.25 -15.70
CA LEU D 31 -33.09 25.62 -15.57
C LEU D 31 -34.07 26.59 -14.93
N ARG D 32 -35.05 27.05 -15.70
CA ARG D 32 -36.04 28.00 -15.23
C ARG D 32 -37.16 27.29 -14.50
N SER D 33 -37.75 27.98 -13.53
CA SER D 33 -38.85 27.45 -12.75
C SER D 33 -40.15 27.37 -13.56
N THR D 34 -41.00 26.44 -13.18
CA THR D 34 -42.36 26.37 -13.69
C THR D 34 -43.30 26.89 -12.61
N PRO D 35 -44.31 27.69 -12.99
CA PRO D 35 -45.32 28.11 -12.00
C PRO D 35 -45.98 26.89 -11.37
N GLN D 36 -46.13 26.95 -10.05
CA GLN D 36 -46.42 25.76 -9.27
C GLN D 36 -47.77 25.14 -9.65
N ASP D 37 -48.74 25.96 -10.02
CA ASP D 37 -50.07 25.47 -10.37
C ASP D 37 -50.16 24.96 -11.81
N GLU D 38 -49.09 25.03 -12.60
CA GLU D 38 -49.17 24.56 -13.97
C GLU D 38 -48.98 23.04 -14.04
N LEU D 39 -49.36 22.48 -15.19
CA LEU D 39 -49.18 21.06 -15.45
C LEU D 39 -47.73 20.80 -15.83
N HIS D 40 -47.00 20.06 -14.98
CA HIS D 40 -45.58 19.87 -15.22
C HIS D 40 -45.34 18.74 -16.21
N ASP D 41 -44.21 18.82 -16.91
CA ASP D 41 -43.80 17.66 -17.69
C ASP D 41 -43.28 16.55 -16.79
N LEU D 42 -42.52 16.92 -15.76
CA LEU D 42 -41.93 15.93 -14.86
C LEU D 42 -41.82 16.52 -13.47
N LEU D 43 -42.25 15.73 -12.48
CA LEU D 43 -42.00 16.02 -11.08
C LEU D 43 -41.22 14.83 -10.54
N CYS D 44 -40.07 15.12 -9.93
CA CYS D 44 -39.25 14.11 -9.25
C CYS D 44 -39.46 14.26 -7.75
N VAL D 45 -39.87 13.17 -7.11
CA VAL D 45 -39.94 13.10 -5.67
C VAL D 45 -38.54 12.80 -5.13
N GLY D 46 -37.99 13.71 -4.32
CA GLY D 46 -36.68 13.52 -3.75
C GLY D 46 -35.62 14.29 -4.52
N PHE D 47 -34.76 15.01 -3.81
CA PHE D 47 -33.63 15.61 -4.51
C PHE D 47 -32.32 15.13 -3.90
N GLY D 48 -32.09 13.82 -3.94
CA GLY D 48 -30.80 13.28 -3.61
C GLY D 48 -29.98 13.14 -4.87
N PRO D 49 -28.83 12.48 -4.77
CA PRO D 49 -27.98 12.28 -5.96
C PRO D 49 -28.71 11.73 -7.18
N ALA D 50 -29.69 10.82 -7.01
CA ALA D 50 -30.33 10.23 -8.19
C ALA D 50 -31.18 11.25 -8.95
N SER D 51 -32.00 12.02 -8.25
CA SER D 51 -32.74 13.09 -8.94
C SER D 51 -31.79 14.15 -9.44
N LEU D 52 -30.80 14.53 -8.61
CA LEU D 52 -29.79 15.51 -9.00
C LEU D 52 -29.13 15.12 -10.31
N ALA D 53 -28.78 13.85 -10.46
CA ALA D 53 -28.14 13.40 -11.68
C ALA D 53 -29.06 13.56 -12.88
N ILE D 54 -30.38 13.50 -12.65
CA ILE D 54 -31.33 13.76 -13.73
C ILE D 54 -31.39 15.24 -14.06
N ALA D 55 -31.38 16.11 -13.03
CA ALA D 55 -31.31 17.55 -13.27
C ALA D 55 -30.05 17.91 -14.07
N ILE D 56 -28.91 17.34 -13.69
CA ILE D 56 -27.66 17.64 -14.38
C ILE D 56 -27.70 17.16 -15.82
N ALA D 57 -28.25 15.96 -16.05
CA ALA D 57 -28.26 15.46 -17.43
C ALA D 57 -29.23 16.25 -18.30
N LEU D 58 -30.33 16.76 -17.72
CA LEU D 58 -31.22 17.62 -18.51
C LEU D 58 -30.56 18.96 -18.81
N HIS D 59 -29.88 19.54 -17.84
CA HIS D 59 -29.09 20.73 -18.11
C HIS D 59 -28.11 20.47 -19.27
N ASP D 60 -27.39 19.35 -19.24
CA ASP D 60 -26.39 19.11 -20.28
C ASP D 60 -27.03 18.87 -21.65
N ALA D 61 -28.16 18.16 -21.70
CA ALA D 61 -28.86 17.96 -22.96
C ALA D 61 -29.34 19.29 -23.56
N LEU D 62 -29.61 20.30 -22.72
CA LEU D 62 -30.05 21.62 -23.19
C LEU D 62 -28.90 22.54 -23.60
N ASP D 63 -27.67 22.22 -23.21
CA ASP D 63 -26.52 23.07 -23.53
C ASP D 63 -26.04 22.79 -24.96
N PRO D 64 -26.22 23.75 -25.88
CA PRO D 64 -25.76 23.52 -27.27
C PRO D 64 -24.27 23.29 -27.36
N ARG D 65 -23.51 23.72 -26.35
CA ARG D 65 -22.07 23.54 -26.35
C ARG D 65 -21.66 22.11 -26.05
N LEU D 66 -22.51 21.33 -25.38
CA LEU D 66 -22.29 19.90 -25.22
C LEU D 66 -23.08 19.05 -26.22
N ASN D 67 -24.33 19.43 -26.50
CA ASN D 67 -25.18 18.68 -27.45
C ASN D 67 -25.30 19.42 -28.78
N GLN D 76 -37.72 24.44 -22.95
CA GLN D 76 -37.35 23.73 -21.72
C GLN D 76 -38.54 23.05 -21.07
N PRO D 77 -38.38 21.78 -20.70
CA PRO D 77 -39.47 21.06 -20.04
C PRO D 77 -39.85 21.71 -18.72
N LYS D 78 -41.09 21.46 -18.31
CA LYS D 78 -41.62 21.97 -17.05
C LYS D 78 -41.33 20.92 -15.98
N ILE D 79 -40.21 21.10 -15.30
CA ILE D 79 -39.67 20.10 -14.40
C ILE D 79 -39.63 20.71 -13.01
N CYS D 80 -39.83 19.89 -11.98
CA CYS D 80 -39.60 20.36 -10.63
C CYS D 80 -39.27 19.17 -9.73
N PHE D 81 -38.59 19.46 -8.63
CA PHE D 81 -38.17 18.45 -7.67
C PHE D 81 -38.75 18.83 -6.32
N LEU D 82 -39.15 17.83 -5.55
CA LEU D 82 -39.63 18.03 -4.19
C LEU D 82 -38.69 17.27 -3.26
N GLU D 83 -38.22 17.94 -2.21
CA GLU D 83 -37.25 17.33 -1.31
C GLU D 83 -37.67 17.60 0.13
N ARG D 84 -37.63 16.55 0.95
CA ARG D 84 -38.04 16.64 2.34
C ARG D 84 -37.08 17.48 3.18
N GLN D 85 -35.77 17.28 3.01
CA GLN D 85 -34.83 18.02 3.83
C GLN D 85 -34.86 19.51 3.45
N LYS D 86 -34.39 20.34 4.39
CA LYS D 86 -34.40 21.78 4.18
C LYS D 86 -33.37 22.22 3.15
N GLN D 87 -32.32 21.44 2.94
CA GLN D 87 -31.38 21.68 1.87
C GLN D 87 -30.81 20.33 1.43
N PHE D 88 -30.05 20.34 0.34
CA PHE D 88 -29.38 19.13 -0.09
C PHE D 88 -28.40 18.64 0.99
N ALA D 89 -28.47 17.33 1.27
CA ALA D 89 -27.59 16.69 2.22
C ALA D 89 -27.47 15.23 1.82
N TRP D 90 -26.28 14.67 2.02
CA TRP D 90 -25.95 13.31 1.59
C TRP D 90 -25.64 12.45 2.82
N HIS D 91 -26.67 11.84 3.36
CA HIS D 91 -26.60 11.00 4.56
C HIS D 91 -25.90 11.74 5.70
N SER D 92 -26.44 12.92 6.03
CA SER D 92 -25.74 13.78 6.97
C SER D 92 -25.66 13.13 8.34
N GLY D 93 -26.63 12.29 8.69
CA GLY D 93 -26.56 11.55 9.93
C GLY D 93 -25.36 10.63 10.06
N MET D 94 -24.67 10.35 8.96
CA MET D 94 -23.50 9.48 8.99
C MET D 94 -22.25 10.16 8.46
N LEU D 95 -22.19 11.49 8.56
CA LEU D 95 -20.96 12.23 8.21
C LEU D 95 -19.98 12.15 9.38
N VAL D 96 -19.57 10.92 9.67
CA VAL D 96 -18.60 10.64 10.74
C VAL D 96 -17.26 11.25 10.36
N PRO D 97 -16.53 11.88 11.29
CA PRO D 97 -15.17 12.33 10.99
C PRO D 97 -14.35 11.23 10.32
N GLY D 98 -13.58 11.62 9.30
CA GLY D 98 -12.75 10.69 8.56
C GLY D 98 -13.47 9.81 7.56
N SER D 99 -14.79 9.88 7.43
CA SER D 99 -15.47 8.98 6.51
C SER D 99 -15.20 9.36 5.07
N LYS D 100 -15.02 8.35 4.21
CA LYS D 100 -14.67 8.52 2.81
C LYS D 100 -15.79 8.00 1.91
N ALA D 101 -15.94 8.63 0.76
CA ALA D 101 -16.82 8.06 -0.25
C ALA D 101 -16.30 6.70 -0.70
N GLN D 102 -17.21 5.85 -1.19
CA GLN D 102 -16.88 4.49 -1.56
C GLN D 102 -16.98 4.27 -3.07
N ILE D 103 -16.80 5.34 -3.85
CA ILE D 103 -16.63 5.27 -5.29
C ILE D 103 -15.45 6.15 -5.66
N SER D 104 -14.71 5.72 -6.68
CA SER D 104 -13.85 6.63 -7.43
C SER D 104 -14.63 7.88 -7.80
N PHE D 105 -13.98 9.04 -7.70
CA PHE D 105 -14.64 10.28 -8.07
C PHE D 105 -14.92 10.39 -9.57
N ILE D 106 -14.31 9.53 -10.40
CA ILE D 106 -14.67 9.51 -11.82
C ILE D 106 -16.14 9.10 -11.99
N LYS D 107 -16.66 8.33 -11.03
CA LYS D 107 -18.06 7.93 -11.02
C LYS D 107 -18.98 9.00 -10.44
N ASP D 108 -18.63 10.25 -10.66
CA ASP D 108 -19.42 11.37 -10.15
C ASP D 108 -20.72 11.50 -10.95
N LEU D 109 -21.47 12.59 -10.71
CA LEU D 109 -22.78 12.80 -11.34
C LEU D 109 -22.73 13.19 -12.83
N ALA D 110 -21.58 13.27 -13.50
CA ALA D 110 -21.58 13.61 -14.93
C ALA D 110 -20.49 12.92 -15.76
N THR D 111 -19.30 12.75 -15.18
CA THR D 111 -18.10 12.39 -15.96
C THR D 111 -18.32 11.16 -16.86
N LEU D 112 -18.85 10.07 -16.30
CA LEU D 112 -19.06 8.86 -17.10
C LEU D 112 -20.04 9.06 -18.25
N ARG D 113 -20.89 10.07 -18.17
CA ARG D 113 -21.74 10.43 -19.30
C ARG D 113 -21.06 11.41 -20.25
N ASP D 114 -20.31 12.37 -19.72
CA ASP D 114 -19.60 13.33 -20.55
C ASP D 114 -18.56 14.07 -19.70
N PRO D 115 -17.28 13.68 -19.79
CA PRO D 115 -16.23 14.38 -19.02
C PRO D 115 -16.15 15.90 -19.28
N ARG D 116 -16.80 16.41 -20.33
CA ARG D 116 -16.78 17.85 -20.56
C ARG D 116 -17.86 18.59 -19.78
N SER D 117 -18.77 17.88 -19.11
CA SER D 117 -19.85 18.53 -18.37
C SER D 117 -19.29 19.49 -17.33
N SER D 118 -20.02 20.58 -17.11
CA SER D 118 -19.63 21.52 -16.05
C SER D 118 -19.85 20.96 -14.66
N PHE D 119 -20.54 19.82 -14.54
CA PHE D 119 -20.89 19.25 -13.25
C PHE D 119 -19.98 18.11 -12.84
N THR D 120 -18.81 17.97 -13.46
CA THR D 120 -17.87 16.96 -12.99
C THR D 120 -17.26 17.37 -11.65
N PHE D 121 -16.85 16.37 -10.87
CA PHE D 121 -16.12 16.65 -9.63
C PHE D 121 -14.85 17.45 -9.90
N LEU D 122 -14.15 17.14 -11.00
CA LEU D 122 -12.94 17.89 -11.31
C LEU D 122 -13.24 19.34 -11.67
N ASN D 123 -14.36 19.62 -12.31
CA ASN D 123 -14.66 21.01 -12.58
C ASN D 123 -15.07 21.74 -11.30
N TYR D 124 -15.86 21.07 -10.45
CA TYR D 124 -16.18 21.58 -9.12
C TYR D 124 -14.93 22.00 -8.36
N LEU D 125 -13.93 21.11 -8.30
CA LEU D 125 -12.67 21.46 -7.66
C LEU D 125 -12.04 22.67 -8.32
N HIS D 126 -12.02 22.70 -9.65
CA HIS D 126 -11.43 23.83 -10.36
C HIS D 126 -12.16 25.12 -10.01
N GLN D 127 -13.49 25.06 -9.92
CA GLN D 127 -14.28 26.26 -9.57
C GLN D 127 -14.01 26.70 -8.15
N LYS D 128 -13.65 25.76 -7.28
CA LYS D 128 -13.32 26.03 -5.89
C LYS D 128 -11.88 26.45 -5.68
N GLY D 129 -11.05 26.40 -6.72
CA GLY D 129 -9.62 26.66 -6.54
C GLY D 129 -8.93 25.57 -5.77
N ARG D 130 -9.40 24.34 -5.91
CA ARG D 130 -8.88 23.21 -5.12
C ARG D 130 -8.39 22.05 -5.98
N LEU D 131 -8.35 22.20 -7.30
CA LEU D 131 -8.09 21.05 -8.16
C LEU D 131 -6.66 20.54 -7.96
N ILE D 132 -5.67 21.43 -8.05
CA ILE D 132 -4.29 20.99 -7.82
C ILE D 132 -4.14 20.41 -6.41
N HIS D 133 -4.81 21.01 -5.42
CA HIS D 133 -4.64 20.53 -4.04
C HIS D 133 -5.24 19.14 -3.85
N PHE D 134 -6.40 18.89 -4.46
CA PHE D 134 -6.93 17.53 -4.46
C PHE D 134 -6.01 16.57 -5.17
N THR D 135 -5.42 17.02 -6.29
CA THR D 135 -4.53 16.17 -7.07
C THR D 135 -3.36 15.68 -6.24
N ASN D 136 -2.85 16.52 -5.35
CA ASN D 136 -1.73 16.12 -4.52
C ASN D 136 -2.11 15.14 -3.42
N LEU D 137 -3.41 14.93 -3.18
CA LEU D 137 -3.86 13.92 -2.23
C LEU D 137 -3.61 12.51 -2.74
N SER D 138 -3.59 12.33 -4.07
CA SER D 138 -3.41 11.03 -4.70
C SER D 138 -4.43 10.04 -4.19
N THR D 139 -5.70 10.45 -4.14
CA THR D 139 -6.76 9.51 -3.79
C THR D 139 -7.94 9.65 -4.75
N PHE D 140 -8.59 8.53 -5.02
CA PHE D 140 -9.82 8.50 -5.79
C PHE D 140 -11.06 8.64 -4.92
N LEU D 141 -10.91 8.46 -3.59
CA LEU D 141 -12.01 8.44 -2.63
C LEU D 141 -12.05 9.71 -1.80
N PRO D 142 -12.83 10.72 -2.20
CA PRO D 142 -12.90 11.93 -1.39
C PRO D 142 -13.58 11.66 -0.04
N ALA D 143 -13.23 12.47 0.95
CA ALA D 143 -14.03 12.52 2.17
C ALA D 143 -15.50 12.69 1.83
N ARG D 144 -16.36 11.99 2.55
CA ARG D 144 -17.79 12.13 2.33
C ARG D 144 -18.21 13.58 2.48
N LEU D 145 -17.65 14.27 3.46
CA LEU D 145 -17.94 15.71 3.61
C LEU D 145 -17.62 16.45 2.31
N GLU D 146 -16.54 16.08 1.64
CA GLU D 146 -16.20 16.80 0.42
C GLU D 146 -17.14 16.41 -0.70
N PHE D 147 -17.41 15.10 -0.87
CA PHE D 147 -18.29 14.70 -1.95
C PHE D 147 -19.69 15.24 -1.76
N GLU D 148 -20.15 15.32 -0.51
CA GLU D 148 -21.41 16.01 -0.26
C GLU D 148 -21.35 17.45 -0.74
N ASP D 149 -20.27 18.17 -0.42
CA ASP D 149 -20.21 19.56 -0.83
C ASP D 149 -20.17 19.71 -2.33
N TYR D 150 -19.56 18.76 -3.04
CA TYR D 150 -19.59 18.74 -4.50
C TYR D 150 -21.02 18.60 -5.00
N MET D 151 -21.76 17.63 -4.47
CA MET D 151 -23.12 17.50 -4.94
C MET D 151 -23.96 18.68 -4.48
N ARG D 152 -23.68 19.24 -3.30
CA ARG D 152 -24.40 20.43 -2.87
C ARG D 152 -24.15 21.61 -3.80
N TRP D 153 -22.89 21.79 -4.24
CA TRP D 153 -22.54 22.81 -5.22
C TRP D 153 -23.29 22.61 -6.53
N CYS D 154 -23.38 21.36 -7.01
CA CYS D 154 -24.23 21.04 -8.16
C CYS D 154 -25.68 21.42 -7.88
N ALA D 155 -26.18 21.00 -6.72
CA ALA D 155 -27.58 21.19 -6.40
C ALA D 155 -27.97 22.66 -6.36
N GLN D 156 -27.07 23.52 -5.86
CA GLN D 156 -27.42 24.93 -5.72
C GLN D 156 -27.66 25.59 -7.06
N GLN D 157 -27.20 24.98 -8.16
CA GLN D 157 -27.45 25.54 -9.47
C GLN D 157 -28.87 25.27 -9.95
N PHE D 158 -29.60 24.36 -9.30
CA PHE D 158 -30.98 24.04 -9.65
C PHE D 158 -31.99 24.56 -8.62
N SER D 159 -31.60 25.51 -7.78
CA SER D 159 -32.50 25.98 -6.73
C SER D 159 -33.83 26.48 -7.30
N ASP D 160 -33.84 26.98 -8.54
CA ASP D 160 -35.08 27.49 -9.13
C ASP D 160 -36.11 26.40 -9.41
N VAL D 161 -35.73 25.12 -9.40
CA VAL D 161 -36.70 24.09 -9.71
C VAL D 161 -36.83 23.05 -8.61
N VAL D 162 -36.19 23.28 -7.46
CA VAL D 162 -36.26 22.39 -6.31
C VAL D 162 -36.97 23.12 -5.18
N ALA D 163 -37.95 22.44 -4.58
CA ALA D 163 -38.67 22.95 -3.41
C ALA D 163 -38.28 22.10 -2.21
N TYR D 164 -37.52 22.68 -1.30
CA TYR D 164 -37.07 21.97 -0.12
C TYR D 164 -38.15 21.99 0.94
N GLY D 165 -37.96 21.18 1.97
CA GLY D 165 -38.91 21.12 3.05
C GLY D 165 -40.26 20.59 2.66
N GLU D 166 -40.34 19.83 1.56
CA GLU D 166 -41.59 19.25 1.06
C GLU D 166 -41.48 17.74 1.13
N GLU D 167 -42.33 17.12 1.94
CA GLU D 167 -42.41 15.67 2.06
C GLU D 167 -43.60 15.19 1.24
N VAL D 168 -43.33 14.58 0.09
CA VAL D 168 -44.39 13.99 -0.72
C VAL D 168 -45.12 12.94 0.11
N VAL D 169 -46.44 13.00 0.11
CA VAL D 169 -47.23 12.05 0.89
C VAL D 169 -48.05 11.11 0.01
N GLU D 170 -48.48 11.53 -1.18
CA GLU D 170 -49.16 10.59 -2.04
C GLU D 170 -49.13 11.08 -3.48
N VAL D 171 -49.40 10.14 -4.39
CA VAL D 171 -49.51 10.40 -5.81
C VAL D 171 -50.90 9.91 -6.21
N ILE D 172 -51.74 10.82 -6.69
CA ILE D 172 -53.12 10.46 -6.93
C ILE D 172 -53.39 10.59 -8.44
N PRO D 173 -54.18 9.70 -9.02
CA PRO D 173 -54.32 9.71 -10.48
C PRO D 173 -55.15 10.89 -10.93
N GLY D 174 -54.91 11.29 -12.18
CA GLY D 174 -55.67 12.38 -12.77
C GLY D 174 -56.30 12.01 -14.10
N LYS D 175 -57.58 12.33 -14.24
CA LYS D 175 -58.35 12.09 -15.45
C LYS D 175 -58.78 13.45 -15.98
N SER D 176 -58.05 14.00 -16.96
CA SER D 176 -58.40 15.32 -17.46
C SER D 176 -59.63 15.32 -18.37
N ASP D 177 -60.11 14.16 -18.80
CA ASP D 177 -61.31 14.06 -19.62
C ASP D 177 -62.46 13.55 -18.77
N PRO D 178 -63.52 14.34 -18.60
CA PRO D 178 -64.72 13.83 -17.91
C PRO D 178 -65.33 12.61 -18.57
N SER D 179 -65.11 12.41 -19.87
CA SER D 179 -65.70 11.28 -20.58
C SER D 179 -64.82 10.04 -20.50
N SER D 180 -63.53 10.19 -20.82
CA SER D 180 -62.60 9.07 -20.80
C SER D 180 -62.33 8.64 -19.36
N SER D 181 -62.17 7.33 -19.16
CA SER D 181 -61.77 6.79 -17.86
C SER D 181 -60.26 6.65 -17.75
N VAL D 182 -59.50 7.32 -18.61
CA VAL D 182 -58.06 7.08 -18.75
C VAL D 182 -57.32 8.12 -17.91
N VAL D 183 -56.45 7.64 -17.02
CA VAL D 183 -55.54 8.51 -16.28
C VAL D 183 -54.51 9.11 -17.23
N ASP D 184 -54.49 10.44 -17.33
CA ASP D 184 -53.49 11.11 -18.17
C ASP D 184 -52.66 12.16 -17.41
N PHE D 185 -52.77 12.23 -16.08
CA PHE D 185 -51.77 12.94 -15.29
C PHE D 185 -51.82 12.41 -13.86
N PHE D 186 -50.93 12.92 -13.04
CA PHE D 186 -50.90 12.59 -11.63
C PHE D 186 -50.80 13.89 -10.83
N THR D 187 -51.41 13.90 -9.67
CA THR D 187 -51.27 15.00 -8.74
C THR D 187 -50.42 14.50 -7.58
N VAL D 188 -49.28 15.16 -7.37
CA VAL D 188 -48.37 14.80 -6.30
C VAL D 188 -48.62 15.77 -5.14
N ARG D 189 -49.07 15.22 -4.02
CA ARG D 189 -49.32 15.98 -2.80
C ARG D 189 -48.12 15.88 -1.87
N SER D 190 -47.74 17.01 -1.30
CA SER D 190 -46.62 17.05 -0.37
C SER D 190 -47.00 17.90 0.82
N ARG D 191 -46.45 17.52 1.96
CA ARG D 191 -46.67 18.17 3.25
C ARG D 191 -45.44 18.99 3.57
N ASN D 192 -45.62 20.29 3.78
CA ASN D 192 -44.49 21.17 4.09
C ASN D 192 -43.97 20.88 5.49
N VAL D 193 -42.67 20.57 5.60
CA VAL D 193 -42.14 20.13 6.89
C VAL D 193 -42.26 21.21 7.95
N GLU D 194 -42.15 22.48 7.56
CA GLU D 194 -42.15 23.56 8.55
C GLU D 194 -43.57 23.96 8.95
N THR D 195 -44.49 24.04 7.99
CA THR D 195 -45.84 24.47 8.28
C THR D 195 -46.83 23.31 8.40
N GLY D 196 -46.51 22.15 7.84
CA GLY D 196 -47.50 21.09 7.77
C GLY D 196 -48.62 21.32 6.77
N GLU D 197 -48.51 22.32 5.91
CA GLU D 197 -49.55 22.58 4.94
C GLU D 197 -49.36 21.68 3.73
N ILE D 198 -50.48 21.20 3.18
CA ILE D 198 -50.47 20.32 2.02
C ILE D 198 -50.52 21.16 0.75
N SER D 199 -49.65 20.86 -0.21
CA SER D 199 -49.76 21.46 -1.54
C SER D 199 -49.79 20.36 -2.59
N ALA D 200 -50.41 20.67 -3.73
CA ALA D 200 -50.62 19.73 -4.83
C ALA D 200 -50.01 20.27 -6.12
N ARG D 201 -49.25 19.44 -6.83
CA ARG D 201 -48.69 19.80 -8.12
C ARG D 201 -49.09 18.75 -9.15
N ARG D 202 -49.57 19.21 -10.31
CA ARG D 202 -50.03 18.33 -11.38
C ARG D 202 -48.89 18.08 -12.35
N THR D 203 -48.73 16.83 -12.75
CA THR D 203 -47.65 16.47 -13.67
C THR D 203 -48.06 15.28 -14.52
N ARG D 204 -47.55 15.25 -15.75
CA ARG D 204 -47.77 14.11 -16.63
C ARG D 204 -46.92 12.92 -16.21
N LYS D 205 -45.71 13.16 -15.72
CA LYS D 205 -44.77 12.10 -15.42
C LYS D 205 -44.17 12.34 -14.05
N VAL D 206 -43.94 11.24 -13.31
CA VAL D 206 -43.41 11.29 -11.95
C VAL D 206 -42.15 10.43 -11.89
N VAL D 207 -41.15 10.92 -11.15
CA VAL D 207 -39.99 10.11 -10.80
C VAL D 207 -39.95 9.98 -9.28
N ILE D 208 -39.86 8.75 -8.78
CA ILE D 208 -39.71 8.50 -7.36
C ILE D 208 -38.25 8.15 -7.12
N ALA D 209 -37.54 9.03 -6.40
CA ALA D 209 -36.12 8.83 -6.16
C ALA D 209 -35.86 9.18 -4.69
N ILE D 210 -36.39 8.34 -3.80
CA ILE D 210 -36.47 8.65 -2.39
C ILE D 210 -35.51 7.81 -1.55
N GLY D 211 -34.61 7.05 -2.19
CA GLY D 211 -33.58 6.36 -1.42
C GLY D 211 -34.19 5.30 -0.50
N GLY D 212 -33.73 5.25 0.76
CA GLY D 212 -34.00 4.13 1.61
C GLY D 212 -34.56 4.57 2.95
N THR D 213 -35.27 3.65 3.59
CA THR D 213 -35.74 3.87 4.95
C THR D 213 -34.96 2.99 5.93
N ALA D 214 -34.76 3.51 7.13
CA ALA D 214 -34.12 2.76 8.21
C ALA D 214 -34.79 1.41 8.40
N LYS D 215 -33.99 0.37 8.37
CA LYS D 215 -34.46 -0.98 8.63
C LYS D 215 -34.04 -1.32 10.05
N MET D 216 -35.01 -1.56 10.90
CA MET D 216 -34.83 -1.91 12.29
C MET D 216 -35.19 -3.36 12.52
N PRO D 217 -34.46 -4.06 13.38
CA PRO D 217 -34.93 -5.39 13.80
C PRO D 217 -36.31 -5.25 14.44
N SER D 218 -37.21 -6.15 14.06
CA SER D 218 -38.60 -6.03 14.50
C SER D 218 -38.73 -6.19 16.00
N GLY D 219 -37.95 -7.10 16.59
CA GLY D 219 -38.06 -7.29 18.03
C GLY D 219 -37.60 -6.13 18.88
N LEU D 220 -37.07 -5.07 18.28
CA LEU D 220 -36.51 -3.97 19.05
C LEU D 220 -37.60 -2.98 19.46
N PRO D 221 -37.75 -2.69 20.75
CA PRO D 221 -38.69 -1.63 21.16
C PRO D 221 -38.21 -0.26 20.69
N GLN D 222 -39.15 0.67 20.64
CA GLN D 222 -38.85 2.06 20.32
C GLN D 222 -38.54 2.81 21.61
N ASP D 223 -37.45 3.59 21.58
CA ASP D 223 -36.92 4.26 22.77
C ASP D 223 -35.93 5.31 22.26
N PRO D 224 -35.86 6.48 22.90
CA PRO D 224 -34.89 7.49 22.44
C PRO D 224 -33.43 7.04 22.58
N ARG D 225 -33.13 6.04 23.40
CA ARG D 225 -31.76 5.56 23.52
C ARG D 225 -31.43 4.50 22.47
N ILE D 226 -32.37 4.21 21.57
CA ILE D 226 -32.21 3.21 20.52
C ILE D 226 -32.30 3.97 19.20
N ILE D 227 -31.17 4.18 18.55
CA ILE D 227 -31.06 5.08 17.41
C ILE D 227 -30.51 4.33 16.21
N HIS D 228 -31.20 4.42 15.08
CA HIS D 228 -30.62 3.86 13.87
C HIS D 228 -29.35 4.63 13.50
N SER D 229 -28.46 3.96 12.76
CA SER D 229 -27.22 4.59 12.33
C SER D 229 -27.47 5.81 11.45
N SER D 230 -28.60 5.85 10.75
CA SER D 230 -28.91 6.98 9.89
C SER D 230 -29.06 8.28 10.67
N LYS D 231 -29.25 8.22 11.98
CA LYS D 231 -29.38 9.42 12.80
C LYS D 231 -28.25 9.55 13.82
N TYR D 232 -27.10 8.93 13.55
CA TYR D 232 -26.01 8.90 14.51
C TYR D 232 -25.48 10.30 14.82
N CYS D 233 -24.96 11.00 13.82
CA CYS D 233 -24.35 12.31 14.05
C CYS D 233 -25.36 13.34 14.47
N THR D 234 -26.63 13.13 14.12
CA THR D 234 -27.65 14.13 14.33
C THR D 234 -28.46 13.92 15.60
N THR D 235 -28.54 12.69 16.11
CA THR D 235 -29.39 12.37 17.26
C THR D 235 -28.62 11.92 18.49
N LEU D 236 -27.53 11.17 18.34
CA LEU D 236 -26.82 10.67 19.51
C LEU D 236 -26.20 11.78 20.36
N PRO D 237 -25.58 12.83 19.80
CA PRO D 237 -25.02 13.87 20.67
C PRO D 237 -26.07 14.55 21.53
N ALA D 238 -27.30 14.73 21.03
CA ALA D 238 -28.33 15.35 21.85
C ALA D 238 -28.69 14.46 23.04
N LEU D 239 -28.59 13.14 22.87
CA LEU D 239 -28.93 12.22 23.94
C LEU D 239 -27.78 12.08 24.93
N LEU D 240 -26.56 11.91 24.42
CA LEU D 240 -25.35 11.71 25.21
C LEU D 240 -24.49 12.96 25.05
N LYS D 241 -24.72 13.96 25.90
CA LYS D 241 -24.14 15.28 25.67
C LYS D 241 -22.78 15.50 26.33
N ASP D 242 -22.39 14.70 27.33
CA ASP D 242 -21.13 14.92 28.05
C ASP D 242 -20.08 14.03 27.40
N LYS D 243 -19.25 14.62 26.53
CA LYS D 243 -18.33 13.84 25.72
C LYS D 243 -17.32 13.07 26.57
N SER D 244 -17.15 13.42 27.84
CA SER D 244 -16.12 12.79 28.67
C SER D 244 -16.70 11.80 29.68
N LYS D 245 -18.01 11.55 29.67
CA LYS D 245 -18.59 10.64 30.64
C LYS D 245 -18.38 9.18 30.22
N PRO D 246 -18.09 8.29 31.20
CA PRO D 246 -17.87 6.89 30.87
C PRO D 246 -19.18 6.19 30.51
N TYR D 247 -19.70 6.51 29.33
CA TYR D 247 -20.94 5.92 28.85
C TYR D 247 -20.71 4.48 28.39
N ASN D 248 -21.77 3.68 28.43
CA ASN D 248 -21.81 2.36 27.79
C ASN D 248 -22.66 2.48 26.53
N ILE D 249 -22.06 2.24 25.37
CA ILE D 249 -22.75 2.40 24.11
C ILE D 249 -22.56 1.13 23.28
N ALA D 250 -23.66 0.46 22.97
CA ALA D 250 -23.60 -0.73 22.14
C ALA D 250 -23.92 -0.38 20.70
N VAL D 251 -23.34 -1.14 19.77
CA VAL D 251 -23.58 -0.99 18.35
C VAL D 251 -24.02 -2.34 17.81
N LEU D 252 -25.18 -2.38 17.15
CA LEU D 252 -25.70 -3.60 16.56
C LEU D 252 -25.37 -3.63 15.07
N GLY D 253 -24.74 -4.72 14.63
CA GLY D 253 -24.44 -4.94 13.22
C GLY D 253 -22.95 -5.10 12.97
N SER D 254 -22.64 -5.42 11.72
CA SER D 254 -21.25 -5.63 11.38
C SER D 254 -20.92 -5.22 9.95
N GLY D 255 -21.74 -4.38 9.32
CA GLY D 255 -21.41 -3.79 8.04
C GLY D 255 -20.72 -2.45 8.21
N GLN D 256 -20.65 -1.71 7.11
CA GLN D 256 -19.83 -0.50 7.07
C GLN D 256 -20.30 0.54 8.06
N SER D 257 -21.62 0.66 8.24
CA SER D 257 -22.16 1.65 9.18
C SER D 257 -21.78 1.29 10.62
N ALA D 258 -21.91 0.01 10.97
CA ALA D 258 -21.55 -0.42 12.32
C ALA D 258 -20.09 -0.13 12.61
N ALA D 259 -19.21 -0.50 11.69
CA ALA D 259 -17.77 -0.29 11.88
C ALA D 259 -17.43 1.19 12.00
N GLU D 260 -18.05 2.04 11.16
CA GLU D 260 -17.75 3.46 11.24
C GLU D 260 -18.22 4.04 12.55
N ILE D 261 -19.40 3.65 13.03
CA ILE D 261 -19.90 4.17 14.29
C ILE D 261 -19.05 3.63 15.44
N PHE D 262 -18.81 2.33 15.46
CA PHE D 262 -18.03 1.71 16.54
C PHE D 262 -16.67 2.39 16.66
N HIS D 263 -15.96 2.54 15.53
CA HIS D 263 -14.66 3.21 15.55
C HIS D 263 -14.80 4.68 15.93
N ASP D 264 -15.86 5.36 15.46
CA ASP D 264 -16.00 6.78 15.78
C ASP D 264 -16.31 7.01 17.25
N LEU D 265 -17.24 6.24 17.81
CA LEU D 265 -17.57 6.38 19.23
C LEU D 265 -16.32 6.38 20.11
N GLN D 266 -15.30 5.62 19.72
CA GLN D 266 -14.11 5.50 20.56
C GLN D 266 -13.30 6.79 20.61
N LYS D 267 -13.39 7.63 19.58
CA LYS D 267 -12.76 8.94 19.63
C LYS D 267 -13.70 9.99 20.21
N ARG D 268 -14.98 9.93 19.83
CA ARG D 268 -15.93 10.95 20.26
C ARG D 268 -16.11 10.92 21.77
N TYR D 269 -16.25 9.73 22.35
CA TYR D 269 -16.44 9.55 23.79
C TYR D 269 -15.25 8.74 24.31
N PRO D 270 -14.10 9.39 24.51
CA PRO D 270 -12.85 8.63 24.74
C PRO D 270 -12.83 7.82 26.03
N ASN D 271 -13.80 8.02 26.93
CA ASN D 271 -13.90 7.27 28.17
C ASN D 271 -15.05 6.26 28.18
N SER D 272 -15.81 6.21 27.09
CA SER D 272 -16.94 5.30 27.01
C SER D 272 -16.46 3.84 26.95
N ARG D 273 -17.39 2.94 27.24
CA ARG D 273 -17.17 1.52 27.04
C ARG D 273 -18.12 1.09 25.94
N THR D 274 -17.58 0.84 24.77
CA THR D 274 -18.38 0.46 23.62
C THR D 274 -18.32 -1.04 23.37
N THR D 275 -19.41 -1.54 22.81
CA THR D 275 -19.58 -2.95 22.55
C THR D 275 -20.20 -3.09 21.17
N LEU D 276 -19.51 -3.76 20.26
CA LEU D 276 -20.04 -4.11 18.96
C LEU D 276 -20.73 -5.46 19.08
N ILE D 277 -22.04 -5.49 18.84
CA ILE D 277 -22.82 -6.72 18.89
C ILE D 277 -23.10 -7.16 17.46
N MET D 278 -22.66 -8.38 17.11
CA MET D 278 -22.84 -8.87 15.76
C MET D 278 -23.24 -10.33 15.79
N ARG D 279 -24.13 -10.73 14.88
CA ARG D 279 -24.49 -12.14 14.84
C ARG D 279 -23.55 -12.99 14.00
N ASP D 280 -22.79 -12.38 13.08
CA ASP D 280 -21.71 -13.09 12.40
C ASP D 280 -20.53 -13.27 13.34
N SER D 281 -19.58 -14.12 12.91
CA SER D 281 -18.39 -14.41 13.69
C SER D 281 -17.32 -13.33 13.58
N ALA D 282 -17.37 -12.49 12.55
CA ALA D 282 -16.37 -11.46 12.37
C ALA D 282 -16.88 -10.42 11.40
N MET D 283 -16.29 -9.24 11.49
CA MET D 283 -16.36 -8.26 10.42
C MET D 283 -15.65 -8.81 9.19
N ARG D 284 -16.24 -8.61 8.00
CA ARG D 284 -15.74 -9.21 6.79
C ARG D 284 -15.46 -8.13 5.75
N PRO D 285 -14.39 -8.30 4.97
CA PRO D 285 -13.94 -7.21 4.10
C PRO D 285 -14.81 -7.09 2.86
N SER D 286 -15.08 -5.83 2.49
CA SER D 286 -15.73 -5.55 1.22
C SER D 286 -14.83 -6.00 0.07
N ASP D 287 -15.44 -6.32 -1.07
CA ASP D 287 -14.73 -6.75 -2.27
C ASP D 287 -14.57 -5.56 -3.21
N ASP D 288 -13.35 -5.03 -3.31
CA ASP D 288 -13.05 -3.94 -4.24
C ASP D 288 -12.19 -4.41 -5.42
N SER D 289 -12.06 -5.72 -5.61
CA SER D 289 -11.21 -6.27 -6.66
C SER D 289 -11.80 -5.96 -8.04
N PRO D 290 -10.95 -5.80 -9.05
CA PRO D 290 -11.43 -5.13 -10.28
C PRO D 290 -12.36 -5.97 -11.15
N PHE D 291 -12.14 -7.29 -11.30
CA PHE D 291 -13.05 -8.01 -12.20
C PHE D 291 -14.44 -8.08 -11.61
N VAL D 292 -14.53 -8.30 -10.29
CA VAL D 292 -15.83 -8.33 -9.62
C VAL D 292 -16.51 -6.97 -9.73
N ASN D 293 -15.77 -5.88 -9.51
CA ASN D 293 -16.46 -4.60 -9.46
C ASN D 293 -16.90 -4.13 -10.82
N GLU D 294 -16.62 -4.88 -11.89
CA GLU D 294 -17.23 -4.56 -13.18
C GLU D 294 -18.74 -4.73 -13.16
N ILE D 295 -19.31 -5.40 -12.15
CA ILE D 295 -20.78 -5.44 -12.05
C ILE D 295 -21.34 -4.03 -11.87
N PHE D 296 -20.53 -3.08 -11.38
CA PHE D 296 -20.96 -1.70 -11.21
C PHE D 296 -20.78 -0.86 -12.47
N ASN D 297 -20.30 -1.46 -13.57
CA ASN D 297 -20.14 -0.70 -14.79
C ASN D 297 -21.51 -0.26 -15.32
N PRO D 298 -21.62 0.96 -15.87
CA PRO D 298 -22.92 1.38 -16.43
C PRO D 298 -23.40 0.48 -17.55
N GLU D 299 -22.49 -0.02 -18.39
CA GLU D 299 -22.93 -0.84 -19.50
C GLU D 299 -23.36 -2.23 -19.05
N ARG D 300 -23.10 -2.61 -17.81
CA ARG D 300 -23.58 -3.90 -17.36
C ARG D 300 -25.08 -3.93 -17.09
N VAL D 301 -25.72 -2.76 -16.93
CA VAL D 301 -27.14 -2.77 -16.58
C VAL D 301 -27.96 -3.46 -17.66
N ASP D 302 -27.62 -3.25 -18.93
CA ASP D 302 -28.32 -3.96 -20.00
C ASP D 302 -28.28 -5.47 -19.81
N LYS D 303 -27.08 -6.02 -19.62
CA LYS D 303 -26.93 -7.46 -19.48
C LYS D 303 -27.65 -7.97 -18.23
N PHE D 304 -27.53 -7.26 -17.10
CA PHE D 304 -28.19 -7.72 -15.88
C PHE D 304 -29.70 -7.76 -16.08
N TYR D 305 -30.29 -6.65 -16.54
CA TYR D 305 -31.73 -6.58 -16.73
C TYR D 305 -32.25 -7.71 -17.61
N SER D 306 -31.50 -8.10 -18.64
CA SER D 306 -32.06 -9.09 -19.55
C SER D 306 -32.05 -10.51 -18.97
N GLN D 307 -31.58 -10.72 -17.75
CA GLN D 307 -31.51 -12.07 -17.24
C GLN D 307 -32.85 -12.50 -16.63
N SER D 308 -33.01 -13.81 -16.46
CA SER D 308 -34.17 -14.32 -15.76
C SER D 308 -34.15 -13.86 -14.32
N ALA D 309 -35.34 -13.79 -13.71
CA ALA D 309 -35.41 -13.46 -12.30
C ALA D 309 -34.63 -14.46 -11.46
N ALA D 310 -34.53 -15.71 -11.92
CA ALA D 310 -33.73 -16.69 -11.19
C ALA D 310 -32.25 -16.35 -11.28
N GLU D 311 -31.75 -15.98 -12.47
CA GLU D 311 -30.34 -15.63 -12.60
C GLU D 311 -30.02 -14.31 -11.89
N ARG D 312 -30.92 -13.32 -12.00
CA ARG D 312 -30.70 -12.05 -11.32
C ARG D 312 -30.65 -12.23 -9.81
N GLN D 313 -31.54 -13.07 -9.25
CA GLN D 313 -31.43 -13.39 -7.83
C GLN D 313 -30.10 -14.06 -7.51
N ARG D 314 -29.72 -15.08 -8.29
CA ARG D 314 -28.46 -15.77 -8.03
C ARG D 314 -27.25 -14.85 -8.22
N SER D 315 -27.36 -13.89 -9.13
CA SER D 315 -26.25 -12.97 -9.34
C SER D 315 -26.10 -12.00 -8.17
N LEU D 316 -27.21 -11.43 -7.67
CA LEU D 316 -27.13 -10.46 -6.57
C LEU D 316 -26.57 -11.11 -5.31
N LEU D 317 -26.93 -12.37 -5.06
CA LEU D 317 -26.40 -13.06 -3.90
C LEU D 317 -24.93 -13.40 -4.07
N ALA D 318 -24.49 -13.66 -5.31
CA ALA D 318 -23.09 -13.96 -5.56
C ALA D 318 -22.21 -12.74 -5.34
N ASP D 319 -22.77 -11.54 -5.51
CA ASP D 319 -21.99 -10.31 -5.45
C ASP D 319 -22.42 -9.42 -4.28
N LYS D 320 -23.19 -9.97 -3.33
CA LYS D 320 -23.57 -9.21 -2.15
C LYS D 320 -22.34 -8.69 -1.40
N ALA D 321 -21.24 -9.46 -1.44
CA ALA D 321 -20.04 -9.13 -0.68
C ALA D 321 -19.36 -7.87 -1.19
N THR D 322 -19.71 -7.39 -2.38
CA THR D 322 -19.13 -6.14 -2.84
C THR D 322 -19.35 -5.01 -1.83
N ASN D 323 -20.56 -4.93 -1.26
CA ASN D 323 -20.93 -3.79 -0.41
C ASN D 323 -21.83 -4.11 0.79
N TYR D 324 -22.61 -5.18 0.82
CA TYR D 324 -23.52 -5.45 1.93
C TYR D 324 -22.86 -6.29 3.02
N SER D 325 -23.09 -5.92 4.29
CA SER D 325 -22.58 -6.66 5.46
C SER D 325 -21.07 -6.84 5.42
N VAL D 326 -20.37 -5.86 4.87
CA VAL D 326 -18.92 -5.91 4.74
C VAL D 326 -18.38 -4.51 5.02
N VAL D 327 -17.09 -4.45 5.33
CA VAL D 327 -16.43 -3.25 5.79
C VAL D 327 -15.17 -3.08 4.94
N ARG D 328 -14.87 -1.84 4.57
CA ARG D 328 -13.63 -1.61 3.85
C ARG D 328 -12.47 -2.12 4.68
N LEU D 329 -11.54 -2.82 4.02
CA LEU D 329 -10.48 -3.53 4.73
C LEU D 329 -9.69 -2.58 5.61
N GLU D 330 -9.38 -1.39 5.10
CA GLU D 330 -8.58 -0.44 5.88
C GLU D 330 -9.22 -0.16 7.24
N LEU D 331 -10.54 -0.03 7.27
CA LEU D 331 -11.21 0.27 8.53
C LEU D 331 -11.25 -0.96 9.44
N ILE D 332 -11.36 -2.16 8.87
CA ILE D 332 -11.29 -3.37 9.68
C ILE D 332 -9.92 -3.47 10.36
N GLU D 333 -8.85 -3.18 9.61
CA GLU D 333 -7.52 -3.31 10.18
C GLU D 333 -7.28 -2.27 11.27
N GLU D 334 -7.78 -1.05 11.04
CA GLU D 334 -7.69 -0.01 12.04
C GLU D 334 -8.39 -0.42 13.34
N ILE D 335 -9.63 -0.91 13.24
CA ILE D 335 -10.32 -1.40 14.43
C ILE D 335 -9.53 -2.53 15.09
N TYR D 336 -9.03 -3.47 14.28
CA TYR D 336 -8.25 -4.58 14.81
C TYR D 336 -7.01 -4.08 15.56
N ASN D 337 -6.32 -3.07 15.01
CA ASN D 337 -5.13 -2.54 15.69
C ASN D 337 -5.49 -1.91 17.03
N ASP D 338 -6.61 -1.18 17.10
CA ASP D 338 -7.06 -0.65 18.39
C ASP D 338 -7.37 -1.77 19.38
N MET D 339 -7.98 -2.84 18.91
CA MET D 339 -8.22 -3.99 19.78
C MET D 339 -6.91 -4.59 20.24
N TYR D 340 -5.95 -4.73 19.32
CA TYR D 340 -4.67 -5.31 19.71
C TYR D 340 -4.00 -4.46 20.79
N LEU D 341 -4.07 -3.14 20.66
CA LEU D 341 -3.44 -2.27 21.66
C LEU D 341 -4.06 -2.47 23.04
N GLN D 342 -5.37 -2.75 23.12
CA GLN D 342 -5.94 -3.11 24.41
C GLN D 342 -5.35 -4.41 24.94
N ARG D 343 -5.08 -5.37 24.05
CA ARG D 343 -4.51 -6.64 24.50
C ARG D 343 -3.10 -6.46 25.05
N VAL D 344 -2.35 -5.49 24.51
CA VAL D 344 -1.01 -5.24 24.99
C VAL D 344 -1.05 -4.80 26.43
N LYS D 345 -1.99 -3.91 26.74
CA LYS D 345 -2.12 -3.36 28.07
C LYS D 345 -2.81 -4.31 29.03
N ASN D 346 -3.68 -5.20 28.53
CA ASN D 346 -4.38 -6.14 29.40
C ASN D 346 -4.73 -7.41 28.63
N PRO D 347 -4.19 -8.57 29.01
CA PRO D 347 -4.44 -9.78 28.24
C PRO D 347 -5.88 -10.29 28.32
N ASP D 348 -6.63 -9.90 29.35
CA ASP D 348 -7.99 -10.39 29.55
C ASP D 348 -8.97 -9.49 28.82
N GLU D 349 -9.58 -10.01 27.73
CA GLU D 349 -10.48 -9.21 26.89
C GLU D 349 -11.81 -8.90 27.56
N THR D 350 -12.24 -9.67 28.55
CA THR D 350 -13.48 -9.32 29.26
C THR D 350 -13.35 -7.99 29.97
N GLN D 351 -12.13 -7.46 30.13
CA GLN D 351 -11.89 -6.24 30.88
C GLN D 351 -11.50 -5.07 29.98
N TRP D 352 -11.59 -5.23 28.65
CA TRP D 352 -11.22 -4.13 27.76
C TRP D 352 -12.27 -3.03 27.76
N GLN D 353 -11.81 -1.80 27.51
CA GLN D 353 -12.72 -0.67 27.36
C GLN D 353 -13.68 -0.88 26.19
N HIS D 354 -13.16 -1.32 25.05
CA HIS D 354 -13.96 -1.51 23.85
C HIS D 354 -13.90 -2.97 23.43
N ARG D 355 -15.06 -3.57 23.21
CA ARG D 355 -15.15 -5.01 22.99
C ARG D 355 -16.02 -5.32 21.77
N ILE D 356 -15.74 -6.47 21.15
CA ILE D 356 -16.57 -7.04 20.11
C ILE D 356 -17.14 -8.35 20.64
N LEU D 357 -18.45 -8.53 20.50
CA LEU D 357 -19.12 -9.74 20.92
C LEU D 357 -19.67 -10.48 19.71
N PRO D 358 -18.96 -11.46 19.17
CA PRO D 358 -19.40 -12.10 17.92
C PRO D 358 -20.46 -13.17 18.17
N GLU D 359 -21.19 -13.48 17.11
CA GLU D 359 -22.18 -14.56 17.09
C GLU D 359 -23.22 -14.41 18.21
N ARG D 360 -23.65 -13.18 18.42
CA ARG D 360 -24.66 -12.84 19.42
C ARG D 360 -25.89 -12.27 18.73
N LYS D 361 -27.05 -12.47 19.36
CA LYS D 361 -28.26 -11.78 18.96
C LYS D 361 -28.93 -11.21 20.19
N ILE D 362 -29.64 -10.10 19.99
CA ILE D 362 -30.37 -9.48 21.09
C ILE D 362 -31.72 -10.18 21.19
N THR D 363 -32.04 -10.62 22.39
CA THR D 363 -33.30 -11.31 22.60
C THR D 363 -34.32 -10.47 23.36
N ARG D 364 -33.91 -9.33 23.91
CA ARG D 364 -34.71 -8.58 24.86
C ARG D 364 -33.95 -7.32 25.24
N VAL D 365 -34.65 -6.20 25.35
CA VAL D 365 -34.06 -4.95 25.84
C VAL D 365 -35.03 -4.40 26.87
N GLU D 366 -34.67 -4.48 28.14
CA GLU D 366 -35.41 -3.80 29.20
C GLU D 366 -35.10 -2.32 29.12
N HIS D 367 -36.14 -1.50 28.94
CA HIS D 367 -35.94 -0.07 28.78
C HIS D 367 -36.90 0.78 29.60
N HIS D 368 -37.86 0.18 30.28
CA HIS D 368 -38.77 0.95 31.12
C HIS D 368 -38.11 1.26 32.47
N GLY D 369 -38.41 2.43 32.99
CA GLY D 369 -37.88 2.85 34.27
C GLY D 369 -37.15 4.17 34.17
N PRO D 370 -37.01 4.87 35.29
CA PRO D 370 -36.25 6.11 35.29
C PRO D 370 -34.75 5.90 35.17
N GLN D 371 -34.29 4.66 35.30
CA GLN D 371 -32.86 4.34 35.19
C GLN D 371 -32.30 4.85 33.87
N SER D 372 -31.05 5.32 33.92
CA SER D 372 -30.43 5.90 32.72
C SER D 372 -30.10 4.84 31.68
N ARG D 373 -29.86 3.60 32.11
CA ARG D 373 -29.36 2.54 31.23
C ARG D 373 -30.44 1.49 30.97
N MET D 374 -30.42 0.97 29.75
CA MET D 374 -31.20 -0.19 29.32
C MET D 374 -30.38 -1.46 29.53
N ARG D 375 -31.09 -2.57 29.65
CA ARG D 375 -30.44 -3.88 29.77
C ARG D 375 -30.70 -4.67 28.49
N ILE D 376 -29.64 -4.93 27.74
CA ILE D 376 -29.68 -5.75 26.54
C ILE D 376 -29.43 -7.19 26.95
N HIS D 377 -30.34 -8.09 26.56
CA HIS D 377 -30.16 -9.52 26.79
C HIS D 377 -29.64 -10.17 25.51
N LEU D 378 -28.57 -10.93 25.64
CA LEU D 378 -27.85 -11.49 24.50
C LEU D 378 -27.84 -13.01 24.56
N LYS D 379 -28.17 -13.63 23.44
CA LYS D 379 -28.02 -15.07 23.26
C LYS D 379 -27.11 -15.33 22.07
N SER D 380 -26.70 -16.60 21.94
CA SER D 380 -25.95 -16.99 20.76
C SER D 380 -26.82 -16.85 19.51
N SER D 381 -26.19 -16.49 18.40
CA SER D 381 -26.85 -16.50 17.10
C SER D 381 -26.78 -17.85 16.41
N LYS D 382 -26.04 -18.81 16.97
CA LYS D 382 -26.04 -20.16 16.43
C LYS D 382 -27.44 -20.75 16.55
N PRO D 383 -28.02 -21.28 15.47
CA PRO D 383 -29.34 -21.93 15.48
C PRO D 383 -29.47 -23.04 16.52
N GLU D 394 -26.13 -13.61 29.31
CA GLU D 394 -25.29 -12.41 29.34
C GLU D 394 -26.11 -11.16 29.02
N THR D 395 -25.82 -10.09 29.75
CA THR D 395 -26.61 -8.87 29.67
C THR D 395 -25.67 -7.67 29.63
N LEU D 396 -26.07 -6.66 28.89
CA LEU D 396 -25.33 -5.41 28.79
C LEU D 396 -26.19 -4.28 29.36
N GLU D 397 -25.58 -3.43 30.17
CA GLU D 397 -26.22 -2.20 30.64
C GLU D 397 -25.65 -1.03 29.84
N VAL D 398 -26.50 -0.36 29.06
CA VAL D 398 -26.03 0.63 28.09
C VAL D 398 -26.86 1.91 28.20
N ASP D 399 -26.22 3.03 27.89
CA ASP D 399 -26.88 4.33 27.80
C ASP D 399 -27.45 4.58 26.43
N ALA D 400 -27.11 3.75 25.45
CA ALA D 400 -27.55 3.98 24.07
C ALA D 400 -27.24 2.73 23.26
N LEU D 401 -28.15 2.38 22.35
CA LEU D 401 -27.95 1.31 21.40
C LEU D 401 -28.02 1.89 20.00
N MET D 402 -26.87 1.98 19.34
CA MET D 402 -26.82 2.37 17.93
C MET D 402 -27.10 1.14 17.08
N VAL D 403 -28.06 1.24 16.17
CA VAL D 403 -28.61 0.10 15.45
C VAL D 403 -28.22 0.29 13.99
N ALA D 404 -27.19 -0.42 13.55
CA ALA D 404 -26.66 -0.23 12.20
C ALA D 404 -27.07 -1.39 11.30
N THR D 405 -28.38 -1.56 11.12
CA THR D 405 -28.93 -2.75 10.49
C THR D 405 -29.41 -2.50 9.06
N GLY D 406 -28.87 -1.47 8.40
CA GLY D 406 -29.13 -1.26 6.99
C GLY D 406 -30.45 -0.56 6.71
N TYR D 407 -30.90 -0.69 5.45
CA TYR D 407 -32.01 0.08 4.92
C TYR D 407 -32.92 -0.82 4.07
N ASN D 408 -34.19 -0.41 3.96
CA ASN D 408 -35.14 -0.92 3.00
C ASN D 408 -35.33 0.09 1.88
N ARG D 409 -35.68 -0.40 0.68
CA ARG D 409 -36.01 0.47 -0.45
C ARG D 409 -37.38 0.07 -0.99
N ASN D 410 -38.36 0.14 -0.11
CA ASN D 410 -39.73 -0.24 -0.41
C ASN D 410 -40.71 0.90 -0.16
N ALA D 411 -40.21 2.12 0.10
CA ALA D 411 -41.13 3.19 0.52
C ALA D 411 -41.98 3.70 -0.63
N HIS D 412 -41.52 3.52 -1.87
CA HIS D 412 -42.32 3.91 -3.02
C HIS D 412 -43.66 3.17 -3.06
N GLU D 413 -43.75 2.02 -2.39
CA GLU D 413 -44.98 1.24 -2.45
C GLU D 413 -46.10 1.94 -1.71
N ARG D 414 -45.79 2.59 -0.59
CA ARG D 414 -46.81 3.35 0.13
C ARG D 414 -47.14 4.64 -0.62
N LEU D 415 -46.11 5.32 -1.15
CA LEU D 415 -46.32 6.61 -1.81
C LEU D 415 -47.26 6.48 -3.02
N LEU D 416 -47.21 5.35 -3.72
CA LEU D 416 -47.99 5.10 -4.93
C LEU D 416 -49.24 4.26 -4.68
N SER D 417 -49.68 4.13 -3.43
CA SER D 417 -50.79 3.20 -3.18
C SER D 417 -52.06 3.61 -3.93
N LYS D 418 -52.30 4.92 -4.08
CA LYS D 418 -53.52 5.39 -4.72
C LYS D 418 -53.44 5.33 -6.24
N VAL D 419 -52.34 4.85 -6.82
CA VAL D 419 -52.28 4.53 -8.25
C VAL D 419 -51.96 3.08 -8.52
N GLN D 420 -51.83 2.23 -7.49
CA GLN D 420 -51.41 0.86 -7.75
C GLN D 420 -52.46 0.05 -8.49
N HIS D 421 -53.72 0.51 -8.50
CA HIS D 421 -54.76 -0.13 -9.31
C HIS D 421 -54.55 0.07 -10.80
N LEU D 422 -53.63 0.97 -11.21
CA LEU D 422 -53.34 1.15 -12.62
C LEU D 422 -52.30 0.17 -13.14
N ARG D 423 -51.63 -0.58 -12.25
CA ARG D 423 -50.72 -1.65 -12.67
C ARG D 423 -51.50 -2.73 -13.41
N PRO D 424 -50.81 -3.51 -14.26
CA PRO D 424 -51.47 -4.67 -14.86
C PRO D 424 -51.87 -5.71 -13.81
N THR D 425 -52.91 -6.45 -14.14
CA THR D 425 -53.50 -7.45 -13.24
C THR D 425 -52.47 -8.49 -12.79
N GLY D 426 -52.43 -8.75 -11.48
CA GLY D 426 -51.59 -9.81 -10.97
C GLY D 426 -50.16 -9.41 -10.66
N GLN D 427 -49.89 -8.14 -10.40
CA GLN D 427 -48.63 -7.67 -9.86
C GLN D 427 -48.90 -7.10 -8.47
N ASP D 428 -48.17 -7.57 -7.47
CA ASP D 428 -48.18 -6.95 -6.16
C ASP D 428 -47.03 -5.96 -5.96
N GLN D 429 -46.16 -5.82 -6.95
CA GLN D 429 -45.07 -4.85 -6.91
C GLN D 429 -45.02 -4.07 -8.21
N TRP D 430 -44.47 -2.87 -8.12
CA TRP D 430 -44.20 -2.08 -9.32
C TRP D 430 -43.08 -2.73 -10.12
N LYS D 431 -43.30 -2.89 -11.43
CA LYS D 431 -42.37 -3.62 -12.29
C LYS D 431 -41.72 -2.63 -13.25
N PRO D 432 -40.48 -2.20 -12.99
CA PRO D 432 -39.85 -1.20 -13.87
C PRO D 432 -39.33 -1.83 -15.15
N HIS D 433 -39.55 -1.14 -16.27
CA HIS D 433 -38.89 -1.58 -17.49
C HIS D 433 -37.41 -1.21 -17.45
N ARG D 434 -36.68 -1.57 -18.51
CA ARG D 434 -35.26 -1.27 -18.56
C ARG D 434 -35.01 0.22 -18.44
N ASP D 435 -35.90 1.05 -19.00
CA ASP D 435 -35.75 2.50 -18.91
C ASP D 435 -36.36 3.07 -17.65
N TYR D 436 -36.64 2.24 -16.65
CA TYR D 436 -37.08 2.62 -15.30
C TYR D 436 -38.53 3.11 -15.24
N ARG D 437 -39.25 3.07 -16.35
CA ARG D 437 -40.68 3.30 -16.35
C ARG D 437 -41.41 2.07 -15.81
N VAL D 438 -42.37 2.29 -14.90
CA VAL D 438 -43.13 1.19 -14.33
C VAL D 438 -44.21 0.77 -15.33
N GLU D 439 -44.48 -0.52 -15.39
CA GLU D 439 -45.51 -1.02 -16.28
C GLU D 439 -46.88 -0.51 -15.82
N MET D 440 -47.66 0.01 -16.77
CA MET D 440 -49.02 0.44 -16.54
C MET D 440 -49.94 -0.26 -17.53
N ASP D 441 -51.13 -0.66 -17.06
CA ASP D 441 -52.16 -1.18 -17.95
C ASP D 441 -52.46 -0.14 -19.01
N PRO D 442 -52.21 -0.42 -20.29
CA PRO D 442 -52.41 0.62 -21.32
C PRO D 442 -53.86 1.02 -21.51
N SER D 443 -54.82 0.19 -21.10
CA SER D 443 -56.21 0.60 -21.22
C SER D 443 -56.62 1.58 -20.13
N LYS D 444 -55.71 1.87 -19.19
CA LYS D 444 -56.00 2.74 -18.06
C LYS D 444 -55.17 4.01 -18.02
N VAL D 445 -53.93 3.99 -18.52
CA VAL D 445 -53.04 5.14 -18.43
C VAL D 445 -52.64 5.58 -19.83
N SER D 446 -52.71 6.88 -20.07
CA SER D 446 -52.31 7.42 -21.36
C SER D 446 -50.81 7.16 -21.59
N SER D 447 -50.44 7.11 -22.88
CA SER D 447 -49.04 6.88 -23.22
C SER D 447 -48.16 8.03 -22.76
N GLU D 448 -48.71 9.24 -22.74
CA GLU D 448 -47.94 10.43 -22.40
C GLU D 448 -47.84 10.64 -20.88
N ALA D 449 -48.37 9.71 -20.08
CA ALA D 449 -48.28 9.76 -18.64
C ALA D 449 -47.54 8.52 -18.15
N GLY D 450 -46.83 8.65 -17.04
CA GLY D 450 -46.00 7.54 -16.57
C GLY D 450 -45.33 7.87 -15.25
N ILE D 451 -44.70 6.84 -14.68
CA ILE D 451 -44.05 6.93 -13.38
C ILE D 451 -42.76 6.12 -13.43
N TRP D 452 -41.65 6.78 -13.13
CA TRP D 452 -40.34 6.15 -13.12
C TRP D 452 -39.86 5.97 -11.69
N LEU D 453 -39.15 4.87 -11.43
CA LEU D 453 -38.55 4.60 -10.13
C LEU D 453 -37.04 4.72 -10.24
N GLN D 454 -36.41 5.31 -9.22
CA GLN D 454 -34.95 5.46 -9.23
C GLN D 454 -34.39 5.04 -7.88
N GLY D 455 -33.40 4.16 -7.92
CA GLY D 455 -32.66 3.77 -6.74
C GLY D 455 -33.23 2.60 -5.97
N CYS D 456 -34.39 2.08 -6.35
CA CYS D 456 -35.00 0.96 -5.64
C CYS D 456 -35.16 -0.26 -6.54
N ASN D 457 -34.31 -0.38 -7.56
CA ASN D 457 -34.49 -1.38 -8.61
C ASN D 457 -33.33 -2.37 -8.67
N GLU D 458 -32.70 -2.61 -7.52
CA GLU D 458 -31.60 -3.58 -7.44
C GLU D 458 -31.97 -4.90 -8.07
N ARG D 459 -33.19 -5.37 -7.83
CA ARG D 459 -33.60 -6.70 -8.26
C ARG D 459 -33.64 -6.82 -9.78
N THR D 460 -34.02 -5.77 -10.49
CA THR D 460 -34.13 -5.82 -11.94
C THR D 460 -32.92 -5.21 -12.66
N HIS D 461 -32.15 -4.37 -11.98
CA HIS D 461 -31.12 -3.58 -12.63
C HIS D 461 -29.73 -3.73 -12.03
N GLY D 462 -29.58 -4.44 -10.94
CA GLY D 462 -28.25 -4.75 -10.46
C GLY D 462 -27.88 -3.93 -9.23
N LEU D 463 -26.82 -4.39 -8.56
CA LEU D 463 -26.36 -3.80 -7.31
C LEU D 463 -25.95 -2.32 -7.44
N SER D 464 -25.65 -1.86 -8.65
CA SER D 464 -25.32 -0.45 -8.83
C SER D 464 -26.54 0.46 -8.70
N ASP D 465 -27.75 -0.09 -8.65
CA ASP D 465 -28.93 0.76 -8.82
C ASP D 465 -29.06 1.77 -7.69
N SER D 466 -28.71 1.38 -6.47
CA SER D 466 -28.91 2.25 -5.31
C SER D 466 -27.68 3.08 -4.98
N LEU D 467 -26.60 2.98 -5.74
CA LEU D 467 -25.37 3.69 -5.41
C LEU D 467 -25.24 4.93 -6.29
N LEU D 468 -24.08 5.60 -6.19
CA LEU D 468 -23.72 6.65 -7.13
C LEU D 468 -23.20 6.08 -8.44
N SER D 469 -22.83 4.80 -8.46
CA SER D 469 -22.10 4.15 -9.55
C SER D 469 -22.53 4.54 -10.95
N VAL D 470 -23.82 4.48 -11.28
CA VAL D 470 -24.18 4.71 -12.67
C VAL D 470 -25.09 5.93 -12.84
N LEU D 471 -25.10 6.83 -11.84
CA LEU D 471 -26.03 7.97 -11.88
C LEU D 471 -25.80 8.88 -13.09
N ALA D 472 -24.54 9.10 -13.46
CA ALA D 472 -24.27 9.99 -14.59
C ALA D 472 -24.91 9.45 -15.87
N VAL D 473 -24.69 8.17 -16.15
CA VAL D 473 -25.22 7.57 -17.38
C VAL D 473 -26.74 7.38 -17.24
N ARG D 474 -27.21 7.00 -16.07
CA ARG D 474 -28.64 6.78 -15.88
C ARG D 474 -29.41 8.08 -16.03
N GLY D 475 -28.86 9.17 -15.50
CA GLY D 475 -29.44 10.47 -15.75
C GLY D 475 -29.63 10.74 -17.23
N GLY D 476 -28.59 10.48 -18.02
CA GLY D 476 -28.70 10.67 -19.47
C GLY D 476 -29.81 9.83 -20.08
N GLU D 477 -29.92 8.56 -19.66
CA GLU D 477 -30.99 7.70 -20.18
C GLU D 477 -32.35 8.18 -19.73
N MET D 478 -32.47 8.67 -18.48
CA MET D 478 -33.77 9.11 -18.00
C MET D 478 -34.25 10.32 -18.77
N VAL D 479 -33.34 11.24 -19.13
CA VAL D 479 -33.74 12.42 -19.89
C VAL D 479 -34.24 12.04 -21.27
N GLN D 480 -33.66 11.00 -21.88
CA GLN D 480 -34.11 10.52 -23.18
C GLN D 480 -35.43 9.77 -23.05
N SER D 481 -35.55 8.96 -21.99
CA SER D 481 -36.78 8.22 -21.76
C SER D 481 -37.94 9.17 -21.48
N ILE D 482 -37.70 10.20 -20.68
CA ILE D 482 -38.77 11.12 -20.27
C ILE D 482 -38.96 12.26 -21.26
N PHE D 483 -37.88 12.89 -21.71
CA PHE D 483 -37.94 14.11 -22.50
C PHE D 483 -37.49 13.94 -23.95
N GLY D 484 -37.11 12.73 -24.36
CA GLY D 484 -36.60 12.51 -25.71
C GLY D 484 -37.49 13.08 -26.79
N GLU D 485 -38.73 12.56 -26.89
CA GLU D 485 -39.67 13.05 -27.89
C GLU D 485 -39.83 14.56 -27.79
N GLN D 486 -39.94 15.08 -26.57
CA GLN D 486 -40.14 16.51 -26.38
C GLN D 486 -38.95 17.31 -26.90
N LEU D 487 -37.73 16.81 -26.72
CA LEU D 487 -36.54 17.47 -27.25
C LEU D 487 -36.34 17.18 -28.73
#